data_9BX9
#
_entry.id   9BX9
#
loop_
_entity.id
_entity.type
_entity.pdbx_description
1 polymer 'Ribonucleoside-diphosphate reductase subunit alpha'
2 polymer 'Ribonucleoside-diphosphate reductase subunit beta'
3 non-polymer "THYMIDINE-5'-TRIPHOSPHATE"
4 non-polymer 'MAGNESIUM ION'
5 non-polymer "ADENOSINE-5'-TRIPHOSPHATE"
6 non-polymer 'MANGANESE (II) ION'
#
loop_
_entity_poly.entity_id
_entity_poly.type
_entity_poly.pdbx_seq_one_letter_code
_entity_poly.pdbx_strand_id
1 'polypeptide(L)'
;MSQNQVPKWIQLNNEIMIQKDGKFQFDKDKEAVHSYFVDYINQNTVFFHNLKEKLDYLVENQYYEEEFLSLYSFEDIKEV
FKTAYAKKFRFPSFMSAFKFYNDYALKTNDKKKILERYEDRISIVALFFANGDTEKAKEYVNLMINQEYQPSTPTFLNAG
RKRRGELVSCFLLEVNDSLNDISRAIDISMQLSKLGGGVSLNLSKLRAKGEAIKDVENATKGVVGVMKLLDNAFRYADQM
GQRQGSGAAYLNIFHRDINDFLDTKKISADEDVRVKTLSIGVVIPDKFVELAREDKAAYVFYPHTIYKEYGQHMDEMDMN
EMYDKFVDNPRVKKEKINPRKLLEKLAMLRSESGYPYIMFQDNVNKVHANNHISKVKFSNLCSEVLQASQVSSYTDYDEE
DEIGLDISCNLGSLNILNVMEHKSIEKTVKLATDSLTHVSETTDIRNAPAVRRANKAMKSIGLGAMNLHGYLAQNGIAYE
SPEARDFANTFFMMVNFYSIQRSAEIAKEKGETFDQYEGSTYATGEYFDKYVSTDFSPKYEKIANLFEGMHIPTTEDWKK
LKAFVAEHGMYHSYRLCIAPTGSISYVQSSTASVMPIMERIEERTYGNSKTYYPMPGLASNNWFFYKEAYDMDMFKVVDM
IATIQQHIDQGISFTLFLKDTMTTRDLNRIDLYAHHRGIKTIYYARTKDTGQDSCLSCVV
;
A,B
2 'polypeptide(L)'
;MGSSHHHHHHSSGLVPRGSHMMTKIYDAANWSKHEDDFTQMFYNQNVKQFWLPEEIALNGDLLTWKYLGKNEQDTYMKVL
AGLTLLDTEQGNTGMPIVAEHVDGHQRKAVLNFMAMMENAVHAKSYSNIFMTLAPTETINEVFEWVKQNKYLQKKAQMIV
GLYKAIQKDDEISLFKAMVASVYLESFLFYSGFYYPLYFYGQGKLMQSGEIINLILRDEAIHGVYVGLLAQEIYNKQTEE
KKAELREFAIDLLNQLYENELEYTEDLYDQVGLSHDVKKFIRYNANKALMNLGFDPYFEEEDINPIVLNGLNTKTKSHDF
FSMKGNGYKKATVEPLKDDDFYFEDEKEQI
;
C,D
#
loop_
_chem_comp.id
_chem_comp.type
_chem_comp.name
_chem_comp.formula
ATP non-polymer ADENOSINE-5'-TRIPHOSPHATE 'C10 H16 N5 O13 P3'
MG non-polymer 'MAGNESIUM ION' 'Mg 2'
MN non-polymer 'MANGANESE (II) ION' 'Mn 2'
TTP non-polymer THYMIDINE-5'-TRIPHOSPHATE 'C10 H17 N2 O14 P3'
#
# COMPACT_ATOMS: atom_id res chain seq x y z
N VAL A 6 -31.85 -14.12 -22.09
CA VAL A 6 -32.17 -14.74 -20.81
C VAL A 6 -32.51 -16.21 -21.01
N PRO A 7 -31.72 -17.10 -20.42
CA PRO A 7 -31.96 -18.54 -20.58
C PRO A 7 -33.25 -18.97 -19.92
N LYS A 8 -33.81 -20.08 -20.42
CA LYS A 8 -35.10 -20.56 -19.92
C LYS A 8 -35.03 -20.91 -18.45
N TRP A 9 -33.95 -21.57 -18.01
CA TRP A 9 -33.84 -21.95 -16.60
C TRP A 9 -33.79 -20.72 -15.72
N ILE A 10 -33.10 -19.66 -16.16
CA ILE A 10 -33.07 -18.43 -15.39
C ILE A 10 -34.47 -17.83 -15.32
N GLN A 11 -35.23 -17.89 -16.42
CA GLN A 11 -36.60 -17.38 -16.40
C GLN A 11 -37.46 -18.15 -15.41
N LEU A 12 -37.33 -19.48 -15.39
CA LEU A 12 -38.09 -20.27 -14.44
C LEU A 12 -37.68 -19.97 -13.00
N ASN A 13 -36.37 -19.84 -12.75
CA ASN A 13 -35.89 -19.54 -11.41
C ASN A 13 -36.37 -18.18 -10.94
N ASN A 14 -36.36 -17.18 -11.82
CA ASN A 14 -36.82 -15.86 -11.47
C ASN A 14 -38.32 -15.84 -11.15
N GLU A 15 -39.06 -16.86 -11.57
CA GLU A 15 -40.46 -16.98 -11.21
C GLU A 15 -40.67 -17.32 -9.75
N ILE A 16 -39.59 -17.65 -9.02
CA ILE A 16 -39.72 -17.94 -7.60
C ILE A 16 -40.29 -16.74 -6.86
N MET A 17 -39.75 -15.55 -7.14
CA MET A 17 -40.15 -14.35 -6.42
C MET A 17 -41.49 -13.80 -6.90
N ILE A 18 -41.99 -14.26 -8.04
CA ILE A 18 -43.30 -13.83 -8.54
C ILE A 18 -44.35 -14.55 -7.71
N GLN A 19 -44.89 -13.86 -6.71
CA GLN A 19 -45.83 -14.47 -5.79
C GLN A 19 -47.14 -14.78 -6.49
N LYS A 20 -47.60 -16.02 -6.35
CA LYS A 20 -48.88 -16.46 -6.90
C LYS A 20 -49.74 -16.95 -5.75
N ASP A 21 -50.95 -16.41 -5.64
CA ASP A 21 -51.87 -16.71 -4.55
C ASP A 21 -51.34 -16.21 -3.20
N GLY A 22 -50.44 -15.23 -3.22
CA GLY A 22 -49.85 -14.71 -2.00
C GLY A 22 -48.64 -15.47 -1.50
N LYS A 23 -48.24 -16.54 -2.18
CA LYS A 23 -47.14 -17.38 -1.74
C LYS A 23 -46.10 -17.50 -2.86
N PHE A 24 -44.84 -17.65 -2.45
CA PHE A 24 -43.77 -17.86 -3.43
C PHE A 24 -43.98 -19.17 -4.17
N GLN A 25 -43.61 -19.17 -5.45
CA GLN A 25 -43.73 -20.37 -6.27
C GLN A 25 -42.44 -21.19 -6.16
N PHE A 26 -42.30 -21.85 -5.01
CA PHE A 26 -41.09 -22.62 -4.74
C PHE A 26 -40.94 -23.79 -5.70
N ASP A 27 -42.05 -24.28 -6.26
CA ASP A 27 -41.98 -25.40 -7.20
C ASP A 27 -41.32 -25.01 -8.51
N LYS A 28 -41.15 -23.72 -8.78
CA LYS A 28 -40.47 -23.29 -9.99
C LYS A 28 -38.99 -23.66 -10.00
N ASP A 29 -38.39 -23.92 -8.84
CA ASP A 29 -36.99 -24.29 -8.78
C ASP A 29 -36.72 -25.69 -9.31
N LYS A 30 -37.61 -26.65 -9.05
CA LYS A 30 -37.49 -27.96 -9.68
C LYS A 30 -37.62 -27.86 -11.20
N GLU A 31 -38.59 -27.08 -11.67
CA GLU A 31 -38.69 -26.80 -13.10
C GLU A 31 -37.47 -26.06 -13.61
N ALA A 32 -36.97 -25.10 -12.84
CA ALA A 32 -35.79 -24.36 -13.26
C ALA A 32 -34.58 -25.28 -13.42
N VAL A 33 -34.37 -26.18 -12.46
CA VAL A 33 -33.23 -27.08 -12.54
C VAL A 33 -33.42 -28.09 -13.67
N HIS A 34 -34.64 -28.58 -13.86
CA HIS A 34 -34.90 -29.51 -14.95
C HIS A 34 -34.60 -28.86 -16.30
N SER A 35 -35.09 -27.64 -16.51
CA SER A 35 -34.82 -26.95 -17.76
C SER A 35 -33.34 -26.65 -17.91
N TYR A 36 -32.69 -26.21 -16.83
CA TYR A 36 -31.25 -25.98 -16.87
C TYR A 36 -30.51 -27.20 -17.38
N PHE A 37 -30.79 -28.36 -16.78
CA PHE A 37 -30.14 -29.58 -17.23
C PHE A 37 -30.47 -29.85 -18.69
N VAL A 38 -31.76 -30.04 -19.00
CA VAL A 38 -32.16 -30.52 -20.31
C VAL A 38 -31.70 -29.60 -21.44
N ASP A 39 -31.49 -28.30 -21.14
CA ASP A 39 -31.17 -27.37 -22.20
C ASP A 39 -29.72 -26.90 -22.21
N TYR A 40 -28.98 -27.08 -21.12
CA TYR A 40 -27.58 -26.67 -21.10
C TYR A 40 -26.63 -27.82 -20.81
N ILE A 41 -26.92 -28.63 -19.79
CA ILE A 41 -25.93 -29.59 -19.30
C ILE A 41 -25.88 -30.81 -20.19
N ASN A 42 -27.05 -31.37 -20.53
CA ASN A 42 -27.08 -32.52 -21.43
C ASN A 42 -26.52 -32.16 -22.80
N GLN A 43 -26.71 -30.91 -23.23
CA GLN A 43 -26.17 -30.47 -24.51
C GLN A 43 -24.65 -30.29 -24.45
N ASN A 44 -24.15 -29.67 -23.38
CA ASN A 44 -22.75 -29.29 -23.27
C ASN A 44 -21.91 -30.32 -22.55
N THR A 45 -22.37 -31.57 -22.49
CA THR A 45 -21.63 -32.65 -21.84
C THR A 45 -20.91 -33.46 -22.92
N VAL A 46 -19.58 -33.55 -22.79
CA VAL A 46 -18.81 -34.32 -23.76
C VAL A 46 -19.29 -35.77 -23.74
N PHE A 47 -19.53 -36.32 -24.92
CA PHE A 47 -20.12 -37.65 -25.05
C PHE A 47 -19.02 -38.68 -25.22
N PHE A 48 -19.11 -39.77 -24.44
CA PHE A 48 -18.21 -40.90 -24.56
C PHE A 48 -19.06 -42.17 -24.69
N HIS A 49 -18.60 -43.09 -25.55
CA HIS A 49 -19.39 -44.30 -25.79
C HIS A 49 -19.56 -45.10 -24.51
N ASN A 50 -18.48 -45.26 -23.74
CA ASN A 50 -18.52 -46.06 -22.52
C ASN A 50 -17.54 -45.46 -21.52
N LEU A 51 -17.59 -45.99 -20.29
CA LEU A 51 -16.73 -45.47 -19.23
C LEU A 51 -15.25 -45.68 -19.58
N LYS A 52 -14.92 -46.78 -20.25
CA LYS A 52 -13.53 -47.04 -20.59
C LYS A 52 -12.97 -45.94 -21.50
N GLU A 53 -13.72 -45.58 -22.54
CA GLU A 53 -13.26 -44.53 -23.46
C GLU A 53 -13.13 -43.20 -22.74
N LYS A 54 -14.11 -42.86 -21.89
CA LYS A 54 -14.05 -41.60 -21.16
C LYS A 54 -12.84 -41.53 -20.24
N LEU A 55 -12.59 -42.63 -19.50
CA LEU A 55 -11.46 -42.64 -18.59
C LEU A 55 -10.13 -42.58 -19.34
N ASP A 56 -10.04 -43.30 -20.47
CA ASP A 56 -8.82 -43.23 -21.27
C ASP A 56 -8.59 -41.83 -21.80
N TYR A 57 -9.65 -41.17 -22.28
CA TYR A 57 -9.51 -39.80 -22.76
C TYR A 57 -9.08 -38.87 -21.64
N LEU A 58 -9.69 -39.00 -20.46
CA LEU A 58 -9.37 -38.10 -19.36
C LEU A 58 -7.94 -38.29 -18.88
N VAL A 59 -7.48 -39.55 -18.81
CA VAL A 59 -6.11 -39.80 -18.35
C VAL A 59 -5.11 -39.35 -19.41
N GLU A 60 -5.39 -39.63 -20.69
CA GLU A 60 -4.45 -39.29 -21.74
C GLU A 60 -4.27 -37.78 -21.85
N ASN A 61 -5.35 -37.02 -21.71
CA ASN A 61 -5.32 -35.57 -21.91
C ASN A 61 -4.89 -34.82 -20.65
N GLN A 62 -4.26 -35.49 -19.71
CA GLN A 62 -3.73 -34.84 -18.51
C GLN A 62 -4.85 -34.26 -17.65
N TYR A 63 -5.99 -34.94 -17.62
CA TYR A 63 -7.10 -34.56 -16.75
C TYR A 63 -7.06 -35.31 -15.43
N TYR A 64 -7.04 -36.64 -15.48
CA TYR A 64 -7.02 -37.49 -14.30
C TYR A 64 -5.62 -38.05 -14.10
N GLU A 65 -5.14 -37.99 -12.86
CA GLU A 65 -3.91 -38.68 -12.50
C GLU A 65 -4.12 -40.18 -12.66
N GLU A 66 -3.14 -40.85 -13.26
CA GLU A 66 -3.24 -42.29 -13.47
C GLU A 66 -2.73 -43.09 -12.28
N GLU A 67 -2.14 -42.42 -11.29
CA GLU A 67 -1.60 -43.13 -10.14
C GLU A 67 -2.72 -43.79 -9.32
N PHE A 68 -3.77 -43.02 -9.01
CA PHE A 68 -4.85 -43.55 -8.19
C PHE A 68 -5.77 -44.47 -8.99
N LEU A 69 -5.96 -44.21 -10.28
CA LEU A 69 -6.82 -45.07 -11.09
C LEU A 69 -6.18 -46.42 -11.35
N SER A 70 -4.85 -46.48 -11.42
CA SER A 70 -4.16 -47.73 -11.70
C SER A 70 -4.28 -48.74 -10.57
N LEU A 71 -4.64 -48.30 -9.36
CA LEU A 71 -4.78 -49.21 -8.23
C LEU A 71 -5.99 -50.11 -8.35
N TYR A 72 -6.92 -49.80 -9.25
CA TYR A 72 -8.14 -50.58 -9.42
C TYR A 72 -8.15 -51.24 -10.79
N SER A 73 -8.57 -52.50 -10.83
CA SER A 73 -8.91 -53.12 -12.10
C SER A 73 -10.11 -52.40 -12.70
N PHE A 74 -10.15 -52.33 -14.03
CA PHE A 74 -11.21 -51.55 -14.66
C PHE A 74 -12.60 -52.06 -14.27
N GLU A 75 -12.72 -53.34 -13.95
CA GLU A 75 -14.00 -53.84 -13.45
C GLU A 75 -14.39 -53.14 -12.15
N ASP A 76 -13.42 -52.93 -11.26
CA ASP A 76 -13.70 -52.25 -10.00
C ASP A 76 -14.12 -50.80 -10.25
N ILE A 77 -13.44 -50.10 -11.15
CA ILE A 77 -13.80 -48.73 -11.47
C ILE A 77 -15.20 -48.67 -12.07
N LYS A 78 -15.51 -49.60 -12.97
CA LYS A 78 -16.84 -49.64 -13.57
C LYS A 78 -17.90 -49.90 -12.51
N GLU A 79 -17.63 -50.81 -11.57
CA GLU A 79 -18.57 -51.08 -10.50
C GLU A 79 -18.80 -49.86 -9.63
N VAL A 80 -17.74 -49.13 -9.31
CA VAL A 80 -17.87 -47.93 -8.49
C VAL A 80 -18.70 -46.88 -9.23
N PHE A 81 -18.42 -46.70 -10.53
CA PHE A 81 -19.18 -45.72 -11.31
C PHE A 81 -20.64 -46.10 -11.41
N LYS A 82 -20.92 -47.40 -11.58
CA LYS A 82 -22.30 -47.87 -11.60
C LYS A 82 -22.97 -47.62 -10.26
N THR A 83 -22.25 -47.82 -9.16
CA THR A 83 -22.78 -47.53 -7.85
C THR A 83 -23.14 -46.05 -7.72
N ALA A 84 -22.30 -45.16 -8.24
CA ALA A 84 -22.59 -43.74 -8.18
C ALA A 84 -23.86 -43.41 -8.97
N TYR A 85 -24.02 -44.01 -10.14
CA TYR A 85 -25.18 -43.74 -10.98
C TYR A 85 -26.42 -44.51 -10.57
N ALA A 86 -26.29 -45.54 -9.73
CA ALA A 86 -27.44 -46.32 -9.31
C ALA A 86 -28.44 -45.50 -8.50
N LYS A 87 -27.99 -44.45 -7.83
CA LYS A 87 -28.88 -43.65 -7.00
C LYS A 87 -29.83 -42.79 -7.82
N LYS A 88 -29.51 -42.52 -9.08
CA LYS A 88 -30.30 -41.60 -9.90
C LYS A 88 -30.42 -40.23 -9.21
N PHE A 89 -29.31 -39.76 -8.67
CA PHE A 89 -29.31 -38.51 -7.93
C PHE A 89 -29.81 -37.36 -8.79
N ARG A 90 -30.69 -36.54 -8.23
CA ARG A 90 -31.23 -35.37 -8.90
C ARG A 90 -31.00 -34.15 -8.03
N PHE A 91 -30.46 -33.10 -8.61
CA PHE A 91 -30.32 -31.83 -7.90
C PHE A 91 -31.70 -31.27 -7.62
N PRO A 92 -32.04 -30.95 -6.36
CA PRO A 92 -33.41 -30.51 -6.06
C PRO A 92 -33.68 -29.06 -6.43
N SER A 93 -32.66 -28.26 -6.64
CA SER A 93 -32.84 -26.84 -6.95
C SER A 93 -31.82 -26.44 -8.02
N PHE A 94 -32.14 -25.35 -8.71
CA PHE A 94 -31.27 -24.88 -9.79
C PHE A 94 -29.90 -24.49 -9.26
N MET A 95 -29.85 -23.86 -8.09
CA MET A 95 -28.58 -23.31 -7.60
C MET A 95 -27.56 -24.41 -7.34
N SER A 96 -27.99 -25.56 -6.81
CA SER A 96 -27.06 -26.64 -6.52
C SER A 96 -26.37 -27.13 -7.78
N ALA A 97 -27.16 -27.46 -8.81
CA ALA A 97 -26.58 -27.93 -10.06
C ALA A 97 -25.76 -26.85 -10.73
N PHE A 98 -26.23 -25.61 -10.70
CA PHE A 98 -25.47 -24.50 -11.28
C PHE A 98 -24.10 -24.38 -10.61
N LYS A 99 -24.07 -24.41 -9.28
CA LYS A 99 -22.83 -24.31 -8.55
C LYS A 99 -21.90 -25.46 -8.92
N PHE A 100 -22.42 -26.69 -8.93
CA PHE A 100 -21.57 -27.83 -9.24
C PHE A 100 -20.98 -27.70 -10.64
N TYR A 101 -21.82 -27.45 -11.64
CA TYR A 101 -21.37 -27.47 -13.03
C TYR A 101 -20.69 -26.17 -13.45
N ASN A 102 -20.64 -25.17 -12.57
CA ASN A 102 -19.85 -23.98 -12.85
C ASN A 102 -18.59 -23.85 -12.01
N ASP A 103 -18.46 -24.64 -10.94
CA ASP A 103 -17.27 -24.55 -10.10
C ASP A 103 -16.48 -25.86 -10.03
N TYR A 104 -17.15 -27.00 -9.89
CA TYR A 104 -16.48 -28.26 -9.60
C TYR A 104 -16.49 -29.25 -10.76
N ALA A 105 -17.50 -29.20 -11.62
CA ALA A 105 -17.54 -30.13 -12.76
C ALA A 105 -16.32 -29.91 -13.65
N LEU A 106 -15.67 -31.01 -14.03
CA LEU A 106 -14.49 -30.92 -14.87
C LEU A 106 -14.89 -30.45 -16.27
N LYS A 107 -14.22 -29.41 -16.75
CA LYS A 107 -14.47 -28.85 -18.07
C LYS A 107 -13.19 -28.91 -18.91
N THR A 108 -13.38 -29.00 -20.22
CA THR A 108 -12.24 -29.05 -21.12
C THR A 108 -11.33 -27.84 -20.91
N ASN A 109 -10.11 -27.95 -21.43
CA ASN A 109 -9.13 -26.88 -21.23
C ASN A 109 -9.63 -25.55 -21.75
N ASP A 110 -10.49 -25.56 -22.78
CA ASP A 110 -11.10 -24.36 -23.29
C ASP A 110 -12.33 -23.93 -22.51
N LYS A 111 -12.71 -24.68 -21.48
CA LYS A 111 -13.81 -24.33 -20.59
C LYS A 111 -15.13 -24.18 -21.34
N LYS A 112 -15.32 -24.97 -22.40
CA LYS A 112 -16.54 -24.91 -23.20
C LYS A 112 -17.44 -26.13 -23.03
N LYS A 113 -16.92 -27.25 -22.56
CA LYS A 113 -17.67 -28.48 -22.44
C LYS A 113 -17.49 -29.06 -21.04
N ILE A 114 -18.45 -29.90 -20.66
CA ILE A 114 -18.47 -30.53 -19.33
C ILE A 114 -18.03 -31.97 -19.48
N LEU A 115 -16.88 -32.30 -18.91
CA LEU A 115 -16.36 -33.66 -18.94
C LEU A 115 -16.88 -34.51 -17.79
N GLU A 116 -17.20 -33.89 -16.66
CA GLU A 116 -17.60 -34.61 -15.45
C GLU A 116 -19.04 -34.28 -15.10
N ARG A 117 -19.83 -35.32 -14.82
CA ARG A 117 -21.11 -35.15 -14.17
C ARG A 117 -20.90 -35.19 -12.66
N TYR A 118 -21.98 -35.00 -11.89
CA TYR A 118 -21.89 -35.13 -10.45
C TYR A 118 -21.47 -36.54 -10.05
N GLU A 119 -22.05 -37.55 -10.70
CA GLU A 119 -21.71 -38.94 -10.41
C GLU A 119 -20.25 -39.23 -10.76
N ASP A 120 -19.76 -38.70 -11.88
CA ASP A 120 -18.36 -38.94 -12.24
C ASP A 120 -17.42 -38.32 -11.22
N ARG A 121 -17.69 -37.09 -10.80
CA ARG A 121 -16.85 -36.45 -9.79
C ARG A 121 -16.88 -37.22 -8.48
N ILE A 122 -18.07 -37.67 -8.07
CA ILE A 122 -18.18 -38.42 -6.82
C ILE A 122 -17.42 -39.74 -6.91
N SER A 123 -17.55 -40.43 -8.05
CA SER A 123 -16.84 -41.70 -8.23
C SER A 123 -15.34 -41.50 -8.24
N ILE A 124 -14.85 -40.43 -8.87
CA ILE A 124 -13.42 -40.16 -8.88
C ILE A 124 -12.93 -39.87 -7.46
N VAL A 125 -13.69 -39.08 -6.70
CA VAL A 125 -13.30 -38.77 -5.33
C VAL A 125 -13.29 -40.03 -4.48
N ALA A 126 -14.30 -40.90 -4.67
CA ALA A 126 -14.36 -42.14 -3.91
C ALA A 126 -13.19 -43.06 -4.24
N LEU A 127 -12.84 -43.16 -5.53
CA LEU A 127 -11.69 -43.97 -5.91
C LEU A 127 -10.40 -43.41 -5.32
N PHE A 128 -10.27 -42.09 -5.33
CA PHE A 128 -9.10 -41.46 -4.71
C PHE A 128 -9.05 -41.78 -3.22
N PHE A 129 -10.18 -41.72 -2.54
CA PHE A 129 -10.22 -42.00 -1.11
C PHE A 129 -9.88 -43.44 -0.81
N ALA A 130 -10.47 -44.38 -1.56
CA ALA A 130 -10.35 -45.79 -1.22
C ALA A 130 -8.91 -46.29 -1.32
N ASN A 131 -8.10 -45.68 -2.18
CA ASN A 131 -6.69 -46.05 -2.33
C ASN A 131 -6.56 -47.53 -2.69
N GLY A 132 -7.40 -47.99 -3.61
CA GLY A 132 -7.35 -49.37 -4.08
C GLY A 132 -8.43 -50.27 -3.53
N ASP A 133 -9.14 -49.86 -2.48
CA ASP A 133 -10.18 -50.68 -1.87
C ASP A 133 -11.49 -50.44 -2.63
N THR A 134 -11.91 -51.44 -3.40
CA THR A 134 -13.12 -51.28 -4.21
C THR A 134 -14.36 -51.17 -3.33
N GLU A 135 -14.46 -52.00 -2.29
CA GLU A 135 -15.60 -51.90 -1.38
C GLU A 135 -15.56 -50.60 -0.61
N LYS A 136 -14.38 -50.17 -0.17
CA LYS A 136 -14.25 -48.85 0.45
C LYS A 136 -14.66 -47.76 -0.52
N ALA A 137 -14.29 -47.88 -1.79
CA ALA A 137 -14.68 -46.90 -2.79
C ALA A 137 -16.19 -46.86 -2.96
N LYS A 138 -16.84 -48.03 -2.96
CA LYS A 138 -18.30 -48.07 -3.07
C LYS A 138 -18.96 -47.45 -1.85
N GLU A 139 -18.38 -47.68 -0.65
CA GLU A 139 -18.91 -47.04 0.54
C GLU A 139 -18.77 -45.53 0.47
N TYR A 140 -17.64 -45.04 -0.03
CA TYR A 140 -17.46 -43.60 -0.20
C TYR A 140 -18.45 -43.04 -1.23
N VAL A 141 -18.69 -43.80 -2.30
CA VAL A 141 -19.65 -43.36 -3.32
C VAL A 141 -21.04 -43.25 -2.71
N ASN A 142 -21.44 -44.24 -1.91
CA ASN A 142 -22.74 -44.16 -1.26
C ASN A 142 -22.80 -43.00 -0.28
N LEU A 143 -21.71 -42.77 0.46
CA LEU A 143 -21.68 -41.68 1.43
C LEU A 143 -21.84 -40.34 0.76
N MET A 144 -21.16 -40.11 -0.36
CA MET A 144 -21.19 -38.81 -1.02
C MET A 144 -22.43 -38.63 -1.89
N ILE A 145 -22.89 -39.70 -2.54
CA ILE A 145 -24.07 -39.61 -3.38
C ILE A 145 -25.31 -39.43 -2.51
N ASN A 146 -25.35 -40.07 -1.34
CA ASN A 146 -26.37 -39.78 -0.35
C ASN A 146 -26.19 -38.39 0.25
N GLN A 147 -25.05 -37.75 0.00
CA GLN A 147 -24.76 -36.40 0.50
C GLN A 147 -24.77 -36.37 2.02
N GLU A 148 -24.38 -37.48 2.65
CA GLU A 148 -24.15 -37.49 4.09
C GLU A 148 -22.84 -36.81 4.46
N TYR A 149 -21.83 -36.97 3.62
CA TYR A 149 -20.51 -36.37 3.84
C TYR A 149 -20.11 -35.60 2.59
N GLN A 150 -19.61 -34.39 2.80
CA GLN A 150 -19.13 -33.56 1.69
C GLN A 150 -17.66 -33.22 1.91
N PRO A 151 -16.75 -33.73 1.08
CA PRO A 151 -15.36 -33.30 1.18
C PRO A 151 -15.23 -31.82 0.91
N SER A 152 -14.23 -31.20 1.52
CA SER A 152 -14.05 -29.77 1.38
C SER A 152 -13.80 -29.40 -0.09
N THR A 153 -14.00 -28.12 -0.39
CA THR A 153 -13.84 -27.66 -1.77
C THR A 153 -12.49 -28.04 -2.37
N PRO A 154 -11.36 -27.88 -1.69
CA PRO A 154 -10.09 -28.34 -2.28
C PRO A 154 -10.08 -29.83 -2.59
N THR A 155 -10.40 -30.67 -1.59
CA THR A 155 -10.39 -32.11 -1.83
C THR A 155 -11.40 -32.50 -2.90
N PHE A 156 -12.62 -31.96 -2.81
CA PHE A 156 -13.66 -32.35 -3.76
C PHE A 156 -13.31 -31.94 -5.18
N LEU A 157 -12.80 -30.72 -5.35
CA LEU A 157 -12.51 -30.23 -6.70
C LEU A 157 -11.25 -30.86 -7.29
N ASN A 158 -10.19 -30.99 -6.48
CA ASN A 158 -8.89 -31.38 -7.00
C ASN A 158 -8.62 -32.88 -6.95
N ALA A 159 -9.39 -33.64 -6.17
CA ALA A 159 -9.08 -35.06 -6.01
C ALA A 159 -9.07 -35.76 -7.36
N GLY A 160 -8.00 -36.51 -7.62
CA GLY A 160 -7.88 -37.27 -8.85
C GLY A 160 -7.55 -36.47 -10.08
N ARG A 161 -7.19 -35.20 -9.94
CA ARG A 161 -6.91 -34.33 -11.08
C ARG A 161 -5.41 -34.07 -11.19
N LYS A 162 -4.88 -34.19 -12.40
CA LYS A 162 -3.45 -33.95 -12.61
C LYS A 162 -3.09 -32.49 -12.34
N ARG A 163 -3.88 -31.56 -12.88
CA ARG A 163 -3.69 -30.14 -12.63
C ARG A 163 -4.05 -29.73 -11.21
N ARG A 164 -4.66 -30.63 -10.44
CA ARG A 164 -5.15 -30.31 -9.11
C ARG A 164 -4.09 -29.61 -8.27
N GLY A 165 -4.54 -28.68 -7.44
CA GLY A 165 -3.71 -28.11 -6.40
C GLY A 165 -3.74 -28.98 -5.15
N GLU A 166 -3.26 -28.40 -4.05
CA GLU A 166 -3.24 -29.13 -2.79
C GLU A 166 -4.66 -29.39 -2.31
N LEU A 167 -4.88 -30.60 -1.77
CA LEU A 167 -6.17 -30.94 -1.20
C LEU A 167 -6.40 -30.26 0.15
N VAL A 168 -5.33 -29.82 0.81
CA VAL A 168 -5.43 -29.03 2.03
C VAL A 168 -5.40 -27.56 1.65
N SER A 169 -6.21 -26.76 2.33
CA SER A 169 -6.33 -25.34 2.00
C SER A 169 -6.14 -24.41 3.19
N CYS A 170 -6.04 -24.95 4.41
CA CYS A 170 -5.87 -24.14 5.62
C CYS A 170 -4.45 -24.33 6.13
N PHE A 171 -3.72 -23.23 6.30
CA PHE A 171 -2.35 -23.27 6.77
C PHE A 171 -2.15 -22.22 7.85
N LEU A 172 -1.48 -22.61 8.92
CA LEU A 172 -1.10 -21.69 9.99
C LEU A 172 0.41 -21.73 10.15
N LEU A 173 1.04 -20.55 10.15
CA LEU A 173 2.49 -20.43 10.22
C LEU A 173 2.88 -19.63 11.45
N GLU A 174 3.85 -20.14 12.20
CA GLU A 174 4.47 -19.39 13.28
C GLU A 174 5.67 -18.64 12.72
N VAL A 175 5.77 -17.36 13.06
CA VAL A 175 6.85 -16.50 12.59
C VAL A 175 7.74 -16.16 13.78
N ASN A 176 9.02 -16.49 13.66
CA ASN A 176 9.98 -16.16 14.70
C ASN A 176 10.50 -14.74 14.51
N ASP A 177 11.02 -14.17 15.60
CA ASP A 177 11.41 -12.76 15.64
C ASP A 177 12.83 -12.61 15.08
N SER A 178 12.92 -12.67 13.75
CA SER A 178 14.20 -12.48 13.07
C SER A 178 13.94 -12.23 11.60
N LEU A 179 14.90 -11.55 10.96
CA LEU A 179 14.77 -11.26 9.53
C LEU A 179 14.75 -12.55 8.72
N ASN A 180 15.58 -13.52 9.09
CA ASN A 180 15.57 -14.80 8.39
C ASN A 180 14.20 -15.44 8.49
N ASP A 181 13.62 -15.45 9.69
CA ASP A 181 12.31 -16.06 9.88
C ASP A 181 11.22 -15.28 9.15
N ILE A 182 11.32 -13.95 9.12
CA ILE A 182 10.32 -13.16 8.41
C ILE A 182 10.39 -13.42 6.91
N SER A 183 11.61 -13.48 6.36
CA SER A 183 11.76 -13.80 4.95
C SER A 183 11.23 -15.19 4.64
N ARG A 184 11.55 -16.16 5.49
CA ARG A 184 11.03 -17.52 5.29
C ARG A 184 9.52 -17.54 5.37
N ALA A 185 8.94 -16.77 6.28
CA ALA A 185 7.48 -16.69 6.39
C ALA A 185 6.86 -16.11 5.13
N ILE A 186 7.45 -15.06 4.59
CA ILE A 186 6.95 -14.48 3.35
C ILE A 186 7.02 -15.51 2.23
N ASP A 187 8.15 -16.20 2.13
CA ASP A 187 8.32 -17.20 1.08
C ASP A 187 7.30 -18.32 1.22
N ILE A 188 7.10 -18.82 2.45
CA ILE A 188 6.17 -19.92 2.67
C ILE A 188 4.73 -19.48 2.42
N SER A 189 4.40 -18.25 2.81
CA SER A 189 3.07 -17.73 2.54
C SER A 189 2.82 -17.65 1.04
N MET A 190 3.79 -17.15 0.27
CA MET A 190 3.63 -17.11 -1.18
C MET A 190 3.52 -18.51 -1.76
N GLN A 191 4.32 -19.45 -1.25
CA GLN A 191 4.28 -20.82 -1.76
C GLN A 191 2.92 -21.47 -1.50
N LEU A 192 2.36 -21.25 -0.31
CA LEU A 192 1.09 -21.87 0.03
C LEU A 192 -0.08 -21.19 -0.66
N SER A 193 -0.03 -19.86 -0.81
CA SER A 193 -1.05 -19.18 -1.59
C SER A 193 -1.01 -19.64 -3.04
N LYS A 194 0.18 -19.83 -3.59
CA LYS A 194 0.31 -20.39 -4.93
C LYS A 194 -0.46 -21.68 -5.07
N LEU A 195 -0.49 -22.49 -4.00
CA LEU A 195 -1.27 -23.71 -3.98
C LEU A 195 -2.76 -23.47 -3.76
N GLY A 196 -3.16 -22.22 -3.50
CA GLY A 196 -4.55 -21.88 -3.32
C GLY A 196 -5.07 -21.97 -1.91
N GLY A 197 -4.23 -22.32 -0.94
CA GLY A 197 -4.66 -22.44 0.44
C GLY A 197 -4.53 -21.12 1.19
N GLY A 198 -5.50 -20.89 2.09
CA GLY A 198 -5.42 -19.72 2.96
C GLY A 198 -4.33 -19.90 4.01
N VAL A 199 -3.58 -18.84 4.23
CA VAL A 199 -2.42 -18.86 5.12
C VAL A 199 -2.66 -17.88 6.26
N SER A 200 -2.52 -18.37 7.49
CA SER A 200 -2.64 -17.56 8.69
C SER A 200 -1.29 -17.54 9.40
N LEU A 201 -0.85 -16.35 9.80
CA LEU A 201 0.44 -16.16 10.44
C LEU A 201 0.25 -15.60 11.84
N ASN A 202 1.08 -16.05 12.77
CA ASN A 202 1.13 -15.50 14.13
C ASN A 202 2.25 -14.49 14.20
N LEU A 203 1.89 -13.23 14.46
CA LEU A 203 2.86 -12.14 14.54
C LEU A 203 3.18 -11.75 15.98
N SER A 204 2.70 -12.52 16.96
CA SER A 204 2.88 -12.15 18.36
C SER A 204 4.33 -12.27 18.83
N LYS A 205 5.14 -13.07 18.14
CA LYS A 205 6.54 -13.20 18.52
C LYS A 205 7.41 -12.07 17.99
N LEU A 206 7.00 -11.42 16.91
CA LEU A 206 7.75 -10.28 16.40
C LEU A 206 7.78 -9.17 17.45
N ARG A 207 8.95 -8.56 17.61
CA ARG A 207 9.07 -7.47 18.57
C ARG A 207 8.31 -6.24 18.08
N ALA A 208 7.87 -5.42 19.04
CA ALA A 208 7.03 -4.28 18.73
C ALA A 208 7.84 -3.18 18.06
N LYS A 209 7.13 -2.23 17.47
CA LYS A 209 7.77 -1.08 16.87
C LYS A 209 8.51 -0.27 17.93
N GLY A 210 9.72 0.18 17.58
CA GLY A 210 10.56 0.91 18.51
C GLY A 210 11.44 0.05 19.38
N GLU A 211 11.66 -1.21 19.02
CA GLU A 211 12.57 -2.08 19.75
C GLU A 211 13.93 -2.15 19.05
N ALA A 212 14.94 -2.56 19.80
CA ALA A 212 16.32 -2.49 19.34
C ALA A 212 16.70 -3.72 18.54
N ILE A 213 17.47 -3.52 17.48
CA ILE A 213 18.07 -4.60 16.70
C ILE A 213 19.57 -4.49 16.87
N LYS A 214 20.17 -5.52 17.50
CA LYS A 214 21.60 -5.54 17.75
C LYS A 214 22.04 -4.29 18.53
N ASP A 215 21.50 -4.16 19.74
CA ASP A 215 21.80 -3.05 20.64
C ASP A 215 21.71 -1.69 19.94
N VAL A 216 20.83 -1.60 18.94
CA VAL A 216 20.52 -0.34 18.29
C VAL A 216 19.04 -0.05 18.53
N GLU A 217 18.76 1.00 19.31
CA GLU A 217 17.42 1.25 19.79
C GLU A 217 16.55 1.92 18.73
N ASN A 218 15.24 1.75 18.88
CA ASN A 218 14.26 2.37 18.00
C ASN A 218 14.51 2.02 16.54
N ALA A 219 14.89 0.78 16.29
CA ALA A 219 15.19 0.30 14.95
C ALA A 219 14.10 -0.57 14.36
N THR A 220 13.43 -1.37 15.18
CA THR A 220 12.41 -2.28 14.68
C THR A 220 11.20 -1.51 14.16
N LYS A 221 10.60 -2.02 13.09
CA LYS A 221 9.43 -1.39 12.49
C LYS A 221 8.12 -1.95 13.04
N GLY A 222 8.17 -2.97 13.89
CA GLY A 222 6.97 -3.52 14.46
C GLY A 222 6.31 -4.53 13.55
N VAL A 223 5.13 -4.99 13.99
CA VAL A 223 4.39 -5.99 13.24
C VAL A 223 3.73 -5.41 12.00
N VAL A 224 3.61 -4.08 11.92
CA VAL A 224 2.91 -3.50 10.77
C VAL A 224 3.77 -3.51 9.51
N GLY A 225 5.09 -3.37 9.65
CA GLY A 225 5.95 -3.53 8.48
C GLY A 225 5.94 -4.96 7.94
N VAL A 226 6.00 -5.93 8.84
CA VAL A 226 5.87 -7.33 8.43
C VAL A 226 4.50 -7.57 7.82
N MET A 227 3.46 -6.91 8.34
CA MET A 227 2.14 -7.05 7.76
C MET A 227 2.07 -6.47 6.36
N LYS A 228 2.75 -5.34 6.13
CA LYS A 228 2.81 -4.79 4.77
C LYS A 228 3.52 -5.76 3.83
N LEU A 229 4.63 -6.35 4.29
CA LEU A 229 5.32 -7.35 3.49
C LEU A 229 4.40 -8.52 3.16
N LEU A 230 3.68 -9.02 4.16
CA LEU A 230 2.78 -10.15 3.95
C LEU A 230 1.63 -9.79 3.02
N ASP A 231 1.09 -8.57 3.16
CA ASP A 231 0.02 -8.12 2.28
C ASP A 231 0.50 -8.07 0.83
N ASN A 232 1.70 -7.54 0.60
CA ASN A 232 2.24 -7.52 -0.75
C ASN A 232 2.49 -8.93 -1.27
N ALA A 233 3.00 -9.81 -0.41
CA ALA A 233 3.24 -11.19 -0.84
C ALA A 233 1.95 -11.90 -1.22
N PHE A 234 0.89 -11.71 -0.43
CA PHE A 234 -0.39 -12.33 -0.73
C PHE A 234 -1.03 -11.71 -1.96
N ARG A 235 -0.83 -10.41 -2.16
CA ARG A 235 -1.31 -9.77 -3.39
C ARG A 235 -0.60 -10.31 -4.62
N TYR A 236 0.70 -10.57 -4.51
CA TYR A 236 1.45 -11.08 -5.66
C TYR A 236 1.04 -12.50 -6.00
N ALA A 237 0.92 -13.37 -4.98
CA ALA A 237 0.49 -14.75 -5.19
C ALA A 237 -1.03 -14.78 -5.13
N ASP A 238 -1.64 -14.29 -6.20
CA ASP A 238 -3.10 -14.14 -6.29
C ASP A 238 -3.79 -15.37 -6.87
N GLN A 239 -3.05 -16.43 -7.16
CA GLN A 239 -3.63 -17.68 -7.65
C GLN A 239 -4.38 -17.46 -8.96
N MET A 240 -3.67 -16.89 -9.92
CA MET A 240 -4.16 -16.56 -11.26
C MET A 240 -5.05 -15.31 -11.20
N GLY A 241 -5.36 -14.79 -10.01
CA GLY A 241 -6.24 -13.64 -9.89
C GLY A 241 -7.71 -13.96 -9.80
N GLN A 242 -8.13 -15.18 -10.17
CA GLN A 242 -9.53 -15.55 -10.04
C GLN A 242 -9.98 -15.48 -8.59
N ARG A 243 -9.14 -15.98 -7.67
CA ARG A 243 -9.38 -15.84 -6.25
C ARG A 243 -8.16 -15.15 -5.65
N GLN A 244 -8.35 -13.90 -5.22
CA GLN A 244 -7.22 -13.12 -4.72
C GLN A 244 -6.60 -13.80 -3.51
N GLY A 245 -5.28 -13.66 -3.38
CA GLY A 245 -4.56 -14.26 -2.28
C GLY A 245 -5.09 -13.80 -0.94
N SER A 246 -5.41 -14.75 -0.06
CA SER A 246 -6.02 -14.47 1.23
C SER A 246 -5.07 -14.88 2.33
N GLY A 247 -4.75 -13.93 3.21
CA GLY A 247 -3.92 -14.22 4.37
C GLY A 247 -4.48 -13.53 5.60
N ALA A 248 -4.26 -14.15 6.75
CA ALA A 248 -4.66 -13.61 8.02
C ALA A 248 -3.45 -13.47 8.93
N ALA A 249 -3.39 -12.38 9.68
CA ALA A 249 -2.37 -12.16 10.68
C ALA A 249 -3.03 -12.08 12.04
N TYR A 250 -2.47 -12.80 13.01
CA TYR A 250 -2.99 -12.81 14.36
C TYR A 250 -1.98 -12.16 15.30
N LEU A 251 -2.47 -11.34 16.21
CA LEU A 251 -1.64 -10.69 17.20
C LEU A 251 -2.29 -10.79 18.56
N ASN A 252 -1.48 -11.07 19.58
CA ASN A 252 -1.97 -11.09 20.94
C ASN A 252 -2.37 -9.68 21.38
N ILE A 253 -3.43 -9.60 22.18
CA ILE A 253 -3.91 -8.31 22.65
C ILE A 253 -2.90 -7.62 23.55
N PHE A 254 -2.02 -8.39 24.19
CA PHE A 254 -1.01 -7.83 25.08
C PHE A 254 0.27 -7.45 24.34
N HIS A 255 0.30 -7.63 23.02
CA HIS A 255 1.42 -7.14 22.23
C HIS A 255 1.40 -5.62 22.19
N ARG A 256 2.60 -5.02 22.15
CA ARG A 256 2.71 -3.57 22.13
C ARG A 256 2.07 -2.99 20.87
N ASP A 257 2.30 -3.63 19.73
CA ASP A 257 1.80 -3.14 18.43
C ASP A 257 0.32 -3.39 18.22
N ILE A 258 -0.43 -3.74 19.27
CA ILE A 258 -1.83 -4.12 19.10
C ILE A 258 -2.64 -2.96 18.52
N ASN A 259 -2.40 -1.75 19.01
CA ASN A 259 -3.15 -0.60 18.51
C ASN A 259 -2.82 -0.31 17.05
N ASP A 260 -1.52 -0.33 16.70
CA ASP A 260 -1.14 -0.19 15.30
C ASP A 260 -1.63 -1.36 14.48
N PHE A 261 -1.62 -2.56 15.07
CA PHE A 261 -2.13 -3.74 14.38
C PHE A 261 -3.60 -3.56 13.99
N LEU A 262 -4.40 -2.99 14.89
CA LEU A 262 -5.80 -2.75 14.60
C LEU A 262 -6.00 -1.56 13.66
N ASP A 263 -5.11 -0.56 13.71
CA ASP A 263 -5.27 0.63 12.89
C ASP A 263 -5.09 0.33 11.40
N THR A 264 -4.47 -0.80 11.05
CA THR A 264 -4.33 -1.17 9.65
C THR A 264 -5.67 -1.41 8.97
N LYS A 265 -6.71 -1.69 9.75
CA LYS A 265 -8.03 -2.00 9.20
C LYS A 265 -8.99 -0.81 9.27
N LYS A 266 -8.54 0.33 9.78
CA LYS A 266 -9.37 1.52 9.77
C LYS A 266 -9.46 2.12 8.37
N ILE A 267 -10.66 2.53 7.97
CA ILE A 267 -10.81 3.17 6.67
C ILE A 267 -10.06 4.49 6.61
N SER A 268 -10.03 5.23 7.73
CA SER A 268 -9.30 6.48 7.79
C SER A 268 -7.79 6.29 7.82
N ALA A 269 -7.32 5.05 7.94
CA ALA A 269 -5.88 4.82 8.02
C ALA A 269 -5.17 5.27 6.75
N ASP A 270 -3.93 5.73 6.92
CA ASP A 270 -3.13 6.16 5.78
C ASP A 270 -2.81 4.96 4.90
N GLU A 271 -2.70 5.23 3.58
CA GLU A 271 -2.50 4.17 2.62
C GLU A 271 -1.17 3.44 2.83
N ASP A 272 -0.14 4.14 3.33
CA ASP A 272 1.12 3.48 3.62
C ASP A 272 1.04 2.54 4.80
N VAL A 273 -0.03 2.62 5.60
CA VAL A 273 -0.25 1.70 6.71
C VAL A 273 -1.36 0.71 6.42
N ARG A 274 -2.28 1.02 5.51
CA ARG A 274 -3.40 0.13 5.23
C ARG A 274 -2.91 -1.19 4.66
N VAL A 275 -3.53 -2.28 5.10
CA VAL A 275 -3.23 -3.62 4.62
C VAL A 275 -4.53 -4.16 4.02
N LYS A 276 -4.61 -4.14 2.68
CA LYS A 276 -5.88 -4.42 2.02
C LYS A 276 -6.24 -5.90 2.05
N THR A 277 -5.27 -6.77 1.78
CA THR A 277 -5.56 -8.18 1.51
C THR A 277 -5.30 -9.09 2.70
N LEU A 278 -5.04 -8.54 3.89
CA LEU A 278 -4.66 -9.34 5.04
C LEU A 278 -5.74 -9.22 6.13
N SER A 279 -6.40 -10.33 6.42
CA SER A 279 -7.30 -10.38 7.55
C SER A 279 -6.50 -10.41 8.85
N ILE A 280 -7.09 -9.85 9.90
CA ILE A 280 -6.41 -9.70 11.19
C ILE A 280 -7.27 -10.35 12.27
N GLY A 281 -6.64 -11.15 13.10
CA GLY A 281 -7.28 -11.70 14.28
C GLY A 281 -6.50 -11.32 15.53
N VAL A 282 -7.23 -11.18 16.63
CA VAL A 282 -6.64 -10.82 17.92
C VAL A 282 -6.83 -11.98 18.88
N VAL A 283 -5.79 -12.29 19.64
CA VAL A 283 -5.83 -13.35 20.64
C VAL A 283 -5.95 -12.68 22.01
N ILE A 284 -7.05 -12.97 22.71
CA ILE A 284 -7.41 -12.28 23.95
C ILE A 284 -7.34 -13.30 25.08
N PRO A 285 -6.33 -13.23 25.95
CA PRO A 285 -6.31 -14.08 27.14
C PRO A 285 -7.34 -13.62 28.16
N ASP A 286 -7.66 -14.51 29.10
CA ASP A 286 -8.60 -14.18 30.16
C ASP A 286 -8.12 -12.98 30.97
N LYS A 287 -6.80 -12.75 31.03
CA LYS A 287 -6.28 -11.64 31.80
C LYS A 287 -6.79 -10.30 31.27
N PHE A 288 -6.85 -10.14 29.95
CA PHE A 288 -7.34 -8.89 29.40
C PHE A 288 -8.80 -8.66 29.74
N VAL A 289 -9.62 -9.70 29.64
CA VAL A 289 -11.03 -9.57 29.99
C VAL A 289 -11.18 -9.23 31.46
N GLU A 290 -10.36 -9.84 32.31
CA GLU A 290 -10.39 -9.52 33.74
C GLU A 290 -10.01 -8.07 33.98
N LEU A 291 -9.00 -7.57 33.27
CA LEU A 291 -8.57 -6.19 33.44
C LEU A 291 -9.66 -5.22 32.99
N ALA A 292 -10.32 -5.52 31.87
CA ALA A 292 -11.39 -4.65 31.38
C ALA A 292 -12.60 -4.69 32.30
N ARG A 293 -12.90 -5.86 32.86
CA ARG A 293 -14.05 -5.99 33.74
C ARG A 293 -13.88 -5.14 35.00
N GLU A 294 -12.68 -5.11 35.56
CA GLU A 294 -12.39 -4.32 36.74
C GLU A 294 -12.00 -2.87 36.40
N ASP A 295 -12.01 -2.51 35.12
CA ASP A 295 -11.65 -1.16 34.68
C ASP A 295 -10.22 -0.79 35.05
N LYS A 296 -9.42 -1.78 35.42
CA LYS A 296 -8.03 -1.53 35.79
C LYS A 296 -7.21 -1.12 34.58
N ALA A 297 -6.21 -0.27 34.82
CA ALA A 297 -5.28 0.09 33.76
C ALA A 297 -4.41 -1.11 33.39
N ALA A 298 -4.30 -1.39 32.10
CA ALA A 298 -3.53 -2.51 31.60
C ALA A 298 -2.28 -2.02 30.90
N TYR A 299 -1.37 -2.96 30.63
CA TYR A 299 -0.12 -2.68 29.96
C TYR A 299 0.05 -3.60 28.77
N VAL A 300 0.58 -3.06 27.68
CA VAL A 300 1.02 -3.84 26.54
C VAL A 300 2.54 -3.89 26.57
N PHE A 301 3.09 -5.07 26.35
CA PHE A 301 4.50 -5.30 26.58
C PHE A 301 5.26 -5.36 25.27
N TYR A 302 6.53 -4.97 25.33
CA TYR A 302 7.43 -5.12 24.19
C TYR A 302 7.97 -6.55 24.21
N PRO A 303 7.63 -7.36 23.20
CA PRO A 303 7.93 -8.80 23.30
C PRO A 303 9.41 -9.11 23.46
N HIS A 304 10.29 -8.34 22.83
CA HIS A 304 11.72 -8.66 22.89
C HIS A 304 12.28 -8.43 24.29
N THR A 305 11.79 -7.43 25.02
CA THR A 305 12.24 -7.25 26.40
C THR A 305 11.87 -8.45 27.25
N ILE A 306 10.65 -8.98 27.07
CA ILE A 306 10.25 -10.18 27.80
C ILE A 306 11.11 -11.36 27.40
N TYR A 307 11.36 -11.53 26.11
CA TYR A 307 12.18 -12.64 25.65
C TYR A 307 13.59 -12.57 26.22
N LYS A 308 14.18 -11.38 26.26
CA LYS A 308 15.50 -11.22 26.83
C LYS A 308 15.51 -11.48 28.33
N GLU A 309 14.48 -10.99 29.04
CA GLU A 309 14.42 -11.16 30.49
C GLU A 309 14.23 -12.62 30.88
N TYR A 310 13.42 -13.35 30.13
CA TYR A 310 13.03 -14.70 30.51
C TYR A 310 13.49 -15.79 29.55
N GLY A 311 14.10 -15.44 28.43
CA GLY A 311 14.53 -16.45 27.48
C GLY A 311 13.41 -17.18 26.77
N GLN A 312 12.17 -16.72 26.94
CA GLN A 312 11.04 -17.30 26.25
C GLN A 312 10.15 -16.18 25.71
N HIS A 313 9.40 -16.50 24.66
CA HIS A 313 8.54 -15.51 24.02
C HIS A 313 7.36 -15.16 24.91
N MET A 314 6.86 -13.94 24.73
CA MET A 314 5.70 -13.49 25.51
C MET A 314 4.49 -14.37 25.23
N ASP A 315 4.25 -14.71 23.97
CA ASP A 315 3.11 -15.55 23.62
C ASP A 315 3.34 -17.03 23.90
N GLU A 316 4.53 -17.41 24.36
CA GLU A 316 4.80 -18.76 24.83
C GLU A 316 4.57 -18.92 26.32
N MET A 317 4.21 -17.84 27.02
CA MET A 317 4.02 -17.83 28.46
C MET A 317 2.55 -17.69 28.80
N ASP A 318 2.22 -18.01 30.05
CA ASP A 318 0.86 -17.85 30.55
C ASP A 318 0.69 -16.41 31.05
N MET A 319 -0.10 -15.62 30.31
CA MET A 319 -0.29 -14.22 30.70
C MET A 319 -1.04 -14.11 32.01
N ASN A 320 -1.94 -15.05 32.31
CA ASN A 320 -2.66 -14.99 33.58
C ASN A 320 -1.74 -15.21 34.76
N GLU A 321 -0.57 -15.81 34.54
CA GLU A 321 0.42 -16.00 35.58
C GLU A 321 1.60 -15.04 35.46
N MET A 322 1.86 -14.50 34.28
CA MET A 322 3.05 -13.71 34.02
C MET A 322 2.78 -12.22 33.88
N TYR A 323 1.51 -11.78 33.86
CA TYR A 323 1.22 -10.37 33.65
C TYR A 323 1.74 -9.52 34.79
N ASP A 324 1.51 -9.94 36.03
CA ASP A 324 1.97 -9.18 37.18
C ASP A 324 3.49 -9.15 37.23
N LYS A 325 4.14 -10.27 36.93
CA LYS A 325 5.59 -10.30 36.90
C LYS A 325 6.15 -9.37 35.83
N PHE A 326 5.53 -9.35 34.65
CA PHE A 326 5.96 -8.43 33.61
C PHE A 326 5.80 -6.98 34.05
N VAL A 327 4.66 -6.66 34.68
CA VAL A 327 4.41 -5.29 35.12
C VAL A 327 5.43 -4.88 36.19
N ASP A 328 5.74 -5.79 37.11
CA ASP A 328 6.65 -5.49 38.20
C ASP A 328 8.12 -5.59 37.82
N ASN A 329 8.43 -6.08 36.62
CA ASN A 329 9.81 -6.27 36.20
C ASN A 329 10.30 -5.02 35.48
N PRO A 330 11.27 -4.29 36.04
CA PRO A 330 11.76 -3.08 35.34
C PRO A 330 12.38 -3.38 33.99
N ARG A 331 13.04 -4.53 33.83
CA ARG A 331 13.68 -4.87 32.57
C ARG A 331 12.68 -5.17 31.46
N VAL A 332 11.41 -5.33 31.78
CA VAL A 332 10.37 -5.52 30.79
C VAL A 332 9.77 -4.17 30.44
N LYS A 333 9.73 -3.85 29.15
CA LYS A 333 9.18 -2.58 28.69
C LYS A 333 7.70 -2.73 28.36
N LYS A 334 6.90 -1.81 28.90
CA LYS A 334 5.46 -1.85 28.71
C LYS A 334 4.93 -0.43 28.65
N GLU A 335 3.80 -0.26 27.97
CA GLU A 335 3.10 1.01 27.95
C GLU A 335 1.65 0.79 28.36
N LYS A 336 1.09 1.78 29.05
CA LYS A 336 -0.25 1.66 29.61
C LYS A 336 -1.31 1.78 28.53
N ILE A 337 -2.41 1.04 28.69
CA ILE A 337 -3.55 1.10 27.81
C ILE A 337 -4.81 1.03 28.65
N ASN A 338 -5.95 1.33 28.03
CA ASN A 338 -7.24 1.17 28.66
C ASN A 338 -7.89 -0.09 28.12
N PRO A 339 -8.01 -1.17 28.90
CA PRO A 339 -8.62 -2.39 28.36
C PRO A 339 -10.03 -2.19 27.85
N ARG A 340 -10.83 -1.37 28.54
CA ARG A 340 -12.20 -1.12 28.07
C ARG A 340 -12.18 -0.27 26.80
N LYS A 341 -11.26 0.70 26.72
CA LYS A 341 -11.11 1.47 25.48
C LYS A 341 -10.67 0.56 24.35
N LEU A 342 -9.80 -0.40 24.62
CA LEU A 342 -9.37 -1.34 23.59
C LEU A 342 -10.52 -2.23 23.14
N LEU A 343 -11.35 -2.68 24.09
CA LEU A 343 -12.52 -3.49 23.73
C LEU A 343 -13.49 -2.68 22.88
N GLU A 344 -13.73 -1.42 23.25
CA GLU A 344 -14.60 -0.57 22.45
C GLU A 344 -14.03 -0.35 21.06
N LYS A 345 -12.71 -0.16 20.95
CA LYS A 345 -12.08 -0.02 19.65
C LYS A 345 -12.24 -1.29 18.82
N LEU A 346 -12.11 -2.45 19.46
CA LEU A 346 -12.33 -3.72 18.75
C LEU A 346 -13.76 -3.80 18.23
N ALA A 347 -14.73 -3.43 19.06
CA ALA A 347 -16.13 -3.48 18.63
C ALA A 347 -16.38 -2.52 17.48
N MET A 348 -15.82 -1.31 17.56
CA MET A 348 -15.99 -0.33 16.49
C MET A 348 -15.36 -0.82 15.19
N LEU A 349 -14.17 -1.41 15.28
CA LEU A 349 -13.51 -1.93 14.08
C LEU A 349 -14.28 -3.10 13.48
N ARG A 350 -14.85 -3.95 14.33
CA ARG A 350 -15.63 -5.08 13.82
C ARG A 350 -16.92 -4.60 13.19
N SER A 351 -17.52 -3.54 13.72
CA SER A 351 -18.71 -2.97 13.09
C SER A 351 -18.36 -2.35 11.74
N GLU A 352 -17.27 -1.59 11.68
CA GLU A 352 -16.91 -0.92 10.44
C GLU A 352 -16.51 -1.91 9.35
N SER A 353 -15.62 -2.85 9.68
CA SER A 353 -15.05 -3.74 8.68
C SER A 353 -15.26 -5.22 8.99
N GLY A 354 -15.82 -5.57 10.14
CA GLY A 354 -15.96 -6.95 10.53
C GLY A 354 -14.72 -7.57 11.12
N TYR A 355 -13.62 -6.83 11.20
CA TYR A 355 -12.37 -7.28 11.78
C TYR A 355 -12.15 -6.66 13.15
N PRO A 356 -11.26 -7.24 13.97
CA PRO A 356 -10.49 -8.46 13.73
C PRO A 356 -11.26 -9.71 14.15
N TYR A 357 -10.80 -10.89 13.74
CA TYR A 357 -11.29 -12.10 14.38
C TYR A 357 -10.87 -12.10 15.84
N ILE A 358 -11.73 -12.64 16.70
CA ILE A 358 -11.47 -12.71 18.13
C ILE A 358 -11.23 -14.16 18.51
N MET A 359 -10.06 -14.43 19.07
CA MET A 359 -9.75 -15.73 19.66
C MET A 359 -9.64 -15.56 21.17
N PHE A 360 -10.46 -16.29 21.91
CA PHE A 360 -10.38 -16.29 23.36
C PHE A 360 -9.41 -17.40 23.77
N GLN A 361 -8.17 -17.01 24.09
CA GLN A 361 -7.11 -17.98 24.27
C GLN A 361 -7.40 -18.94 25.42
N ASP A 362 -7.92 -18.42 26.53
CA ASP A 362 -8.18 -19.28 27.69
C ASP A 362 -9.36 -20.21 27.45
N ASN A 363 -10.37 -19.75 26.71
CA ASN A 363 -11.45 -20.65 26.32
C ASN A 363 -10.92 -21.79 25.46
N VAL A 364 -9.97 -21.50 24.57
CA VAL A 364 -9.41 -22.53 23.72
C VAL A 364 -8.54 -23.50 24.51
N ASN A 365 -7.69 -22.97 25.40
CA ASN A 365 -6.67 -23.78 26.05
C ASN A 365 -7.13 -24.47 27.32
N LYS A 366 -8.29 -24.09 27.88
CA LYS A 366 -8.78 -24.80 29.05
C LYS A 366 -9.36 -26.16 28.70
N VAL A 367 -9.68 -26.39 27.42
CA VAL A 367 -10.15 -27.67 26.93
C VAL A 367 -9.20 -28.28 25.92
N HIS A 368 -8.06 -27.63 25.65
CA HIS A 368 -7.11 -28.14 24.68
C HIS A 368 -6.47 -29.43 25.19
N ALA A 369 -6.47 -30.46 24.34
CA ALA A 369 -5.95 -31.76 24.73
C ALA A 369 -4.44 -31.87 24.59
N ASN A 370 -3.80 -30.96 23.85
CA ASN A 370 -2.39 -31.06 23.53
C ASN A 370 -1.61 -29.85 24.05
N ASN A 371 -1.97 -29.38 25.25
CA ASN A 371 -1.23 -28.29 25.85
C ASN A 371 0.22 -28.66 26.10
N HIS A 372 0.50 -29.96 26.28
CA HIS A 372 1.88 -30.40 26.48
C HIS A 372 2.73 -30.12 25.25
N ILE A 373 2.17 -30.32 24.05
CA ILE A 373 2.89 -29.97 22.84
C ILE A 373 3.07 -28.47 22.73
N SER A 374 1.98 -27.73 22.92
CA SER A 374 1.99 -26.27 22.95
C SER A 374 0.56 -25.80 23.20
N LYS A 375 0.44 -24.57 23.67
CA LYS A 375 -0.87 -23.95 23.74
C LYS A 375 -1.25 -23.39 22.38
N VAL A 376 -2.56 -23.23 22.16
CA VAL A 376 -3.07 -22.64 20.94
C VAL A 376 -2.89 -21.13 21.04
N LYS A 377 -2.02 -20.58 20.18
CA LYS A 377 -1.68 -19.17 20.25
C LYS A 377 -2.43 -18.31 19.24
N PHE A 378 -2.95 -18.90 18.18
CA PHE A 378 -3.67 -18.14 17.16
C PHE A 378 -4.55 -19.10 16.36
N SER A 379 -5.30 -18.54 15.43
CA SER A 379 -6.24 -19.30 14.60
C SER A 379 -5.90 -19.10 13.13
N ASN A 380 -6.77 -19.62 12.26
CA ASN A 380 -6.54 -19.60 10.83
C ASN A 380 -7.35 -18.48 10.19
N LEU A 381 -7.36 -18.46 8.86
CA LEU A 381 -8.09 -17.43 8.12
C LEU A 381 -9.59 -17.54 8.29
N CYS A 382 -10.10 -18.71 8.69
CA CYS A 382 -11.52 -18.91 8.91
C CYS A 382 -11.88 -18.98 10.39
N SER A 383 -10.90 -18.93 11.28
CA SER A 383 -11.05 -18.80 12.72
C SER A 383 -11.55 -20.07 13.43
N GLU A 384 -11.52 -21.23 12.78
CA GLU A 384 -11.97 -22.45 13.42
C GLU A 384 -10.86 -23.46 13.69
N VAL A 385 -9.65 -23.23 13.19
CA VAL A 385 -8.53 -24.13 13.43
C VAL A 385 -7.82 -23.72 14.72
N LEU A 386 -7.79 -24.61 15.70
CA LEU A 386 -7.19 -24.34 17.01
C LEU A 386 -6.32 -25.54 17.37
N GLN A 387 -5.02 -25.43 17.08
CA GLN A 387 -4.08 -26.51 17.31
C GLN A 387 -2.80 -25.97 17.90
N ALA A 388 -2.07 -26.86 18.58
CA ALA A 388 -0.76 -26.51 19.10
C ALA A 388 0.23 -26.31 17.97
N SER A 389 1.04 -25.27 18.07
CA SER A 389 2.06 -24.97 17.07
C SER A 389 3.38 -24.71 17.78
N GLN A 390 4.47 -25.05 17.09
CA GLN A 390 5.82 -24.79 17.56
C GLN A 390 6.54 -23.97 16.50
N VAL A 391 7.07 -22.82 16.91
CA VAL A 391 7.73 -21.92 15.97
C VAL A 391 9.00 -22.58 15.44
N SER A 392 9.36 -22.22 14.21
CA SER A 392 10.56 -22.71 13.57
C SER A 392 11.69 -21.70 13.72
N SER A 393 12.92 -22.18 13.65
CA SER A 393 14.11 -21.33 13.72
C SER A 393 14.83 -21.41 12.38
N TYR A 394 14.48 -20.49 11.48
CA TYR A 394 15.11 -20.42 10.16
C TYR A 394 16.38 -19.59 10.29
N THR A 395 17.52 -20.25 10.14
CA THR A 395 18.83 -19.65 10.35
C THR A 395 19.41 -19.15 9.04
N ASP A 396 20.68 -18.75 9.07
CA ASP A 396 21.36 -18.24 7.89
C ASP A 396 21.54 -19.36 6.85
N TYR A 397 21.78 -18.95 5.62
CA TYR A 397 22.11 -19.90 4.57
C TYR A 397 23.34 -20.70 4.96
N ASP A 398 23.32 -21.99 4.65
CA ASP A 398 24.35 -22.96 5.02
C ASP A 398 24.23 -23.38 6.47
N GLU A 399 23.32 -22.79 7.24
CA GLU A 399 23.06 -23.20 8.62
C GLU A 399 21.80 -24.05 8.64
N GLU A 400 21.84 -25.14 9.40
CA GLU A 400 20.67 -26.00 9.52
C GLU A 400 19.52 -25.27 10.19
N ASP A 401 18.32 -25.45 9.66
CA ASP A 401 17.12 -24.86 10.23
C ASP A 401 16.55 -25.76 11.31
N GLU A 402 15.90 -25.13 12.29
CA GLU A 402 15.20 -25.84 13.36
C GLU A 402 13.72 -25.84 13.01
N ILE A 403 13.27 -26.87 12.31
CA ILE A 403 11.90 -26.93 11.83
C ILE A 403 10.97 -27.23 12.99
N GLY A 404 9.97 -26.40 13.17
CA GLY A 404 8.96 -26.58 14.20
C GLY A 404 7.72 -27.28 13.67
N LEU A 405 6.57 -26.91 14.22
CA LEU A 405 5.29 -27.47 13.81
C LEU A 405 4.38 -26.34 13.34
N ASP A 406 3.98 -26.40 12.08
CA ASP A 406 3.00 -25.48 11.53
C ASP A 406 1.68 -26.22 11.29
N ILE A 407 0.58 -25.55 11.58
CA ILE A 407 -0.73 -26.18 11.62
C ILE A 407 -1.31 -26.24 10.22
N SER A 408 -1.95 -27.36 9.90
CA SER A 408 -2.73 -27.52 8.69
C SER A 408 -3.72 -28.65 8.92
N CYS A 409 -4.89 -28.55 8.30
CA CYS A 409 -5.89 -29.60 8.38
C CYS A 409 -6.72 -29.61 7.11
N ASN A 410 -7.05 -30.81 6.64
CA ASN A 410 -7.96 -30.98 5.51
C ASN A 410 -9.37 -31.15 6.04
N LEU A 411 -10.32 -30.52 5.35
CA LEU A 411 -11.66 -30.30 5.89
C LEU A 411 -12.67 -31.25 5.26
N GLY A 412 -13.69 -31.60 6.04
CA GLY A 412 -14.84 -32.31 5.53
C GLY A 412 -16.04 -31.96 6.37
N SER A 413 -17.22 -32.05 5.77
CA SER A 413 -18.45 -31.65 6.44
C SER A 413 -19.47 -32.77 6.37
N LEU A 414 -20.01 -33.14 7.52
CA LEU A 414 -21.19 -33.98 7.57
C LEU A 414 -22.42 -33.15 7.22
N ASN A 415 -23.33 -33.74 6.45
CA ASN A 415 -24.63 -33.14 6.19
C ASN A 415 -25.58 -33.61 7.28
N ILE A 416 -25.90 -32.72 8.22
CA ILE A 416 -26.66 -33.12 9.41
C ILE A 416 -28.03 -33.66 9.00
N LEU A 417 -28.69 -32.98 8.07
CA LEU A 417 -30.02 -33.42 7.65
C LEU A 417 -29.97 -34.83 7.04
N ASN A 418 -29.01 -35.06 6.15
CA ASN A 418 -28.91 -36.35 5.48
C ASN A 418 -28.34 -37.43 6.40
N VAL A 419 -27.47 -37.05 7.34
CA VAL A 419 -26.95 -38.01 8.30
C VAL A 419 -28.04 -38.46 9.25
N MET A 420 -28.93 -37.54 9.63
CA MET A 420 -30.03 -37.89 10.52
C MET A 420 -31.13 -38.65 9.79
N GLU A 421 -31.39 -38.29 8.53
CA GLU A 421 -32.39 -39.02 7.75
C GLU A 421 -31.97 -40.45 7.52
N HIS A 422 -30.68 -40.69 7.27
CA HIS A 422 -30.17 -42.03 7.08
C HIS A 422 -29.82 -42.72 8.38
N LYS A 423 -29.85 -42.02 9.50
CA LYS A 423 -29.52 -42.60 10.80
C LYS A 423 -28.13 -43.24 10.77
N SER A 424 -27.18 -42.56 10.14
CA SER A 424 -25.85 -43.09 9.88
C SER A 424 -24.79 -42.16 10.43
N ILE A 425 -24.97 -41.67 11.65
CA ILE A 425 -23.97 -40.79 12.26
C ILE A 425 -22.65 -41.53 12.41
N GLU A 426 -22.68 -42.74 12.98
CA GLU A 426 -21.45 -43.47 13.24
C GLU A 426 -20.72 -43.81 11.94
N LYS A 427 -21.42 -44.43 11.00
CA LYS A 427 -20.79 -44.86 9.75
C LYS A 427 -20.29 -43.66 8.95
N THR A 428 -21.11 -42.61 8.85
CA THR A 428 -20.70 -41.43 8.12
C THR A 428 -19.47 -40.79 8.76
N VAL A 429 -19.46 -40.68 10.09
CA VAL A 429 -18.32 -40.08 10.78
C VAL A 429 -17.06 -40.89 10.56
N LYS A 430 -17.17 -42.21 10.64
CA LYS A 430 -15.98 -43.06 10.48
C LYS A 430 -15.46 -43.01 9.05
N LEU A 431 -16.34 -43.04 8.06
CA LEU A 431 -15.91 -42.94 6.67
C LEU A 431 -15.28 -41.57 6.39
N ALA A 432 -15.87 -40.51 6.94
CA ALA A 432 -15.29 -39.17 6.77
C ALA A 432 -13.92 -39.09 7.42
N THR A 433 -13.77 -39.69 8.60
CA THR A 433 -12.46 -39.71 9.26
C THR A 433 -11.44 -40.46 8.42
N ASP A 434 -11.84 -41.59 7.82
CA ASP A 434 -10.93 -42.34 6.97
C ASP A 434 -10.52 -41.52 5.75
N SER A 435 -11.48 -40.84 5.12
CA SER A 435 -11.15 -40.03 3.94
C SER A 435 -10.24 -38.86 4.31
N LEU A 436 -10.51 -38.22 5.44
CA LEU A 436 -9.65 -37.11 5.88
C LEU A 436 -8.25 -37.62 6.21
N THR A 437 -8.15 -38.79 6.83
CA THR A 437 -6.84 -39.37 7.10
C THR A 437 -6.09 -39.69 5.81
N HIS A 438 -6.79 -40.21 4.81
CA HIS A 438 -6.14 -40.47 3.53
C HIS A 438 -5.64 -39.18 2.90
N VAL A 439 -6.46 -38.12 2.93
CA VAL A 439 -6.03 -36.84 2.37
C VAL A 439 -4.81 -36.32 3.11
N SER A 440 -4.81 -36.43 4.44
CA SER A 440 -3.66 -36.00 5.22
C SER A 440 -2.41 -36.79 4.89
N GLU A 441 -2.55 -38.10 4.69
CA GLU A 441 -1.40 -38.95 4.41
C GLU A 441 -0.87 -38.74 3.00
N THR A 442 -1.71 -38.28 2.08
CA THR A 442 -1.29 -38.04 0.70
C THR A 442 -0.80 -36.63 0.46
N THR A 443 -0.73 -35.80 1.50
CA THR A 443 -0.27 -34.41 1.36
C THR A 443 1.21 -34.32 1.67
N ASP A 444 1.95 -33.61 0.82
CA ASP A 444 3.39 -33.40 1.03
C ASP A 444 3.73 -32.02 0.49
N ILE A 445 3.94 -31.06 1.38
CA ILE A 445 4.24 -29.68 1.01
C ILE A 445 5.74 -29.54 0.89
N ARG A 446 6.21 -29.14 -0.29
CA ARG A 446 7.63 -29.14 -0.60
C ARG A 446 8.34 -27.84 -0.24
N ASN A 447 7.61 -26.79 0.15
CA ASN A 447 8.22 -25.50 0.48
C ASN A 447 7.77 -24.99 1.84
N ALA A 448 7.11 -25.83 2.64
CA ALA A 448 6.68 -25.48 3.99
C ALA A 448 7.17 -26.57 4.93
N PRO A 449 8.45 -26.54 5.30
CA PRO A 449 9.00 -27.64 6.11
C PRO A 449 8.24 -27.88 7.40
N ALA A 450 7.84 -26.81 8.09
CA ALA A 450 7.12 -26.98 9.35
C ALA A 450 5.71 -27.50 9.10
N VAL A 451 5.06 -27.04 8.04
CA VAL A 451 3.73 -27.55 7.70
C VAL A 451 3.81 -29.04 7.43
N ARG A 452 4.78 -29.48 6.63
CA ARG A 452 4.90 -30.89 6.29
C ARG A 452 5.25 -31.72 7.52
N ARG A 453 6.16 -31.23 8.35
CA ARG A 453 6.53 -31.97 9.55
C ARG A 453 5.35 -32.10 10.50
N ALA A 454 4.58 -31.02 10.68
CA ALA A 454 3.42 -31.08 11.56
C ALA A 454 2.32 -31.95 10.98
N ASN A 455 2.16 -31.97 9.66
CA ASN A 455 1.21 -32.89 9.06
C ASN A 455 1.60 -34.34 9.32
N LYS A 456 2.90 -34.65 9.19
CA LYS A 456 3.34 -36.01 9.45
C LYS A 456 3.18 -36.38 10.93
N ALA A 457 3.49 -35.45 11.84
CA ALA A 457 3.56 -35.79 13.26
C ALA A 457 2.18 -35.77 13.92
N MET A 458 1.37 -34.76 13.61
CA MET A 458 0.10 -34.56 14.30
C MET A 458 -1.05 -35.30 13.64
N LYS A 459 -1.04 -35.43 12.31
CA LYS A 459 -2.13 -36.08 11.59
C LYS A 459 -3.46 -35.42 11.90
N SER A 460 -3.46 -34.10 12.01
CA SER A 460 -4.65 -33.35 12.35
C SER A 460 -5.62 -33.33 11.17
N ILE A 461 -6.90 -33.59 11.47
CA ILE A 461 -7.97 -33.51 10.47
C ILE A 461 -9.06 -32.62 11.02
N GLY A 462 -9.85 -32.05 10.12
CA GLY A 462 -11.01 -31.28 10.53
C GLY A 462 -12.29 -31.81 9.93
N LEU A 463 -13.15 -32.39 10.77
CA LEU A 463 -14.45 -32.89 10.35
C LEU A 463 -15.51 -31.93 10.86
N GLY A 464 -16.08 -31.14 9.96
CA GLY A 464 -17.11 -30.19 10.30
C GLY A 464 -18.51 -30.76 10.09
N ALA A 465 -19.49 -29.87 10.17
CA ALA A 465 -20.87 -30.23 9.91
C ALA A 465 -21.56 -29.04 9.26
N MET A 466 -22.63 -29.33 8.52
CA MET A 466 -23.41 -28.30 7.85
C MET A 466 -24.87 -28.72 7.83
N ASN A 467 -25.74 -27.76 7.55
CA ASN A 467 -27.18 -27.97 7.47
C ASN A 467 -27.82 -28.11 8.84
N LEU A 468 -27.22 -27.54 9.89
CA LEU A 468 -27.86 -27.56 11.20
C LEU A 468 -29.16 -26.78 11.18
N HIS A 469 -29.11 -25.53 10.69
CA HIS A 469 -30.32 -24.73 10.61
C HIS A 469 -31.32 -25.32 9.63
N GLY A 470 -30.85 -25.80 8.49
CA GLY A 470 -31.75 -26.43 7.54
C GLY A 470 -32.46 -27.63 8.14
N TYR A 471 -31.70 -28.49 8.82
CA TYR A 471 -32.30 -29.66 9.46
C TYR A 471 -33.30 -29.25 10.52
N LEU A 472 -32.94 -28.27 11.36
CA LEU A 472 -33.84 -27.85 12.43
C LEU A 472 -35.12 -27.24 11.89
N ALA A 473 -35.01 -26.37 10.88
CA ALA A 473 -36.18 -25.74 10.30
C ALA A 473 -37.06 -26.77 9.59
N GLN A 474 -36.46 -27.74 8.91
CA GLN A 474 -37.23 -28.79 8.26
C GLN A 474 -37.79 -29.80 9.24
N ASN A 475 -37.66 -29.55 10.54
CA ASN A 475 -38.19 -30.44 11.57
C ASN A 475 -39.02 -29.69 12.61
N GLY A 476 -39.40 -28.45 12.34
CA GLY A 476 -40.20 -27.68 13.27
C GLY A 476 -39.51 -27.32 14.56
N ILE A 477 -38.24 -26.92 14.49
CA ILE A 477 -37.46 -26.55 15.66
C ILE A 477 -36.84 -25.18 15.42
N ALA A 478 -37.07 -24.26 16.34
CA ALA A 478 -36.44 -22.95 16.26
C ALA A 478 -34.95 -23.06 16.55
N TYR A 479 -34.15 -22.28 15.81
CA TYR A 479 -32.71 -22.32 16.02
C TYR A 479 -32.35 -21.89 17.44
N GLU A 480 -32.99 -20.84 17.94
CA GLU A 480 -32.69 -20.33 19.27
C GLU A 480 -33.38 -21.11 20.39
N SER A 481 -34.26 -22.04 20.05
CA SER A 481 -35.02 -22.75 21.06
C SER A 481 -34.14 -23.71 21.85
N PRO A 482 -34.54 -24.05 23.08
CA PRO A 482 -33.78 -25.04 23.84
C PRO A 482 -33.69 -26.40 23.16
N GLU A 483 -34.72 -26.79 22.40
CA GLU A 483 -34.69 -28.08 21.71
C GLU A 483 -33.61 -28.12 20.65
N ALA A 484 -33.37 -27.00 19.97
CA ALA A 484 -32.29 -26.94 18.99
C ALA A 484 -30.94 -27.19 19.65
N ARG A 485 -30.70 -26.56 20.80
CA ARG A 485 -29.45 -26.78 21.51
C ARG A 485 -29.36 -28.21 22.03
N ASP A 486 -30.49 -28.78 22.46
CA ASP A 486 -30.49 -30.18 22.91
C ASP A 486 -30.08 -31.11 21.77
N PHE A 487 -30.67 -30.92 20.59
CA PHE A 487 -30.29 -31.75 19.45
C PHE A 487 -28.83 -31.55 19.09
N ALA A 488 -28.37 -30.30 19.07
CA ALA A 488 -26.98 -30.06 18.73
C ALA A 488 -26.06 -30.74 19.72
N ASN A 489 -26.36 -30.64 21.01
CA ASN A 489 -25.58 -31.30 22.03
C ASN A 489 -25.49 -32.79 21.78
N THR A 490 -26.64 -33.45 21.61
CA THR A 490 -26.62 -34.89 21.42
C THR A 490 -25.89 -35.27 20.13
N PHE A 491 -26.17 -34.58 19.04
CA PHE A 491 -25.61 -34.95 17.75
C PHE A 491 -24.09 -34.78 17.74
N PHE A 492 -23.61 -33.64 18.24
CA PHE A 492 -22.17 -33.41 18.22
C PHE A 492 -21.44 -34.22 19.28
N MET A 493 -22.11 -34.58 20.38
CA MET A 493 -21.53 -35.55 21.29
C MET A 493 -21.35 -36.89 20.60
N MET A 494 -22.35 -37.34 19.85
CA MET A 494 -22.22 -38.60 19.12
C MET A 494 -21.12 -38.51 18.07
N VAL A 495 -21.04 -37.37 17.38
CA VAL A 495 -20.00 -37.18 16.37
C VAL A 495 -18.62 -37.27 17.00
N ASN A 496 -18.43 -36.59 18.14
CA ASN A 496 -17.15 -36.65 18.84
C ASN A 496 -16.85 -38.07 19.29
N PHE A 497 -17.85 -38.77 19.83
CA PHE A 497 -17.64 -40.13 20.28
C PHE A 497 -17.16 -41.01 19.14
N TYR A 498 -17.84 -40.96 18.00
CA TYR A 498 -17.50 -41.86 16.91
C TYR A 498 -16.21 -41.44 16.21
N SER A 499 -15.89 -40.14 16.19
CA SER A 499 -14.61 -39.73 15.63
C SER A 499 -13.46 -40.17 16.52
N ILE A 500 -13.64 -40.09 17.84
CA ILE A 500 -12.62 -40.58 18.76
C ILE A 500 -12.47 -42.10 18.61
N GLN A 501 -13.59 -42.80 18.48
CA GLN A 501 -13.52 -44.25 18.30
C GLN A 501 -12.79 -44.61 17.02
N ARG A 502 -13.08 -43.90 15.92
CA ARG A 502 -12.39 -44.16 14.67
C ARG A 502 -10.90 -43.82 14.76
N SER A 503 -10.56 -42.73 15.44
CA SER A 503 -9.16 -42.38 15.61
C SER A 503 -8.42 -43.45 16.40
N ALA A 504 -9.03 -43.94 17.49
CA ALA A 504 -8.42 -45.00 18.27
C ALA A 504 -8.30 -46.29 17.46
N GLU A 505 -9.32 -46.61 16.67
CA GLU A 505 -9.26 -47.82 15.84
C GLU A 505 -8.17 -47.71 14.79
N ILE A 506 -8.00 -46.52 14.19
CA ILE A 506 -6.94 -46.32 13.22
C ILE A 506 -5.57 -46.45 13.90
N ALA A 507 -5.43 -45.89 15.10
CA ALA A 507 -4.18 -46.03 15.84
C ALA A 507 -3.88 -47.49 16.14
N LYS A 508 -4.92 -48.26 16.48
CA LYS A 508 -4.73 -49.68 16.75
C LYS A 508 -4.34 -50.45 15.48
N GLU A 509 -4.97 -50.12 14.35
CA GLU A 509 -4.69 -50.85 13.11
C GLU A 509 -3.32 -50.52 12.57
N LYS A 510 -2.93 -49.25 12.61
CA LYS A 510 -1.62 -48.82 12.14
C LYS A 510 -0.53 -48.96 13.20
N GLY A 511 -0.91 -49.17 14.46
CA GLY A 511 0.08 -49.34 15.51
C GLY A 511 0.77 -48.07 15.94
N GLU A 512 0.32 -46.91 15.48
CA GLU A 512 0.96 -45.65 15.81
C GLU A 512 -0.07 -44.61 16.21
N THR A 513 0.31 -43.74 17.15
CA THR A 513 -0.45 -42.58 17.56
C THR A 513 0.19 -41.32 16.99
N PHE A 514 -0.42 -40.18 17.26
CA PHE A 514 0.20 -38.93 16.84
C PHE A 514 1.34 -38.57 17.77
N ASP A 515 2.28 -37.78 17.26
CA ASP A 515 3.49 -37.47 18.00
C ASP A 515 3.16 -36.74 19.30
N GLN A 516 3.77 -37.19 20.39
CA GLN A 516 3.52 -36.63 21.72
C GLN A 516 2.10 -36.88 22.18
N TYR A 517 1.53 -38.02 21.79
CA TYR A 517 0.20 -38.39 22.26
C TYR A 517 0.22 -38.73 23.75
N GLU A 518 1.33 -39.27 24.25
CA GLU A 518 1.37 -39.76 25.62
C GLU A 518 1.10 -38.65 26.63
N GLY A 519 1.54 -37.42 26.33
CA GLY A 519 1.28 -36.31 27.22
C GLY A 519 -0.04 -35.62 27.03
N SER A 520 -0.87 -36.09 26.10
CA SER A 520 -2.15 -35.44 25.83
C SER A 520 -3.19 -35.87 26.86
N THR A 521 -4.29 -35.10 26.90
CA THR A 521 -5.38 -35.43 27.81
C THR A 521 -6.14 -36.67 27.38
N TYR A 522 -6.03 -37.08 26.11
CA TYR A 522 -6.57 -38.37 25.71
C TYR A 522 -5.85 -39.52 26.41
N ALA A 523 -4.53 -39.44 26.50
CA ALA A 523 -3.76 -40.52 27.11
C ALA A 523 -4.01 -40.62 28.60
N THR A 524 -4.06 -39.48 29.29
CA THR A 524 -4.27 -39.48 30.73
C THR A 524 -5.72 -39.70 31.12
N GLY A 525 -6.65 -39.63 30.17
CA GLY A 525 -8.06 -39.80 30.45
C GLY A 525 -8.76 -38.55 30.91
N GLU A 526 -8.03 -37.44 31.13
CA GLU A 526 -8.66 -36.20 31.55
C GLU A 526 -9.64 -35.66 30.51
N TYR A 527 -9.50 -36.08 29.25
CA TYR A 527 -10.40 -35.63 28.20
C TYR A 527 -11.82 -36.16 28.42
N PHE A 528 -11.94 -37.40 28.89
CA PHE A 528 -13.21 -38.09 28.97
C PHE A 528 -13.95 -37.85 30.29
N ASP A 529 -13.47 -36.92 31.12
CA ASP A 529 -14.09 -36.73 32.43
C ASP A 529 -15.56 -36.38 32.31
N LYS A 530 -15.89 -35.37 31.51
CA LYS A 530 -17.28 -34.94 31.37
C LYS A 530 -18.13 -35.99 30.68
N TYR A 531 -17.54 -36.74 29.74
CA TYR A 531 -18.30 -37.75 29.03
C TYR A 531 -18.59 -38.98 29.89
N VAL A 532 -17.66 -39.33 30.78
CA VAL A 532 -17.90 -40.44 31.69
C VAL A 532 -18.72 -40.01 32.90
N SER A 533 -18.81 -38.71 33.18
CA SER A 533 -19.58 -38.23 34.32
C SER A 533 -20.95 -37.67 33.94
N THR A 534 -21.14 -37.23 32.71
CA THR A 534 -22.37 -36.58 32.28
C THR A 534 -23.02 -37.35 31.15
N ASP A 535 -24.35 -37.41 31.17
CA ASP A 535 -25.11 -38.04 30.11
C ASP A 535 -25.57 -36.97 29.12
N PHE A 536 -25.30 -37.21 27.83
CA PHE A 536 -25.61 -36.24 26.78
C PHE A 536 -26.77 -36.68 25.90
N SER A 537 -27.63 -37.56 26.40
CA SER A 537 -28.82 -37.94 25.67
C SER A 537 -29.80 -36.78 25.64
N PRO A 538 -30.65 -36.71 24.61
CA PRO A 538 -31.59 -35.58 24.51
C PRO A 538 -32.51 -35.52 25.72
N LYS A 539 -32.73 -34.30 26.20
CA LYS A 539 -33.62 -34.07 27.34
C LYS A 539 -35.05 -33.77 26.93
N TYR A 540 -35.32 -33.60 25.64
CA TYR A 540 -36.66 -33.36 25.14
C TYR A 540 -37.13 -34.58 24.36
N GLU A 541 -38.41 -34.94 24.52
CA GLU A 541 -38.95 -36.08 23.80
C GLU A 541 -38.90 -35.85 22.29
N LYS A 542 -39.17 -34.63 21.85
CA LYS A 542 -39.12 -34.33 20.42
C LYS A 542 -37.70 -34.55 19.87
N ILE A 543 -36.69 -34.10 20.60
CA ILE A 543 -35.31 -34.31 20.15
C ILE A 543 -34.93 -35.77 20.27
N ALA A 544 -35.31 -36.43 21.37
CA ALA A 544 -34.98 -37.83 21.54
C ALA A 544 -35.59 -38.69 20.43
N ASN A 545 -36.73 -38.27 19.89
CA ASN A 545 -37.36 -39.01 18.80
C ASN A 545 -36.57 -38.87 17.51
N LEU A 546 -35.94 -37.73 17.28
CA LEU A 546 -35.12 -37.55 16.07
C LEU A 546 -33.98 -38.55 16.02
N PHE A 547 -33.47 -38.97 17.17
CA PHE A 547 -32.38 -39.92 17.26
C PHE A 547 -32.87 -41.37 17.34
N GLU A 548 -34.18 -41.59 17.24
CA GLU A 548 -34.70 -42.95 17.25
C GLU A 548 -34.12 -43.75 16.10
N GLY A 549 -33.76 -45.00 16.38
CA GLY A 549 -33.07 -45.84 15.43
C GLY A 549 -31.57 -45.69 15.46
N MET A 550 -31.04 -44.77 16.25
CA MET A 550 -29.61 -44.56 16.41
C MET A 550 -29.24 -44.76 17.88
N HIS A 551 -28.11 -45.41 18.13
CA HIS A 551 -27.66 -45.63 19.49
C HIS A 551 -26.90 -44.39 19.97
N ILE A 552 -27.41 -43.77 21.02
CA ILE A 552 -26.78 -42.59 21.61
C ILE A 552 -25.81 -43.08 22.69
N PRO A 553 -24.51 -42.79 22.56
CA PRO A 553 -23.56 -43.29 23.57
C PRO A 553 -23.91 -42.79 24.96
N THR A 554 -23.74 -43.67 25.94
CA THR A 554 -23.99 -43.35 27.33
C THR A 554 -22.66 -43.17 28.07
N THR A 555 -22.74 -42.94 29.37
CA THR A 555 -21.53 -42.84 30.17
C THR A 555 -20.75 -44.15 30.17
N GLU A 556 -21.45 -45.29 30.12
CA GLU A 556 -20.76 -46.57 30.01
C GLU A 556 -20.04 -46.70 28.67
N ASP A 557 -20.68 -46.26 27.58
CA ASP A 557 -20.02 -46.29 26.28
C ASP A 557 -18.80 -45.39 26.27
N TRP A 558 -18.90 -44.21 26.89
CA TRP A 558 -17.75 -43.32 26.96
C TRP A 558 -16.64 -43.91 27.84
N LYS A 559 -17.00 -44.62 28.91
CA LYS A 559 -15.99 -45.30 29.71
C LYS A 559 -15.27 -46.37 28.89
N LYS A 560 -16.03 -47.14 28.10
CA LYS A 560 -15.41 -48.14 27.24
C LYS A 560 -14.49 -47.49 26.21
N LEU A 561 -14.93 -46.38 25.62
CA LEU A 561 -14.10 -45.69 24.64
C LEU A 561 -12.85 -45.11 25.30
N LYS A 562 -12.97 -44.61 26.52
CA LYS A 562 -11.81 -44.11 27.26
C LYS A 562 -10.81 -45.22 27.50
N ALA A 563 -11.28 -46.40 27.93
CA ALA A 563 -10.39 -47.53 28.13
C ALA A 563 -9.74 -47.96 26.82
N PHE A 564 -10.52 -47.97 25.73
CA PHE A 564 -9.98 -48.35 24.43
C PHE A 564 -8.89 -47.39 23.98
N VAL A 565 -9.11 -46.09 24.17
CA VAL A 565 -8.10 -45.09 23.82
C VAL A 565 -6.85 -45.27 24.67
N ALA A 566 -7.04 -45.47 25.98
CA ALA A 566 -5.89 -45.72 26.85
C ALA A 566 -5.10 -46.93 26.37
N GLU A 567 -5.79 -47.94 25.87
CA GLU A 567 -5.10 -49.14 25.38
C GLU A 567 -4.35 -48.86 24.09
N HIS A 568 -5.01 -48.21 23.12
CA HIS A 568 -4.48 -48.11 21.77
C HIS A 568 -4.08 -46.70 21.36
N GLY A 569 -4.42 -45.68 22.13
CA GLY A 569 -4.07 -44.33 21.77
C GLY A 569 -5.02 -43.73 20.75
N MET A 570 -4.59 -42.62 20.18
CA MET A 570 -5.38 -41.87 19.22
C MET A 570 -4.51 -41.47 18.04
N TYR A 571 -5.01 -41.70 16.82
CA TYR A 571 -4.22 -41.44 15.62
C TYR A 571 -4.15 -39.97 15.27
N HIS A 572 -5.16 -39.19 15.65
CA HIS A 572 -5.25 -37.79 15.27
C HIS A 572 -5.14 -36.91 16.51
N SER A 573 -4.28 -35.90 16.44
CA SER A 573 -4.21 -34.92 17.52
C SER A 573 -5.43 -34.02 17.52
N TYR A 574 -6.04 -33.80 16.35
CA TYR A 574 -7.25 -33.01 16.21
C TYR A 574 -8.14 -33.68 15.17
N ARG A 575 -9.44 -33.69 15.44
CA ARG A 575 -10.40 -34.39 14.60
C ARG A 575 -11.51 -33.52 14.07
N LEU A 576 -12.05 -32.62 14.89
CA LEU A 576 -13.28 -31.91 14.58
C LEU A 576 -13.03 -30.41 14.53
N CYS A 577 -13.44 -29.79 13.43
CA CYS A 577 -13.48 -28.33 13.32
C CYS A 577 -14.58 -27.98 12.33
N ILE A 578 -15.35 -26.96 12.67
CA ILE A 578 -16.52 -26.57 11.88
C ILE A 578 -16.14 -25.34 11.07
N ALA A 579 -15.73 -25.57 9.83
CA ALA A 579 -15.38 -24.50 8.92
C ALA A 579 -16.63 -23.89 8.28
N PRO A 580 -16.51 -22.70 7.68
CA PRO A 580 -17.69 -22.04 7.10
C PRO A 580 -18.40 -22.86 6.03
N THR A 581 -17.68 -23.62 5.20
CA THR A 581 -18.28 -24.40 4.12
C THR A 581 -19.09 -23.49 3.19
N GLY A 582 -18.36 -22.58 2.55
CA GLY A 582 -19.00 -21.49 1.82
C GLY A 582 -19.77 -21.90 0.59
N SER A 583 -19.07 -22.36 -0.45
CA SER A 583 -19.71 -22.58 -1.74
C SER A 583 -20.17 -24.03 -1.95
N ILE A 584 -19.61 -24.98 -1.21
CA ILE A 584 -20.01 -26.38 -1.38
C ILE A 584 -21.36 -26.68 -0.75
N SER A 585 -21.90 -25.76 0.06
CA SER A 585 -23.22 -25.98 0.63
C SER A 585 -24.30 -25.96 -0.43
N TYR A 586 -24.12 -25.17 -1.49
CA TYR A 586 -25.11 -25.15 -2.57
C TYR A 586 -25.23 -26.52 -3.22
N VAL A 587 -24.09 -27.18 -3.48
CA VAL A 587 -24.13 -28.49 -4.11
C VAL A 587 -24.89 -29.48 -3.25
N GLN A 588 -24.67 -29.42 -1.92
CA GLN A 588 -25.36 -30.30 -0.99
C GLN A 588 -26.78 -29.86 -0.68
N SER A 589 -27.20 -28.69 -1.18
CA SER A 589 -28.52 -28.15 -0.88
C SER A 589 -28.73 -28.06 0.63
N SER A 590 -27.71 -27.56 1.32
CA SER A 590 -27.71 -27.48 2.77
C SER A 590 -27.36 -26.07 3.20
N THR A 591 -27.80 -25.71 4.41
CA THR A 591 -27.41 -24.43 5.00
C THR A 591 -25.92 -24.46 5.36
N ALA A 592 -25.33 -23.28 5.41
CA ALA A 592 -23.88 -23.16 5.60
C ALA A 592 -23.51 -23.46 7.05
N SER A 593 -22.66 -24.46 7.24
CA SER A 593 -22.08 -24.77 8.54
C SER A 593 -23.18 -24.92 9.57
N VAL A 594 -22.91 -24.56 10.83
CA VAL A 594 -23.89 -24.61 11.89
C VAL A 594 -24.49 -23.24 12.19
N MET A 595 -24.15 -22.24 11.39
CA MET A 595 -24.72 -20.91 11.55
C MET A 595 -26.17 -20.89 11.09
N PRO A 596 -26.97 -19.99 11.63
CA PRO A 596 -28.31 -19.77 11.07
C PRO A 596 -28.23 -19.09 9.72
N ILE A 597 -29.26 -19.32 8.91
CA ILE A 597 -29.28 -18.77 7.56
C ILE A 597 -29.32 -17.25 7.62
N MET A 598 -28.67 -16.62 6.63
CA MET A 598 -28.67 -15.16 6.56
C MET A 598 -29.95 -14.63 5.92
N GLU A 599 -30.41 -15.27 4.85
CA GLU A 599 -31.62 -14.88 4.16
C GLU A 599 -32.48 -16.10 3.89
N ARG A 600 -33.79 -15.91 3.86
CA ARG A 600 -34.69 -17.00 3.49
C ARG A 600 -34.55 -17.34 2.02
N ILE A 601 -34.49 -16.32 1.17
CA ILE A 601 -34.27 -16.50 -0.27
C ILE A 601 -33.05 -15.68 -0.65
N GLU A 602 -32.08 -16.33 -1.29
CA GLU A 602 -30.80 -15.72 -1.60
C GLU A 602 -30.84 -15.20 -3.04
N GLU A 603 -30.79 -13.89 -3.20
CA GLU A 603 -30.80 -13.25 -4.51
C GLU A 603 -29.38 -12.92 -4.91
N ARG A 604 -28.94 -13.45 -6.04
CA ARG A 604 -27.59 -13.22 -6.54
C ARG A 604 -27.63 -12.97 -8.04
N THR A 605 -26.66 -12.20 -8.52
CA THR A 605 -26.53 -11.88 -9.94
C THR A 605 -25.31 -12.59 -10.50
N TYR A 606 -25.54 -13.49 -11.45
CA TYR A 606 -24.47 -14.19 -12.15
C TYR A 606 -24.52 -13.77 -13.61
N GLY A 607 -23.37 -13.35 -14.14
CA GLY A 607 -23.38 -12.73 -15.45
C GLY A 607 -24.23 -11.48 -15.41
N ASN A 608 -25.17 -11.37 -16.35
CA ASN A 608 -26.12 -10.27 -16.36
C ASN A 608 -27.54 -10.72 -16.01
N SER A 609 -27.70 -11.95 -15.53
CA SER A 609 -28.98 -12.47 -15.08
C SER A 609 -28.90 -12.77 -13.59
N LYS A 610 -29.94 -12.37 -12.86
CA LYS A 610 -30.01 -12.57 -11.42
C LYS A 610 -30.75 -13.87 -11.11
N THR A 611 -30.31 -14.56 -10.05
CA THR A 611 -30.87 -15.83 -9.66
C THR A 611 -31.32 -15.78 -8.21
N TYR A 612 -32.34 -16.57 -7.89
CA TYR A 612 -32.90 -16.63 -6.54
C TYR A 612 -32.71 -18.03 -5.98
N TYR A 613 -32.15 -18.10 -4.78
CA TYR A 613 -31.91 -19.38 -4.11
C TYR A 613 -32.65 -19.43 -2.77
N PRO A 614 -33.83 -20.04 -2.71
CA PRO A 614 -34.48 -20.25 -1.42
C PRO A 614 -33.68 -21.22 -0.57
N MET A 615 -33.76 -21.03 0.74
CA MET A 615 -33.08 -21.92 1.65
C MET A 615 -33.59 -23.35 1.47
N PRO A 616 -32.72 -24.36 1.51
CA PRO A 616 -33.15 -25.72 1.21
C PRO A 616 -34.32 -26.15 2.10
N GLY A 617 -35.33 -26.75 1.47
CA GLY A 617 -36.52 -27.15 2.17
C GLY A 617 -37.46 -26.04 2.54
N LEU A 618 -37.21 -24.82 2.09
CA LEU A 618 -38.05 -23.68 2.44
C LEU A 618 -39.44 -23.85 1.84
N ALA A 619 -40.46 -23.63 2.67
CA ALA A 619 -41.84 -23.73 2.24
C ALA A 619 -42.70 -22.89 3.18
N SER A 620 -43.99 -22.81 2.87
CA SER A 620 -44.90 -22.03 3.70
C SER A 620 -44.98 -22.59 5.12
N ASN A 621 -45.03 -23.92 5.24
CA ASN A 621 -45.18 -24.54 6.56
C ASN A 621 -43.98 -24.24 7.46
N ASN A 622 -42.77 -24.29 6.90
CA ASN A 622 -41.55 -24.07 7.66
C ASN A 622 -40.94 -22.69 7.41
N TRP A 623 -41.72 -21.76 6.84
CA TRP A 623 -41.19 -20.42 6.59
C TRP A 623 -40.77 -19.74 7.88
N PHE A 624 -41.59 -19.86 8.93
CA PHE A 624 -41.29 -19.18 10.19
C PHE A 624 -40.12 -19.78 10.93
N PHE A 625 -39.85 -21.08 10.73
CA PHE A 625 -38.69 -21.71 11.36
C PHE A 625 -37.38 -21.35 10.67
N TYR A 626 -37.45 -20.85 9.43
CA TYR A 626 -36.25 -20.36 8.74
C TYR A 626 -35.98 -18.91 9.08
N LYS A 627 -35.93 -18.62 10.38
CA LYS A 627 -35.67 -17.27 10.82
C LYS A 627 -34.26 -16.84 10.43
N GLU A 628 -34.14 -15.59 9.96
CA GLU A 628 -32.84 -15.10 9.51
C GLU A 628 -31.97 -14.74 10.70
N ALA A 629 -30.66 -14.83 10.50
CA ALA A 629 -29.72 -14.63 11.59
C ALA A 629 -29.81 -13.21 12.15
N TYR A 630 -29.98 -12.22 11.29
CA TYR A 630 -30.04 -10.84 11.75
C TYR A 630 -31.24 -10.61 12.66
N ASP A 631 -32.32 -11.36 12.45
CA ASP A 631 -33.49 -11.27 13.31
C ASP A 631 -33.35 -12.12 14.57
N MET A 632 -32.26 -12.85 14.72
CA MET A 632 -32.07 -13.76 15.84
C MET A 632 -31.39 -13.05 17.00
N ASP A 633 -31.65 -13.55 18.21
CA ASP A 633 -30.96 -13.10 19.40
C ASP A 633 -29.55 -13.68 19.39
N MET A 634 -28.54 -12.83 19.22
CA MET A 634 -27.17 -13.32 19.15
C MET A 634 -26.74 -14.04 20.43
N PHE A 635 -27.42 -13.77 21.55
CA PHE A 635 -27.13 -14.53 22.77
C PHE A 635 -27.54 -15.99 22.62
N LYS A 636 -28.68 -16.25 21.96
CA LYS A 636 -29.09 -17.62 21.73
C LYS A 636 -28.18 -18.31 20.71
N VAL A 637 -27.70 -17.57 19.71
CA VAL A 637 -26.73 -18.13 18.77
C VAL A 637 -25.45 -18.49 19.49
N VAL A 638 -25.01 -17.62 20.41
CA VAL A 638 -23.83 -17.91 21.22
C VAL A 638 -24.07 -19.15 22.06
N ASP A 639 -25.27 -19.28 22.64
CA ASP A 639 -25.59 -20.46 23.43
C ASP A 639 -25.51 -21.73 22.59
N MET A 640 -26.06 -21.69 21.38
CA MET A 640 -26.03 -22.86 20.51
C MET A 640 -24.60 -23.22 20.12
N ILE A 641 -23.80 -22.21 19.76
CA ILE A 641 -22.42 -22.47 19.35
C ILE A 641 -21.61 -23.01 20.52
N ALA A 642 -21.85 -22.49 21.73
CA ALA A 642 -21.16 -23.02 22.91
C ALA A 642 -21.59 -24.44 23.21
N THR A 643 -22.87 -24.75 23.00
CA THR A 643 -23.32 -26.14 23.16
C THR A 643 -22.61 -27.06 22.18
N ILE A 644 -22.50 -26.65 20.92
CA ILE A 644 -21.77 -27.44 19.94
C ILE A 644 -20.29 -27.50 20.30
N GLN A 645 -19.72 -26.36 20.71
CA GLN A 645 -18.28 -26.28 20.92
C GLN A 645 -17.79 -27.20 22.03
N GLN A 646 -18.65 -27.60 22.95
CA GLN A 646 -18.21 -28.50 24.02
C GLN A 646 -17.86 -29.89 23.50
N HIS A 647 -18.21 -30.20 22.24
CA HIS A 647 -17.89 -31.48 21.64
C HIS A 647 -16.93 -31.36 20.46
N ILE A 648 -16.53 -30.15 20.11
CA ILE A 648 -15.56 -29.91 19.05
C ILE A 648 -14.21 -29.61 19.70
N ASP A 649 -13.20 -30.37 19.32
CA ASP A 649 -11.87 -30.17 19.90
C ASP A 649 -11.18 -28.94 19.33
N GLN A 650 -11.44 -28.62 18.07
CA GLN A 650 -11.00 -27.36 17.46
C GLN A 650 -12.09 -26.31 17.60
N GLY A 651 -11.97 -25.21 16.87
CA GLY A 651 -12.92 -24.13 16.94
C GLY A 651 -14.07 -24.28 15.96
N ILE A 652 -14.93 -23.26 15.96
CA ILE A 652 -16.08 -23.16 15.07
C ILE A 652 -16.10 -21.76 14.49
N SER A 653 -16.15 -21.66 13.16
CA SER A 653 -16.29 -20.36 12.51
C SER A 653 -17.62 -19.75 12.92
N PHE A 654 -17.58 -18.69 13.72
CA PHE A 654 -18.76 -18.11 14.33
C PHE A 654 -18.91 -16.67 13.85
N THR A 655 -19.81 -16.44 12.91
CA THR A 655 -20.09 -15.11 12.41
C THR A 655 -21.18 -14.46 13.25
N LEU A 656 -20.95 -13.20 13.62
CA LEU A 656 -21.95 -12.42 14.34
C LEU A 656 -22.79 -11.63 13.34
N PHE A 657 -24.10 -11.78 13.44
CA PHE A 657 -25.05 -11.13 12.54
C PHE A 657 -25.71 -9.99 13.30
N LEU A 658 -25.34 -8.76 12.96
CA LEU A 658 -25.73 -7.59 13.72
C LEU A 658 -26.61 -6.68 12.87
N LYS A 659 -27.65 -6.14 13.49
CA LYS A 659 -28.46 -5.11 12.86
C LYS A 659 -27.75 -3.77 12.89
N ASP A 660 -28.05 -2.92 11.91
CA ASP A 660 -27.41 -1.62 11.84
C ASP A 660 -27.71 -0.77 13.06
N THR A 661 -28.80 -1.05 13.79
CA THR A 661 -29.15 -0.26 14.96
C THR A 661 -28.39 -0.67 16.21
N MET A 662 -27.67 -1.80 16.17
CA MET A 662 -26.91 -2.23 17.34
C MET A 662 -25.67 -1.37 17.51
N THR A 663 -25.49 -0.84 18.71
CA THR A 663 -24.34 0.00 19.02
C THR A 663 -23.10 -0.85 19.23
N THR A 664 -21.96 -0.19 19.42
CA THR A 664 -20.74 -0.93 19.73
C THR A 664 -20.85 -1.63 21.08
N ARG A 665 -21.69 -1.11 21.97
CA ARG A 665 -21.89 -1.78 23.25
C ARG A 665 -22.57 -3.12 23.08
N ASP A 666 -23.51 -3.22 22.13
CA ASP A 666 -24.14 -4.50 21.86
C ASP A 666 -23.14 -5.53 21.35
N LEU A 667 -22.25 -5.11 20.45
CA LEU A 667 -21.21 -6.02 19.96
C LEU A 667 -20.27 -6.42 21.09
N ASN A 668 -19.89 -5.46 21.94
CA ASN A 668 -19.01 -5.78 23.06
C ASN A 668 -19.68 -6.77 24.01
N ARG A 669 -20.97 -6.57 24.28
CA ARG A 669 -21.70 -7.50 25.14
C ARG A 669 -21.79 -8.88 24.50
N ILE A 670 -21.98 -8.94 23.19
CA ILE A 670 -22.02 -10.25 22.53
C ILE A 670 -20.68 -10.96 22.65
N ASP A 671 -19.58 -10.23 22.45
CA ASP A 671 -18.26 -10.82 22.61
C ASP A 671 -18.02 -11.27 24.05
N LEU A 672 -18.44 -10.46 25.01
CA LEU A 672 -18.24 -10.81 26.41
C LEU A 672 -19.06 -12.03 26.80
N TYR A 673 -20.28 -12.13 26.27
CA TYR A 673 -21.10 -13.30 26.54
C TYR A 673 -20.52 -14.55 25.88
N ALA A 674 -19.96 -14.40 24.67
CA ALA A 674 -19.31 -15.52 24.02
C ALA A 674 -18.11 -16.00 24.83
N HIS A 675 -17.30 -15.06 25.32
CA HIS A 675 -16.18 -15.43 26.19
C HIS A 675 -16.66 -16.09 27.47
N HIS A 676 -17.76 -15.59 28.03
CA HIS A 676 -18.31 -16.16 29.26
C HIS A 676 -18.84 -17.57 29.02
N ARG A 677 -19.40 -17.82 27.83
CA ARG A 677 -20.05 -19.09 27.54
C ARG A 677 -19.08 -20.14 26.99
N GLY A 678 -17.80 -19.83 26.90
CA GLY A 678 -16.82 -20.78 26.40
C GLY A 678 -16.50 -20.67 24.92
N ILE A 679 -17.02 -19.66 24.23
CA ILE A 679 -16.76 -19.52 22.80
C ILE A 679 -15.26 -19.31 22.60
N LYS A 680 -14.68 -20.06 21.67
CA LYS A 680 -13.24 -20.00 21.45
C LYS A 680 -12.86 -18.85 20.51
N THR A 681 -13.58 -18.70 19.40
CA THR A 681 -13.27 -17.69 18.41
C THR A 681 -14.55 -17.05 17.92
N ILE A 682 -14.43 -15.81 17.45
CA ILE A 682 -15.52 -15.10 16.79
C ILE A 682 -15.00 -14.71 15.41
N TYR A 683 -15.72 -15.12 14.36
CA TYR A 683 -15.18 -14.98 13.01
C TYR A 683 -15.41 -13.59 12.43
N TYR A 684 -16.68 -13.22 12.23
CA TYR A 684 -17.00 -11.99 11.51
C TYR A 684 -18.14 -11.29 12.21
N ALA A 685 -18.16 -9.97 12.07
CA ALA A 685 -19.28 -9.14 12.48
C ALA A 685 -19.98 -8.69 11.22
N ARG A 686 -21.05 -9.40 10.85
CA ARG A 686 -21.85 -9.06 9.68
C ARG A 686 -23.02 -8.19 10.11
N THR A 687 -23.18 -7.05 9.46
CA THR A 687 -24.25 -6.11 9.76
C THR A 687 -25.24 -6.08 8.61
N LYS A 688 -26.53 -6.09 8.94
CA LYS A 688 -27.58 -6.07 7.93
C LYS A 688 -27.80 -4.65 7.40
N VAL B 6 23.54 30.91 17.10
CA VAL B 6 24.32 30.35 16.00
C VAL B 6 25.77 30.16 16.42
N PRO B 7 26.34 29.00 16.08
CA PRO B 7 27.75 28.75 16.42
C PRO B 7 28.68 29.78 15.82
N LYS B 8 29.77 30.08 16.52
CA LYS B 8 30.73 31.06 16.03
C LYS B 8 31.35 30.63 14.70
N TRP B 9 31.70 29.34 14.60
CA TRP B 9 32.30 28.85 13.36
C TRP B 9 31.32 28.97 12.20
N ILE B 10 30.03 28.75 12.46
CA ILE B 10 29.03 28.88 11.40
C ILE B 10 28.90 30.33 10.97
N GLN B 11 28.97 31.27 11.91
CA GLN B 11 28.97 32.68 11.54
C GLN B 11 30.19 33.03 10.70
N LEU B 12 31.36 32.50 11.06
CA LEU B 12 32.55 32.74 10.25
C LEU B 12 32.38 32.17 8.86
N ASN B 13 31.81 30.97 8.74
CA ASN B 13 31.59 30.36 7.44
C ASN B 13 30.61 31.17 6.61
N ASN B 14 29.51 31.62 7.21
CA ASN B 14 28.53 32.42 6.49
C ASN B 14 29.12 33.72 5.97
N GLU B 15 30.23 34.18 6.55
CA GLU B 15 30.93 35.35 6.03
C GLU B 15 31.56 35.08 4.67
N ILE B 16 31.61 33.82 4.24
CA ILE B 16 32.13 33.49 2.91
C ILE B 16 31.34 34.24 1.85
N MET B 17 30.01 34.19 1.94
CA MET B 17 29.16 34.79 0.92
C MET B 17 29.11 36.30 1.01
N ILE B 18 29.47 36.89 2.14
CA ILE B 18 29.44 38.34 2.29
C ILE B 18 30.57 38.92 1.44
N GLN B 19 30.20 39.52 0.32
CA GLN B 19 31.20 40.03 -0.62
C GLN B 19 31.93 41.23 -0.02
N LYS B 20 33.25 41.21 -0.11
CA LYS B 20 34.09 42.32 0.33
C LYS B 20 34.98 42.73 -0.84
N ASP B 21 34.87 43.99 -1.25
CA ASP B 21 35.55 44.47 -2.46
C ASP B 21 35.05 43.70 -3.69
N GLY B 22 33.77 43.36 -3.67
CA GLY B 22 33.19 42.59 -4.76
C GLY B 22 33.71 41.19 -4.90
N LYS B 23 34.40 40.66 -3.89
CA LYS B 23 35.00 39.34 -3.93
C LYS B 23 34.56 38.53 -2.73
N PHE B 24 34.35 37.24 -2.95
CA PHE B 24 33.99 36.34 -1.86
C PHE B 24 35.14 36.24 -0.85
N GLN B 25 34.80 36.21 0.43
CA GLN B 25 35.78 36.11 1.50
C GLN B 25 36.12 34.64 1.74
N PHE B 26 36.91 34.09 0.82
CA PHE B 26 37.26 32.68 0.88
C PHE B 26 38.13 32.37 2.09
N ASP B 27 38.96 33.32 2.53
CA ASP B 27 39.81 33.09 3.70
C ASP B 27 38.99 32.88 4.96
N LYS B 28 37.70 33.24 4.95
CA LYS B 28 36.87 33.07 6.13
C LYS B 28 36.60 31.61 6.43
N ASP B 29 36.80 30.71 5.46
CA ASP B 29 36.55 29.29 5.70
C ASP B 29 37.65 28.67 6.56
N LYS B 30 38.89 29.11 6.37
CA LYS B 30 39.97 28.65 7.26
C LYS B 30 39.72 29.10 8.69
N GLU B 31 39.32 30.37 8.87
CA GLU B 31 38.92 30.83 10.19
C GLU B 31 37.72 30.05 10.70
N ALA B 32 36.77 29.75 9.81
CA ALA B 32 35.60 28.97 10.22
C ALA B 32 35.99 27.59 10.72
N VAL B 33 36.89 26.92 10.01
CA VAL B 33 37.30 25.58 10.42
C VAL B 33 38.11 25.64 11.71
N HIS B 34 38.99 26.63 11.84
CA HIS B 34 39.77 26.76 13.07
C HIS B 34 38.85 27.00 14.27
N SER B 35 37.87 27.90 14.12
CA SER B 35 36.92 28.15 15.19
C SER B 35 36.10 26.91 15.50
N TYR B 36 35.62 26.22 14.47
CA TYR B 36 34.89 24.98 14.67
C TYR B 36 35.69 24.02 15.53
N PHE B 37 36.94 23.76 15.15
CA PHE B 37 37.77 22.86 15.94
C PHE B 37 37.90 23.38 17.37
N VAL B 38 38.51 24.56 17.53
CA VAL B 38 38.87 25.05 18.86
C VAL B 38 37.67 25.13 19.79
N ASP B 39 36.47 25.38 19.25
CA ASP B 39 35.31 25.61 20.10
C ASP B 39 34.41 24.39 20.27
N TYR B 40 34.42 23.44 19.34
CA TYR B 40 33.56 22.26 19.47
C TYR B 40 34.34 20.96 19.50
N ILE B 41 35.28 20.77 18.58
CA ILE B 41 35.89 19.44 18.42
C ILE B 41 36.81 19.14 19.59
N ASN B 42 37.68 20.09 19.95
CA ASN B 42 38.56 19.89 21.08
C ASN B 42 37.78 19.75 22.38
N GLN B 43 36.71 20.53 22.53
CA GLN B 43 35.89 20.44 23.74
C GLN B 43 35.21 19.08 23.86
N ASN B 44 34.61 18.60 22.77
CA ASN B 44 33.85 17.37 22.77
C ASN B 44 34.69 16.13 22.45
N THR B 45 36.01 16.27 22.41
CA THR B 45 36.90 15.14 22.17
C THR B 45 37.28 14.53 23.51
N VAL B 46 36.98 13.24 23.69
CA VAL B 46 37.33 12.56 24.93
C VAL B 46 38.83 12.62 25.14
N PHE B 47 39.24 12.68 26.40
CA PHE B 47 40.65 12.79 26.77
C PHE B 47 41.17 11.45 27.24
N PHE B 48 42.32 11.05 26.73
CA PHE B 48 42.99 9.82 27.13
C PHE B 48 44.45 10.13 27.44
N HIS B 49 44.93 9.59 28.56
CA HIS B 49 46.28 9.93 29.01
C HIS B 49 47.33 9.50 27.99
N ASN B 50 47.15 8.32 27.39
CA ASN B 50 48.08 7.81 26.40
C ASN B 50 47.29 7.02 25.36
N LEU B 51 48.00 6.56 24.33
CA LEU B 51 47.37 5.75 23.30
C LEU B 51 46.99 4.38 23.83
N LYS B 52 47.78 3.82 24.75
CA LYS B 52 47.48 2.51 25.30
C LYS B 52 46.13 2.53 26.03
N GLU B 53 45.91 3.56 26.84
CA GLU B 53 44.64 3.69 27.55
C GLU B 53 43.49 3.87 26.58
N LYS B 54 43.67 4.69 25.55
CA LYS B 54 42.61 4.89 24.56
C LYS B 54 42.26 3.59 23.86
N LEU B 55 43.26 2.83 23.45
CA LEU B 55 43.02 1.55 22.79
C LEU B 55 42.31 0.58 23.72
N ASP B 56 42.74 0.51 24.97
CA ASP B 56 42.07 -0.37 25.93
C ASP B 56 40.61 0.03 26.11
N TYR B 57 40.34 1.33 26.29
CA TYR B 57 38.97 1.78 26.46
C TYR B 57 38.13 1.45 25.23
N LEU B 58 38.68 1.64 24.04
CA LEU B 58 37.91 1.39 22.83
C LEU B 58 37.64 -0.09 22.64
N VAL B 59 38.61 -0.95 22.97
CA VAL B 59 38.42 -2.39 22.81
C VAL B 59 37.43 -2.92 23.84
N GLU B 60 37.63 -2.56 25.11
CA GLU B 60 36.77 -3.10 26.17
C GLU B 60 35.33 -2.63 26.01
N ASN B 61 35.13 -1.37 25.63
CA ASN B 61 33.80 -0.80 25.52
C ASN B 61 33.10 -1.18 24.22
N GLN B 62 33.57 -2.23 23.54
CA GLN B 62 32.90 -2.77 22.35
C GLN B 62 32.84 -1.73 21.23
N TYR B 63 33.87 -0.88 21.15
CA TYR B 63 34.00 0.07 20.06
C TYR B 63 34.84 -0.44 18.91
N TYR B 64 35.92 -1.16 19.22
CA TYR B 64 36.83 -1.70 18.22
C TYR B 64 36.81 -3.22 18.25
N GLU B 65 37.10 -3.81 17.11
CA GLU B 65 37.32 -5.26 17.03
C GLU B 65 38.73 -5.57 17.52
N GLU B 66 38.83 -6.37 18.58
CA GLU B 66 40.13 -6.66 19.19
C GLU B 66 40.98 -7.59 18.34
N GLU B 67 40.38 -8.35 17.43
CA GLU B 67 41.13 -9.34 16.66
C GLU B 67 42.17 -8.68 15.77
N PHE B 68 41.77 -7.64 15.03
CA PHE B 68 42.71 -7.02 14.09
C PHE B 68 43.79 -6.24 14.80
N LEU B 69 43.49 -5.67 15.97
CA LEU B 69 44.49 -4.97 16.75
C LEU B 69 45.44 -5.91 17.47
N SER B 70 45.07 -7.19 17.60
CA SER B 70 45.91 -8.16 18.28
C SER B 70 47.07 -8.65 17.42
N LEU B 71 47.09 -8.30 16.13
CA LEU B 71 48.18 -8.72 15.25
C LEU B 71 49.40 -7.82 15.35
N TYR B 72 49.33 -6.74 16.12
CA TYR B 72 50.43 -5.81 16.27
C TYR B 72 50.81 -5.71 17.74
N SER B 73 52.12 -5.69 18.00
CA SER B 73 52.60 -5.27 19.30
C SER B 73 52.25 -3.80 19.51
N PHE B 74 51.97 -3.43 20.77
CA PHE B 74 51.55 -2.05 21.02
C PHE B 74 52.61 -1.06 20.55
N GLU B 75 53.87 -1.46 20.49
CA GLU B 75 54.90 -0.59 19.94
C GLU B 75 54.61 -0.25 18.48
N ASP B 76 54.21 -1.26 17.70
CA ASP B 76 53.90 -1.02 16.30
C ASP B 76 52.65 -0.15 16.13
N ILE B 77 51.63 -0.38 16.96
CA ILE B 77 50.43 0.46 16.90
C ILE B 77 50.79 1.90 17.25
N LYS B 78 51.63 2.09 18.26
CA LYS B 78 52.06 3.44 18.62
C LYS B 78 52.84 4.08 17.47
N GLU B 79 53.70 3.32 16.82
CA GLU B 79 54.45 3.86 15.68
C GLU B 79 53.51 4.27 14.55
N VAL B 80 52.49 3.46 14.27
CA VAL B 80 51.55 3.78 13.21
C VAL B 80 50.77 5.05 13.57
N PHE B 81 50.31 5.15 14.82
CA PHE B 81 49.57 6.33 15.23
C PHE B 81 50.44 7.58 15.19
N LYS B 82 51.72 7.45 15.58
CA LYS B 82 52.64 8.59 15.46
C LYS B 82 52.82 8.99 13.99
N THR B 83 52.91 8.00 13.11
CA THR B 83 53.02 8.30 11.68
C THR B 83 51.80 9.08 11.20
N ALA B 84 50.61 8.66 11.62
CA ALA B 84 49.41 9.40 11.24
C ALA B 84 49.43 10.82 11.81
N TYR B 85 49.84 10.96 13.08
CA TYR B 85 49.82 12.26 13.73
C TYR B 85 51.00 13.13 13.33
N ALA B 86 52.12 12.55 12.89
CA ALA B 86 53.30 13.34 12.55
C ALA B 86 53.01 14.32 11.43
N LYS B 87 52.05 14.00 10.55
CA LYS B 87 51.75 14.88 9.43
C LYS B 87 51.17 16.22 9.85
N LYS B 88 50.54 16.28 11.04
CA LYS B 88 49.86 17.49 11.49
C LYS B 88 48.83 17.95 10.47
N PHE B 89 48.02 16.98 10.00
CA PHE B 89 47.03 17.27 8.98
C PHE B 89 46.02 18.28 9.49
N ARG B 90 45.70 19.26 8.65
CA ARG B 90 44.71 20.28 8.95
C ARG B 90 43.65 20.30 7.87
N PHE B 91 42.39 20.29 8.28
CA PHE B 91 41.31 20.41 7.31
C PHE B 91 41.33 21.81 6.70
N PRO B 92 41.28 21.92 5.36
CA PRO B 92 41.38 23.25 4.74
C PRO B 92 40.08 24.02 4.77
N SER B 93 38.95 23.38 5.05
CA SER B 93 37.66 24.04 5.04
C SER B 93 36.81 23.51 6.18
N PHE B 94 35.81 24.30 6.57
CA PHE B 94 34.92 23.89 7.65
C PHE B 94 34.12 22.66 7.27
N MET B 95 33.69 22.56 6.02
CA MET B 95 32.81 21.46 5.62
C MET B 95 33.52 20.12 5.71
N SER B 96 34.81 20.07 5.40
CA SER B 96 35.54 18.80 5.48
C SER B 96 35.52 18.25 6.90
N ALA B 97 35.93 19.08 7.87
CA ALA B 97 35.95 18.64 9.26
C ALA B 97 34.55 18.37 9.77
N PHE B 98 33.58 19.19 9.38
CA PHE B 98 32.21 18.96 9.81
C PHE B 98 31.70 17.61 9.32
N LYS B 99 31.91 17.32 8.04
CA LYS B 99 31.47 16.05 7.48
C LYS B 99 32.16 14.88 8.16
N PHE B 100 33.48 14.98 8.36
CA PHE B 100 34.19 13.88 9.01
C PHE B 100 33.66 13.63 10.41
N TYR B 101 33.59 14.69 11.23
CA TYR B 101 33.22 14.53 12.62
C TYR B 101 31.73 14.35 12.83
N ASN B 102 30.91 14.49 11.79
CA ASN B 102 29.49 14.17 11.90
C ASN B 102 29.13 12.82 11.31
N ASP B 103 29.89 12.30 10.36
CA ASP B 103 29.57 11.04 9.70
C ASP B 103 30.50 9.90 10.05
N TYR B 104 31.82 10.14 10.07
CA TYR B 104 32.79 9.05 10.16
C TYR B 104 33.53 9.00 11.48
N ALA B 105 33.65 10.13 12.19
CA ALA B 105 34.36 10.12 13.47
C ALA B 105 33.59 9.28 14.48
N LEU B 106 34.29 8.34 15.11
CA LEU B 106 33.67 7.49 16.11
C LEU B 106 33.22 8.32 17.30
N LYS B 107 31.97 8.12 17.71
CA LYS B 107 31.39 8.83 18.84
C LYS B 107 30.91 7.83 19.89
N THR B 108 30.87 8.29 21.13
CA THR B 108 30.37 7.45 22.22
C THR B 108 28.97 6.95 21.90
N ASN B 109 28.55 5.91 22.63
CA ASN B 109 27.28 5.25 22.33
C ASN B 109 26.12 6.24 22.40
N ASP B 110 26.26 7.30 23.18
CA ASP B 110 25.23 8.34 23.25
C ASP B 110 25.38 9.41 22.19
N LYS B 111 26.40 9.31 21.34
CA LYS B 111 26.66 10.31 20.30
C LYS B 111 26.84 11.70 20.90
N LYS B 112 27.52 11.76 22.05
CA LYS B 112 27.76 13.01 22.76
C LYS B 112 29.20 13.47 22.67
N LYS B 113 30.16 12.57 22.76
CA LYS B 113 31.58 12.89 22.72
C LYS B 113 32.23 12.25 21.50
N ILE B 114 33.40 12.76 21.16
CA ILE B 114 34.18 12.28 20.02
C ILE B 114 35.32 11.41 20.55
N LEU B 115 35.35 10.15 20.11
CA LEU B 115 36.40 9.24 20.50
C LEU B 115 37.54 9.13 19.48
N GLU B 116 37.27 9.49 18.24
CA GLU B 116 38.26 9.38 17.17
C GLU B 116 38.47 10.74 16.50
N ARG B 117 39.73 11.08 16.26
CA ARG B 117 40.08 12.17 15.38
C ARG B 117 40.32 11.63 13.97
N TYR B 118 40.65 12.53 13.03
CA TYR B 118 40.99 12.07 11.69
C TYR B 118 42.20 11.15 11.72
N GLU B 119 43.22 11.50 12.51
CA GLU B 119 44.40 10.66 12.62
C GLU B 119 44.05 9.29 13.20
N ASP B 120 43.18 9.26 14.21
CA ASP B 120 42.82 7.99 14.82
C ASP B 120 42.10 7.08 13.83
N ARG B 121 41.14 7.62 13.09
CA ARG B 121 40.45 6.82 12.09
C ARG B 121 41.40 6.35 11.00
N ILE B 122 42.29 7.23 10.54
CA ILE B 122 43.25 6.85 9.51
C ILE B 122 44.16 5.72 10.02
N SER B 123 44.64 5.83 11.26
CA SER B 123 45.52 4.81 11.81
C SER B 123 44.79 3.49 11.97
N ILE B 124 43.53 3.52 12.43
CA ILE B 124 42.78 2.28 12.58
C ILE B 124 42.55 1.63 11.22
N VAL B 125 42.21 2.43 10.21
CA VAL B 125 42.00 1.88 8.88
C VAL B 125 43.28 1.30 8.33
N ALA B 126 44.41 1.98 8.55
CA ALA B 126 45.70 1.48 8.05
C ALA B 126 46.09 0.17 8.74
N LEU B 127 45.85 0.09 10.06
CA LEU B 127 46.17 -1.15 10.78
C LEU B 127 45.26 -2.28 10.34
N PHE B 128 43.99 -1.98 10.05
CA PHE B 128 43.08 -2.99 9.51
C PHE B 128 43.55 -3.47 8.14
N PHE B 129 43.99 -2.54 7.29
CA PHE B 129 44.46 -2.90 5.96
C PHE B 129 45.72 -3.75 6.04
N ALA B 130 46.68 -3.36 6.88
CA ALA B 130 47.99 -4.00 6.89
C ALA B 130 47.90 -5.45 7.34
N ASN B 131 46.87 -5.82 8.09
CA ASN B 131 46.64 -7.20 8.50
C ASN B 131 47.87 -7.76 9.23
N GLY B 132 48.46 -6.95 10.10
CA GLY B 132 49.61 -7.37 10.89
C GLY B 132 50.95 -6.90 10.39
N ASP B 133 51.00 -6.10 9.33
CA ASP B 133 52.25 -5.58 8.78
C ASP B 133 52.40 -4.13 9.23
N THR B 134 53.43 -3.86 10.03
CA THR B 134 53.61 -2.52 10.56
C THR B 134 54.10 -1.55 9.49
N GLU B 135 55.05 -1.98 8.65
CA GLU B 135 55.51 -1.12 7.57
C GLU B 135 54.39 -0.86 6.57
N LYS B 136 53.61 -1.89 6.25
CA LYS B 136 52.47 -1.71 5.37
C LYS B 136 51.44 -0.78 6.01
N ALA B 137 51.24 -0.90 7.31
CA ALA B 137 50.31 0.00 8.01
C ALA B 137 50.80 1.44 7.93
N LYS B 138 52.11 1.66 8.08
CA LYS B 138 52.66 3.00 7.95
C LYS B 138 52.48 3.53 6.54
N GLU B 139 52.67 2.67 5.53
CA GLU B 139 52.44 3.10 4.15
C GLU B 139 50.99 3.49 3.94
N TYR B 140 50.06 2.71 4.48
CA TYR B 140 48.64 3.05 4.37
C TYR B 140 48.34 4.36 5.09
N VAL B 141 48.94 4.57 6.25
CA VAL B 141 48.74 5.81 6.99
C VAL B 141 49.23 6.99 6.18
N ASN B 142 50.40 6.87 5.56
CA ASN B 142 50.92 7.95 4.72
C ASN B 142 50.01 8.20 3.52
N LEU B 143 49.49 7.12 2.92
CA LEU B 143 48.60 7.28 1.77
C LEU B 143 47.33 8.02 2.15
N MET B 144 46.71 7.62 3.27
CA MET B 144 45.43 8.23 3.65
C MET B 144 45.60 9.62 4.22
N ILE B 145 46.63 9.84 5.05
CA ILE B 145 46.83 11.15 5.64
C ILE B 145 47.26 12.16 4.59
N ASN B 146 48.05 11.73 3.61
CA ASN B 146 48.30 12.56 2.43
C ASN B 146 47.06 12.70 1.56
N GLN B 147 46.01 11.93 1.84
CA GLN B 147 44.74 12.01 1.12
C GLN B 147 44.91 11.67 -0.36
N GLU B 148 45.91 10.84 -0.67
CA GLU B 148 46.05 10.34 -2.03
C GLU B 148 45.03 9.25 -2.33
N TYR B 149 44.58 8.54 -1.31
CA TYR B 149 43.60 7.46 -1.47
C TYR B 149 42.54 7.59 -0.39
N GLN B 150 41.28 7.45 -0.77
CA GLN B 150 40.16 7.48 0.16
C GLN B 150 39.38 6.18 0.07
N PRO B 151 39.43 5.32 1.07
CA PRO B 151 38.57 4.13 1.07
C PRO B 151 37.10 4.53 1.05
N SER B 152 36.29 3.70 0.41
CA SER B 152 34.86 3.98 0.29
C SER B 152 34.26 4.25 1.67
N THR B 153 33.10 4.92 1.69
CA THR B 153 32.46 5.23 2.96
C THR B 153 32.25 4.01 3.85
N PRO B 154 31.78 2.86 3.34
CA PRO B 154 31.66 1.70 4.22
C PRO B 154 32.97 1.26 4.86
N THR B 155 34.02 1.12 4.05
CA THR B 155 35.31 0.71 4.60
C THR B 155 35.86 1.76 5.56
N PHE B 156 35.82 3.03 5.17
CA PHE B 156 36.37 4.09 6.00
C PHE B 156 35.64 4.18 7.34
N LEU B 157 34.32 4.06 7.32
CA LEU B 157 33.52 4.20 8.54
C LEU B 157 33.61 2.96 9.42
N ASN B 158 33.59 1.77 8.84
CA ASN B 158 33.38 0.54 9.59
C ASN B 158 34.65 -0.24 9.89
N ALA B 159 35.75 0.03 9.19
CA ALA B 159 36.95 -0.76 9.38
C ALA B 159 37.41 -0.69 10.83
N GLY B 160 37.67 -1.85 11.43
CA GLY B 160 38.14 -1.92 12.79
C GLY B 160 37.12 -1.69 13.86
N ARG B 161 35.83 -1.67 13.53
CA ARG B 161 34.77 -1.41 14.48
C ARG B 161 33.97 -2.69 14.74
N LYS B 162 33.71 -2.97 16.01
CA LYS B 162 32.96 -4.17 16.37
C LYS B 162 31.52 -4.10 15.87
N ARG B 163 30.84 -2.98 16.16
CA ARG B 163 29.45 -2.80 15.73
C ARG B 163 29.41 -2.07 14.38
N ARG B 164 29.81 -2.81 13.34
CA ARG B 164 29.97 -2.26 12.00
C ARG B 164 29.15 -3.07 11.00
N GLY B 165 28.73 -2.39 9.93
CA GLY B 165 28.19 -3.06 8.78
C GLY B 165 29.29 -3.60 7.89
N GLU B 166 28.88 -4.21 6.79
CA GLU B 166 29.85 -4.74 5.84
C GLU B 166 30.65 -3.62 5.19
N LEU B 167 31.91 -3.92 4.87
CA LEU B 167 32.75 -2.95 4.19
C LEU B 167 32.41 -2.85 2.70
N VAL B 168 31.71 -3.82 2.16
CA VAL B 168 31.20 -3.76 0.79
C VAL B 168 29.75 -3.30 0.85
N SER B 169 29.39 -2.33 0.00
CA SER B 169 28.08 -1.70 0.08
C SER B 169 27.33 -1.74 -1.24
N CYS B 170 27.87 -2.38 -2.28
CA CYS B 170 27.21 -2.47 -3.58
C CYS B 170 27.10 -3.93 -3.98
N PHE B 171 25.87 -4.38 -4.22
CA PHE B 171 25.60 -5.77 -4.58
C PHE B 171 24.67 -5.81 -5.78
N LEU B 172 24.90 -6.79 -6.66
CA LEU B 172 24.07 -7.03 -7.84
C LEU B 172 23.54 -8.45 -7.79
N LEU B 173 22.23 -8.60 -7.92
CA LEU B 173 21.58 -9.89 -7.77
C LEU B 173 20.90 -10.29 -9.07
N GLU B 174 21.22 -11.48 -9.57
CA GLU B 174 20.46 -12.09 -10.65
C GLU B 174 19.25 -12.80 -10.07
N VAL B 175 18.11 -12.65 -10.74
CA VAL B 175 16.86 -13.26 -10.31
C VAL B 175 16.40 -14.22 -11.40
N ASN B 176 16.18 -15.48 -11.03
CA ASN B 176 15.68 -16.48 -11.96
C ASN B 176 14.16 -16.45 -11.99
N ASP B 177 13.60 -16.97 -13.08
CA ASP B 177 12.17 -16.92 -13.34
C ASP B 177 11.48 -18.07 -12.60
N SER B 178 11.22 -17.86 -11.32
CA SER B 178 10.51 -18.84 -10.50
C SER B 178 10.16 -18.19 -9.17
N LEU B 179 9.13 -18.75 -8.52
CA LEU B 179 8.71 -18.22 -7.22
C LEU B 179 9.81 -18.40 -6.17
N ASN B 180 10.47 -19.56 -6.16
CA ASN B 180 11.57 -19.77 -5.23
C ASN B 180 12.66 -18.72 -5.43
N ASP B 181 13.01 -18.44 -6.68
CA ASP B 181 14.05 -17.46 -6.96
C ASP B 181 13.60 -16.05 -6.57
N ILE B 182 12.33 -15.71 -6.81
CA ILE B 182 11.85 -14.38 -6.43
C ILE B 182 11.87 -14.22 -4.91
N SER B 183 11.40 -15.23 -4.18
CA SER B 183 11.41 -15.15 -2.72
C SER B 183 12.83 -15.07 -2.19
N ARG B 184 13.75 -15.86 -2.76
CA ARG B 184 15.14 -15.79 -2.35
C ARG B 184 15.74 -14.43 -2.67
N ALA B 185 15.35 -13.84 -3.80
CA ALA B 185 15.84 -12.51 -4.15
C ALA B 185 15.36 -11.48 -3.13
N ILE B 186 14.09 -11.56 -2.73
CA ILE B 186 13.59 -10.64 -1.70
C ILE B 186 14.35 -10.82 -0.40
N ASP B 187 14.57 -12.08 0.00
CA ASP B 187 15.29 -12.34 1.24
C ASP B 187 16.72 -11.82 1.18
N ILE B 188 17.40 -12.04 0.06
CA ILE B 188 18.79 -11.60 -0.09
C ILE B 188 18.86 -10.08 -0.11
N SER B 189 17.91 -9.43 -0.81
CA SER B 189 17.88 -7.98 -0.82
C SER B 189 17.70 -7.42 0.58
N MET B 190 16.79 -8.02 1.36
CA MET B 190 16.60 -7.57 2.73
C MET B 190 17.83 -7.80 3.58
N GLN B 191 18.49 -8.95 3.41
CA GLN B 191 19.70 -9.23 4.17
C GLN B 191 20.81 -8.25 3.83
N LEU B 192 20.95 -7.90 2.55
CA LEU B 192 22.03 -7.00 2.13
C LEU B 192 21.73 -5.55 2.51
N SER B 193 20.47 -5.13 2.44
CA SER B 193 20.12 -3.80 2.89
C SER B 193 20.24 -3.68 4.40
N LYS B 194 19.97 -4.76 5.13
CA LYS B 194 20.24 -4.79 6.56
C LYS B 194 21.71 -4.50 6.85
N LEU B 195 22.60 -4.87 5.93
CA LEU B 195 24.03 -4.59 6.07
C LEU B 195 24.40 -3.20 5.60
N GLY B 196 23.46 -2.42 5.08
CA GLY B 196 23.71 -1.07 4.62
C GLY B 196 24.10 -0.96 3.16
N GLY B 197 24.31 -2.08 2.47
CA GLY B 197 24.69 -2.02 1.07
C GLY B 197 23.50 -1.81 0.14
N GLY B 198 23.76 -1.12 -0.96
CA GLY B 198 22.75 -0.97 -1.99
C GLY B 198 22.69 -2.21 -2.87
N VAL B 199 21.46 -2.59 -3.22
CA VAL B 199 21.20 -3.84 -3.94
C VAL B 199 20.57 -3.50 -5.29
N SER B 200 21.16 -4.04 -6.35
CA SER B 200 20.63 -3.93 -7.70
C SER B 200 20.20 -5.32 -8.16
N LEU B 201 18.99 -5.42 -8.71
CA LEU B 201 18.43 -6.69 -9.12
C LEU B 201 18.14 -6.66 -10.62
N ASN B 202 18.49 -7.76 -11.30
CA ASN B 202 18.22 -7.93 -12.71
C ASN B 202 16.89 -8.68 -12.86
N LEU B 203 15.91 -8.02 -13.47
CA LEU B 203 14.59 -8.59 -13.64
C LEU B 203 14.31 -9.02 -15.07
N SER B 204 15.34 -9.14 -15.91
CA SER B 204 15.14 -9.45 -17.32
C SER B 204 14.80 -10.92 -17.54
N LYS B 205 15.12 -11.80 -16.60
CA LYS B 205 14.79 -13.20 -16.74
C LYS B 205 13.38 -13.53 -16.26
N LEU B 206 12.73 -12.62 -15.53
CA LEU B 206 11.34 -12.81 -15.16
C LEU B 206 10.45 -12.69 -16.39
N ARG B 207 9.46 -13.56 -16.48
CA ARG B 207 8.54 -13.52 -17.62
C ARG B 207 7.64 -12.30 -17.51
N ALA B 208 7.18 -11.83 -18.67
CA ALA B 208 6.39 -10.61 -18.72
C ALA B 208 4.97 -10.86 -18.23
N LYS B 209 4.26 -9.76 -17.98
CA LYS B 209 2.87 -9.85 -17.55
C LYS B 209 2.04 -10.56 -18.61
N GLY B 210 1.16 -11.46 -18.15
CA GLY B 210 0.33 -12.21 -19.05
C GLY B 210 0.93 -13.49 -19.58
N GLU B 211 1.97 -14.01 -18.94
CA GLU B 211 2.57 -15.28 -19.34
C GLU B 211 2.00 -16.42 -18.51
N ALA B 212 2.18 -17.63 -19.00
CA ALA B 212 1.61 -18.81 -18.36
C ALA B 212 2.46 -19.27 -17.18
N ILE B 213 1.79 -19.68 -16.11
CA ILE B 213 2.44 -20.28 -14.95
C ILE B 213 1.95 -21.73 -14.89
N LYS B 214 2.81 -22.67 -15.26
CA LYS B 214 2.45 -24.09 -15.28
C LYS B 214 1.29 -24.34 -16.24
N ASP B 215 1.54 -24.03 -17.51
CA ASP B 215 0.60 -24.26 -18.61
C ASP B 215 -0.77 -23.65 -18.37
N VAL B 216 -0.86 -22.64 -17.52
CA VAL B 216 -2.07 -21.84 -17.36
C VAL B 216 -1.74 -20.42 -17.81
N GLU B 217 -2.45 -19.94 -18.83
CA GLU B 217 -2.08 -18.72 -19.51
C GLU B 217 -2.51 -17.49 -18.71
N ASN B 218 -1.81 -16.38 -18.93
CA ASN B 218 -2.16 -15.08 -18.36
C ASN B 218 -2.04 -15.06 -16.84
N ALA B 219 -1.24 -15.95 -16.28
CA ALA B 219 -1.14 -16.06 -14.83
C ALA B 219 -0.07 -15.15 -14.23
N THR B 220 0.91 -14.72 -15.02
CA THR B 220 2.04 -13.98 -14.49
C THR B 220 1.69 -12.51 -14.30
N LYS B 221 2.18 -11.95 -13.19
CA LYS B 221 2.02 -10.53 -12.90
C LYS B 221 3.10 -9.67 -13.56
N GLY B 222 4.15 -10.27 -14.09
CA GLY B 222 5.21 -9.52 -14.72
C GLY B 222 6.21 -8.96 -13.72
N VAL B 223 7.12 -8.13 -14.25
CA VAL B 223 8.17 -7.57 -13.42
C VAL B 223 7.66 -6.50 -12.48
N VAL B 224 6.47 -5.94 -12.72
CA VAL B 224 5.97 -4.88 -11.85
C VAL B 224 5.52 -5.43 -10.50
N GLY B 225 4.93 -6.64 -10.45
CA GLY B 225 4.60 -7.23 -9.18
C GLY B 225 5.82 -7.55 -8.35
N VAL B 226 6.84 -8.12 -8.98
CA VAL B 226 8.11 -8.35 -8.29
C VAL B 226 8.73 -7.03 -7.85
N MET B 227 8.53 -5.97 -8.66
CA MET B 227 9.04 -4.66 -8.29
C MET B 227 8.36 -4.13 -7.04
N LYS B 228 7.04 -4.32 -6.94
CA LYS B 228 6.34 -3.92 -5.72
C LYS B 228 6.82 -4.72 -4.52
N LEU B 229 6.99 -6.03 -4.70
CA LEU B 229 7.55 -6.85 -3.63
C LEU B 229 8.90 -6.32 -3.17
N LEU B 230 9.79 -6.04 -4.13
CA LEU B 230 11.13 -5.58 -3.79
C LEU B 230 11.11 -4.20 -3.16
N ASP B 231 10.23 -3.31 -3.63
CA ASP B 231 10.12 -1.99 -3.05
C ASP B 231 9.69 -2.07 -1.60
N ASN B 232 8.70 -2.91 -1.30
CA ASN B 232 8.28 -3.09 0.09
C ASN B 232 9.39 -3.74 0.91
N ALA B 233 10.13 -4.68 0.33
CA ALA B 233 11.22 -5.33 1.06
C ALA B 233 12.31 -4.32 1.41
N PHE B 234 12.65 -3.43 0.47
CA PHE B 234 13.66 -2.41 0.73
C PHE B 234 13.16 -1.38 1.73
N ARG B 235 11.88 -1.03 1.66
CA ARG B 235 11.32 -0.10 2.63
C ARG B 235 11.35 -0.70 4.04
N TYR B 236 11.07 -1.99 4.16
CA TYR B 236 11.10 -2.63 5.47
C TYR B 236 12.51 -2.69 6.02
N ALA B 237 13.47 -3.14 5.21
CA ALA B 237 14.87 -3.26 5.63
C ALA B 237 15.60 -1.96 5.29
N ASP B 238 15.18 -0.89 5.96
CA ASP B 238 15.70 0.44 5.70
C ASP B 238 16.85 0.80 6.65
N GLN B 239 17.63 -0.19 7.07
CA GLN B 239 18.81 0.04 7.88
C GLN B 239 18.46 0.67 9.23
N MET B 240 17.47 0.07 9.89
CA MET B 240 17.05 0.52 11.22
C MET B 240 16.60 1.97 11.22
N GLY B 241 16.20 2.48 10.06
CA GLY B 241 15.75 3.85 9.93
C GLY B 241 16.84 4.89 9.78
N GLN B 242 18.10 4.51 9.98
CA GLN B 242 19.20 5.47 9.83
C GLN B 242 19.47 5.81 8.37
N ARG B 243 19.05 4.95 7.45
CA ARG B 243 19.22 5.20 6.02
C ARG B 243 18.24 4.31 5.28
N GLN B 244 17.28 4.93 4.60
CA GLN B 244 16.23 4.16 3.92
C GLN B 244 16.84 3.17 2.95
N GLY B 245 16.31 1.95 2.96
CA GLY B 245 16.77 0.91 2.06
C GLY B 245 16.66 1.33 0.61
N SER B 246 17.77 1.27 -0.12
CA SER B 246 17.82 1.70 -1.50
C SER B 246 18.14 0.51 -2.39
N GLY B 247 17.30 0.30 -3.41
CA GLY B 247 17.53 -0.78 -4.35
C GLY B 247 17.27 -0.31 -5.77
N ALA B 248 17.88 -1.02 -6.71
CA ALA B 248 17.73 -0.72 -8.12
C ALA B 248 17.24 -1.96 -8.84
N ALA B 249 16.36 -1.76 -9.81
CA ALA B 249 15.87 -2.83 -10.67
C ALA B 249 16.24 -2.51 -12.10
N TYR B 250 16.77 -3.50 -12.81
CA TYR B 250 17.17 -3.34 -14.20
C TYR B 250 16.35 -4.27 -15.08
N LEU B 251 15.89 -3.74 -16.21
CA LEU B 251 15.14 -4.50 -17.18
C LEU B 251 15.68 -4.22 -18.57
N ASN B 252 15.90 -5.27 -19.34
CA ASN B 252 16.31 -5.10 -20.72
C ASN B 252 15.21 -4.39 -21.50
N ILE B 253 15.60 -3.52 -22.42
CA ILE B 253 14.62 -2.72 -23.17
C ILE B 253 13.72 -3.62 -24.00
N PHE B 254 14.21 -4.79 -24.39
CA PHE B 254 13.42 -5.71 -25.21
C PHE B 254 12.46 -6.56 -24.38
N HIS B 255 12.50 -6.45 -23.05
CA HIS B 255 11.52 -7.14 -22.22
C HIS B 255 10.13 -6.54 -22.46
N ARG B 256 9.12 -7.41 -22.48
CA ARG B 256 7.77 -6.95 -22.77
C ARG B 256 7.27 -5.98 -21.71
N ASP B 257 7.68 -6.16 -20.46
CA ASP B 257 7.27 -5.29 -19.36
C ASP B 257 7.99 -3.96 -19.34
N ILE B 258 8.71 -3.61 -20.42
CA ILE B 258 9.53 -2.40 -20.40
C ILE B 258 8.67 -1.16 -20.20
N ASN B 259 7.51 -1.10 -20.85
CA ASN B 259 6.64 0.07 -20.72
C ASN B 259 6.00 0.11 -19.34
N ASP B 260 5.52 -1.03 -18.84
CA ASP B 260 5.04 -1.08 -17.47
C ASP B 260 6.15 -0.81 -16.47
N PHE B 261 7.35 -1.35 -16.75
CA PHE B 261 8.50 -1.11 -15.90
C PHE B 261 8.84 0.39 -15.84
N LEU B 262 8.82 1.05 -16.99
CA LEU B 262 9.09 2.49 -17.02
C LEU B 262 7.97 3.29 -16.37
N ASP B 263 6.73 2.83 -16.50
CA ASP B 263 5.59 3.58 -15.97
C ASP B 263 5.57 3.59 -14.44
N THR B 264 6.31 2.70 -13.79
CA THR B 264 6.38 2.73 -12.34
C THR B 264 7.02 4.00 -11.81
N LYS B 265 7.72 4.74 -12.67
CA LYS B 265 8.38 5.98 -12.28
C LYS B 265 7.64 7.22 -12.78
N LYS B 266 6.48 7.06 -13.41
CA LYS B 266 5.67 8.22 -13.76
C LYS B 266 5.03 8.81 -12.51
N ILE B 267 5.07 10.14 -12.40
CA ILE B 267 4.44 10.80 -11.26
C ILE B 267 2.94 10.53 -11.25
N SER B 268 2.31 10.59 -12.41
CA SER B 268 0.88 10.30 -12.54
C SER B 268 0.56 8.83 -12.31
N ALA B 269 1.58 7.98 -12.11
CA ALA B 269 1.33 6.55 -11.93
C ALA B 269 0.47 6.30 -10.70
N ASP B 270 -0.42 5.32 -10.80
CA ASP B 270 -1.24 4.92 -9.67
C ASP B 270 -0.37 4.38 -8.55
N GLU B 271 -0.79 4.62 -7.31
CA GLU B 271 -0.02 4.17 -6.16
C GLU B 271 0.15 2.66 -6.16
N ASP B 272 -0.79 1.93 -6.76
CA ASP B 272 -0.67 0.48 -6.82
C ASP B 272 0.52 0.05 -7.68
N VAL B 273 0.76 0.74 -8.79
CA VAL B 273 1.83 0.39 -9.71
C VAL B 273 3.09 1.18 -9.38
N ARG B 274 2.91 2.40 -8.89
CA ARG B 274 4.05 3.25 -8.59
C ARG B 274 4.97 2.58 -7.58
N VAL B 275 6.27 2.62 -7.86
CA VAL B 275 7.30 2.16 -6.94
C VAL B 275 8.06 3.40 -6.47
N LYS B 276 8.18 3.57 -5.15
CA LYS B 276 8.68 4.82 -4.61
C LYS B 276 10.17 4.79 -4.31
N THR B 277 10.67 3.73 -3.69
CA THR B 277 12.05 3.69 -3.21
C THR B 277 12.96 2.81 -4.05
N LEU B 278 12.51 2.37 -5.22
CA LEU B 278 13.29 1.48 -6.08
C LEU B 278 13.76 2.26 -7.31
N SER B 279 15.07 2.37 -7.47
CA SER B 279 15.63 2.95 -8.68
C SER B 279 15.53 1.94 -9.82
N ILE B 280 15.37 2.45 -11.04
CA ILE B 280 15.18 1.61 -12.22
C ILE B 280 16.22 1.99 -13.27
N GLY B 281 16.82 0.97 -13.87
CA GLY B 281 17.70 1.18 -15.01
C GLY B 281 17.29 0.32 -16.17
N VAL B 282 17.64 0.78 -17.36
CA VAL B 282 17.29 0.10 -18.61
C VAL B 282 18.58 -0.34 -19.30
N VAL B 283 18.59 -1.57 -19.78
CA VAL B 283 19.72 -2.11 -20.53
C VAL B 283 19.35 -2.07 -22.01
N ILE B 284 20.06 -1.26 -22.78
CA ILE B 284 19.73 -1.00 -24.17
C ILE B 284 20.81 -1.64 -25.04
N PRO B 285 20.52 -2.75 -25.72
CA PRO B 285 21.47 -3.29 -26.70
C PRO B 285 21.55 -2.38 -27.93
N ASP B 286 22.64 -2.56 -28.68
CA ASP B 286 22.81 -1.82 -29.92
C ASP B 286 21.67 -2.07 -30.89
N LYS B 287 20.99 -3.22 -30.77
CA LYS B 287 19.88 -3.51 -31.67
C LYS B 287 18.75 -2.50 -31.51
N PHE B 288 18.43 -2.12 -30.27
CA PHE B 288 17.37 -1.15 -30.05
C PHE B 288 17.74 0.21 -30.63
N VAL B 289 18.99 0.64 -30.44
CA VAL B 289 19.41 1.92 -30.99
C VAL B 289 19.39 1.88 -32.51
N GLU B 290 19.79 0.75 -33.10
CA GLU B 290 19.72 0.62 -34.55
C GLU B 290 18.28 0.68 -35.05
N LEU B 291 17.37 0.01 -34.36
CA LEU B 291 15.96 0.05 -34.75
C LEU B 291 15.40 1.46 -34.66
N ALA B 292 15.70 2.16 -33.56
CA ALA B 292 15.21 3.53 -33.40
C ALA B 292 15.80 4.45 -34.45
N ARG B 293 17.07 4.25 -34.79
CA ARG B 293 17.73 5.09 -35.79
C ARG B 293 17.04 4.97 -37.15
N GLU B 294 16.66 3.76 -37.53
CA GLU B 294 16.00 3.52 -38.80
C GLU B 294 14.49 3.72 -38.74
N ASP B 295 13.94 4.02 -37.57
CA ASP B 295 12.51 4.23 -37.37
C ASP B 295 11.69 2.97 -37.66
N LYS B 296 12.34 1.82 -37.73
CA LYS B 296 11.63 0.58 -38.00
C LYS B 296 10.81 0.14 -36.78
N ALA B 297 9.66 -0.45 -37.04
CA ALA B 297 8.86 -1.02 -35.97
C ALA B 297 9.64 -2.10 -35.25
N ALA B 298 9.65 -2.04 -33.92
CA ALA B 298 10.39 -2.98 -33.09
C ALA B 298 9.42 -3.88 -32.33
N TYR B 299 9.98 -4.94 -31.76
CA TYR B 299 9.20 -5.92 -31.01
C TYR B 299 9.82 -6.11 -29.63
N VAL B 300 8.97 -6.21 -28.62
CA VAL B 300 9.37 -6.61 -27.27
C VAL B 300 8.85 -8.02 -27.04
N PHE B 301 9.69 -8.86 -26.47
CA PHE B 301 9.44 -10.30 -26.43
C PHE B 301 9.02 -10.74 -25.04
N TYR B 302 8.25 -11.83 -25.00
CA TYR B 302 7.91 -12.48 -23.75
C TYR B 302 9.04 -13.44 -23.38
N PRO B 303 9.75 -13.21 -22.27
CA PRO B 303 10.95 -14.01 -21.99
C PRO B 303 10.69 -15.49 -21.86
N HIS B 304 9.55 -15.90 -21.31
CA HIS B 304 9.33 -17.32 -21.07
C HIS B 304 9.10 -18.08 -22.38
N THR B 305 8.45 -17.45 -23.35
CA THR B 305 8.31 -18.09 -24.66
C THR B 305 9.67 -18.33 -25.29
N ILE B 306 10.57 -17.35 -25.20
CA ILE B 306 11.93 -17.51 -25.73
C ILE B 306 12.66 -18.61 -24.99
N TYR B 307 12.53 -18.65 -23.66
CA TYR B 307 13.20 -19.68 -22.89
C TYR B 307 12.71 -21.07 -23.27
N LYS B 308 11.40 -21.22 -23.46
CA LYS B 308 10.85 -22.51 -23.86
C LYS B 308 11.29 -22.89 -25.27
N GLU B 309 11.34 -21.91 -26.18
CA GLU B 309 11.68 -22.20 -27.57
C GLU B 309 13.15 -22.56 -27.73
N TYR B 310 14.04 -21.85 -27.04
CA TYR B 310 15.47 -22.00 -27.23
C TYR B 310 16.18 -22.63 -26.04
N GLY B 311 15.53 -22.71 -24.89
CA GLY B 311 16.15 -23.25 -23.69
C GLY B 311 17.06 -22.29 -22.96
N GLN B 312 17.17 -21.05 -23.44
CA GLN B 312 18.00 -20.04 -22.80
C GLN B 312 17.15 -18.80 -22.53
N HIS B 313 17.62 -17.98 -21.60
CA HIS B 313 16.95 -16.72 -21.31
C HIS B 313 17.24 -15.69 -22.40
N MET B 314 16.31 -14.76 -22.57
CA MET B 314 16.46 -13.74 -23.60
C MET B 314 17.70 -12.89 -23.35
N ASP B 315 17.95 -12.52 -22.09
CA ASP B 315 19.12 -11.71 -21.77
C ASP B 315 20.41 -12.52 -21.72
N GLU B 316 20.33 -13.84 -21.82
CA GLU B 316 21.51 -14.69 -21.95
C GLU B 316 21.95 -14.87 -23.40
N MET B 317 21.16 -14.38 -24.35
CA MET B 317 21.44 -14.54 -25.77
C MET B 317 21.87 -13.21 -26.37
N ASP B 318 22.47 -13.29 -27.55
CA ASP B 318 22.93 -12.10 -28.26
C ASP B 318 21.75 -11.49 -29.02
N MET B 319 21.24 -10.37 -28.51
CA MET B 319 20.08 -9.74 -29.14
C MET B 319 20.41 -9.28 -30.56
N ASN B 320 21.61 -8.74 -30.78
CA ASN B 320 21.96 -8.25 -32.10
C ASN B 320 21.87 -9.34 -33.15
N GLU B 321 22.06 -10.60 -32.75
CA GLU B 321 21.96 -11.74 -33.66
C GLU B 321 20.61 -12.45 -33.59
N MET B 322 20.02 -12.54 -32.40
CA MET B 322 18.83 -13.33 -32.20
C MET B 322 17.53 -12.54 -32.35
N TYR B 323 17.60 -11.22 -32.59
CA TYR B 323 16.38 -10.43 -32.70
C TYR B 323 15.54 -10.87 -33.90
N ASP B 324 16.17 -11.04 -35.06
CA ASP B 324 15.43 -11.45 -36.24
C ASP B 324 14.88 -12.86 -36.07
N LYS B 325 15.65 -13.75 -35.46
CA LYS B 325 15.16 -15.10 -35.22
C LYS B 325 13.96 -15.10 -34.28
N PHE B 326 14.01 -14.27 -33.24
CA PHE B 326 12.86 -14.14 -32.35
C PHE B 326 11.64 -13.60 -33.08
N VAL B 327 11.85 -12.61 -33.95
CA VAL B 327 10.74 -12.02 -34.68
C VAL B 327 10.14 -13.01 -35.67
N ASP B 328 10.96 -13.88 -36.24
CA ASP B 328 10.50 -14.85 -37.23
C ASP B 328 10.03 -16.16 -36.62
N ASN B 329 10.19 -16.34 -35.31
CA ASN B 329 9.79 -17.58 -34.67
C ASN B 329 8.34 -17.51 -34.23
N PRO B 330 7.44 -18.35 -34.78
CA PRO B 330 6.03 -18.30 -34.35
C PRO B 330 5.82 -18.70 -32.91
N ARG B 331 6.72 -19.49 -32.33
CA ARG B 331 6.60 -19.95 -30.95
C ARG B 331 7.11 -18.95 -29.95
N VAL B 332 7.64 -17.81 -30.40
CA VAL B 332 8.09 -16.73 -29.55
C VAL B 332 7.05 -15.62 -29.62
N LYS B 333 6.51 -15.25 -28.46
CA LYS B 333 5.52 -14.18 -28.38
C LYS B 333 6.22 -12.84 -28.27
N LYS B 334 5.73 -11.86 -29.02
CA LYS B 334 6.34 -10.53 -29.06
C LYS B 334 5.27 -9.48 -29.26
N GLU B 335 5.58 -8.26 -28.84
CA GLU B 335 4.67 -7.13 -28.94
C GLU B 335 5.32 -6.02 -29.75
N LYS B 336 4.61 -5.54 -30.77
CA LYS B 336 5.14 -4.46 -31.59
C LYS B 336 5.23 -3.17 -30.77
N ILE B 337 6.33 -2.46 -30.94
CA ILE B 337 6.58 -1.19 -30.25
C ILE B 337 7.17 -0.21 -31.25
N ASN B 338 7.19 1.07 -30.85
CA ASN B 338 7.86 2.10 -31.62
C ASN B 338 9.17 2.43 -30.92
N PRO B 339 10.33 2.04 -31.47
CA PRO B 339 11.59 2.29 -30.74
C PRO B 339 11.85 3.75 -30.46
N ARG B 340 11.54 4.65 -31.40
CA ARG B 340 11.77 6.07 -31.16
C ARG B 340 10.81 6.61 -30.11
N LYS B 341 9.58 6.12 -30.09
CA LYS B 341 8.65 6.51 -29.03
C LYS B 341 9.17 6.04 -27.67
N LEU B 342 9.74 4.84 -27.60
CA LEU B 342 10.31 4.36 -26.35
C LEU B 342 11.51 5.21 -25.93
N LEU B 343 12.35 5.59 -26.89
CA LEU B 343 13.48 6.47 -26.58
C LEU B 343 13.01 7.81 -26.03
N GLU B 344 11.98 8.39 -26.67
CA GLU B 344 11.45 9.67 -26.21
C GLU B 344 10.78 9.53 -24.85
N LYS B 345 10.13 8.40 -24.60
CA LYS B 345 9.58 8.13 -23.27
C LYS B 345 10.67 8.06 -22.22
N LEU B 346 11.78 7.40 -22.54
CA LEU B 346 12.92 7.37 -21.62
C LEU B 346 13.43 8.78 -21.35
N ALA B 347 13.56 9.59 -22.40
CA ALA B 347 14.06 10.95 -22.22
C ALA B 347 13.12 11.77 -21.34
N MET B 348 11.81 11.67 -21.58
CA MET B 348 10.85 12.43 -20.79
C MET B 348 10.83 11.96 -19.34
N LEU B 349 10.91 10.65 -19.13
CA LEU B 349 10.93 10.12 -17.77
C LEU B 349 12.18 10.56 -17.03
N ARG B 350 13.32 10.61 -17.71
CA ARG B 350 14.55 11.09 -17.08
C ARG B 350 14.47 12.57 -16.79
N SER B 351 13.86 13.36 -17.68
CA SER B 351 13.69 14.77 -17.43
C SER B 351 12.79 15.02 -16.22
N GLU B 352 11.72 14.24 -16.10
CA GLU B 352 10.77 14.47 -15.00
C GLU B 352 11.30 13.93 -13.67
N SER B 353 11.96 12.78 -13.67
CA SER B 353 12.39 12.13 -12.44
C SER B 353 13.86 11.76 -12.41
N GLY B 354 14.58 11.82 -13.53
CA GLY B 354 15.95 11.38 -13.59
C GLY B 354 16.15 9.91 -13.86
N TYR B 355 15.07 9.13 -13.93
CA TYR B 355 15.11 7.72 -14.23
C TYR B 355 14.63 7.45 -15.65
N PRO B 356 14.96 6.28 -16.20
CA PRO B 356 15.79 5.22 -15.63
C PRO B 356 17.28 5.43 -15.85
N TYR B 357 18.13 4.66 -15.17
CA TYR B 357 19.52 4.57 -15.58
C TYR B 357 19.62 3.90 -16.94
N ILE B 358 20.59 4.31 -17.73
CA ILE B 358 20.78 3.77 -19.07
C ILE B 358 22.08 2.97 -19.08
N MET B 359 21.97 1.69 -19.41
CA MET B 359 23.13 0.83 -19.63
C MET B 359 23.16 0.45 -21.10
N PHE B 360 24.21 0.85 -21.79
CA PHE B 360 24.41 0.47 -23.20
C PHE B 360 25.14 -0.86 -23.21
N GLN B 361 24.38 -1.94 -23.44
CA GLN B 361 24.90 -3.29 -23.23
C GLN B 361 26.07 -3.58 -24.15
N ASP B 362 25.97 -3.21 -25.43
CA ASP B 362 27.03 -3.53 -26.37
C ASP B 362 28.28 -2.68 -26.14
N ASN B 363 28.11 -1.45 -25.65
CA ASN B 363 29.26 -0.66 -25.24
C ASN B 363 29.99 -1.33 -24.08
N VAL B 364 29.23 -1.87 -23.13
CA VAL B 364 29.83 -2.54 -21.98
C VAL B 364 30.57 -3.80 -22.41
N ASN B 365 29.98 -4.58 -23.32
CA ASN B 365 30.49 -5.92 -23.62
C ASN B 365 31.47 -5.95 -24.77
N LYS B 366 31.54 -4.90 -25.60
CA LYS B 366 32.54 -4.88 -26.65
C LYS B 366 33.95 -4.76 -26.10
N VAL B 367 34.10 -4.25 -24.88
CA VAL B 367 35.38 -4.18 -24.20
C VAL B 367 35.43 -5.06 -22.96
N HIS B 368 34.37 -5.82 -22.68
CA HIS B 368 34.31 -6.63 -21.48
C HIS B 368 35.33 -7.76 -21.55
N ALA B 369 36.17 -7.87 -20.51
CA ALA B 369 37.26 -8.83 -20.52
C ALA B 369 36.82 -10.23 -20.12
N ASN B 370 35.64 -10.38 -19.53
CA ASN B 370 35.17 -11.66 -19.00
C ASN B 370 33.86 -12.07 -19.64
N ASN B 371 33.74 -11.91 -20.96
CA ASN B 371 32.55 -12.38 -21.66
C ASN B 371 32.45 -13.90 -21.65
N HIS B 372 33.56 -14.61 -21.49
CA HIS B 372 33.51 -16.06 -21.38
C HIS B 372 32.75 -16.49 -20.15
N ILE B 373 32.94 -15.79 -19.03
CA ILE B 373 32.17 -16.08 -17.82
C ILE B 373 30.71 -15.72 -18.05
N SER B 374 30.45 -14.55 -18.59
CA SER B 374 29.10 -14.11 -18.93
C SER B 374 29.19 -12.72 -19.52
N LYS B 375 28.15 -12.34 -20.26
CA LYS B 375 27.97 -10.95 -20.64
C LYS B 375 27.54 -10.13 -19.44
N VAL B 376 27.78 -8.83 -19.50
CA VAL B 376 27.28 -7.91 -18.50
C VAL B 376 25.84 -7.57 -18.86
N LYS B 377 24.91 -7.87 -17.95
CA LYS B 377 23.49 -7.71 -18.23
C LYS B 377 22.85 -6.51 -17.56
N PHE B 378 23.41 -6.02 -16.46
CA PHE B 378 22.84 -4.89 -15.75
C PHE B 378 23.95 -4.25 -14.90
N SER B 379 23.60 -3.17 -14.23
CA SER B 379 24.53 -2.41 -13.41
C SER B 379 24.01 -2.37 -11.97
N ASN B 380 24.70 -1.61 -11.13
CA ASN B 380 24.38 -1.51 -9.72
C ASN B 380 23.47 -0.31 -9.47
N LEU B 381 23.27 0.03 -8.21
CA LEU B 381 22.43 1.16 -7.84
C LEU B 381 23.07 2.49 -8.19
N CYS B 382 24.38 2.52 -8.48
CA CYS B 382 25.07 3.73 -8.88
C CYS B 382 25.51 3.71 -10.34
N SER B 383 25.31 2.59 -11.04
CA SER B 383 25.51 2.50 -12.49
C SER B 383 26.99 2.57 -12.88
N GLU B 384 27.90 2.14 -12.00
CA GLU B 384 29.31 2.07 -12.35
C GLU B 384 29.90 0.67 -12.19
N VAL B 385 29.09 -0.33 -11.84
CA VAL B 385 29.56 -1.70 -11.69
C VAL B 385 29.13 -2.48 -12.91
N LEU B 386 30.10 -3.06 -13.62
CA LEU B 386 29.85 -3.78 -14.88
C LEU B 386 30.69 -5.05 -14.85
N GLN B 387 30.10 -6.14 -14.37
CA GLN B 387 30.80 -7.41 -14.23
C GLN B 387 29.92 -8.54 -14.72
N ALA B 388 30.57 -9.64 -15.09
CA ALA B 388 29.84 -10.84 -15.48
C ALA B 388 29.14 -11.44 -14.27
N SER B 389 27.90 -11.85 -14.47
CA SER B 389 27.12 -12.51 -13.43
C SER B 389 26.48 -13.76 -13.99
N GLN B 390 26.23 -14.72 -13.11
CA GLN B 390 25.54 -15.95 -13.48
C GLN B 390 24.38 -16.15 -12.51
N VAL B 391 23.19 -16.40 -13.06
CA VAL B 391 22.00 -16.50 -12.23
C VAL B 391 22.04 -17.79 -11.42
N SER B 392 21.57 -17.70 -10.17
CA SER B 392 21.47 -18.86 -9.30
C SER B 392 20.10 -19.53 -9.48
N SER B 393 20.07 -20.83 -9.23
CA SER B 393 18.84 -21.61 -9.28
C SER B 393 18.52 -22.05 -7.85
N TYR B 394 17.59 -21.36 -7.20
CA TYR B 394 17.15 -21.69 -5.86
C TYR B 394 15.94 -22.61 -5.97
N THR B 395 16.07 -23.81 -5.42
CA THR B 395 15.07 -24.86 -5.58
C THR B 395 14.20 -24.96 -4.33
N ASP B 396 13.35 -25.97 -4.29
CA ASP B 396 12.47 -26.17 -3.15
C ASP B 396 13.27 -26.55 -1.91
N TYR B 397 12.66 -26.32 -0.74
CA TYR B 397 13.28 -26.71 0.51
C TYR B 397 13.65 -28.20 0.49
N ASP B 398 14.80 -28.52 1.04
CA ASP B 398 15.38 -29.86 1.10
C ASP B 398 16.02 -30.27 -0.22
N GLU B 399 15.94 -29.43 -1.25
CA GLU B 399 16.69 -29.66 -2.49
C GLU B 399 17.96 -28.83 -2.47
N GLU B 400 18.90 -29.19 -3.35
CA GLU B 400 20.15 -28.47 -3.44
C GLU B 400 20.01 -27.28 -4.38
N ASP B 401 20.46 -26.11 -3.91
CA ASP B 401 20.41 -24.91 -4.72
C ASP B 401 21.60 -24.84 -5.66
N GLU B 402 21.36 -24.39 -6.89
CA GLU B 402 22.42 -24.13 -7.85
C GLU B 402 22.86 -22.69 -7.66
N ILE B 403 23.95 -22.49 -6.93
CA ILE B 403 24.43 -21.16 -6.61
C ILE B 403 25.23 -20.62 -7.79
N GLY B 404 24.85 -19.46 -8.29
CA GLY B 404 25.53 -18.81 -9.38
C GLY B 404 26.53 -17.77 -8.90
N LEU B 405 26.69 -16.72 -9.69
CA LEU B 405 27.64 -15.65 -9.38
C LEU B 405 26.88 -14.33 -9.32
N ASP B 406 26.85 -13.72 -8.14
CA ASP B 406 26.35 -12.36 -7.97
C ASP B 406 27.52 -11.40 -8.13
N ILE B 407 27.23 -10.11 -7.99
CA ILE B 407 28.24 -9.07 -8.19
C ILE B 407 28.35 -8.24 -6.93
N SER B 408 29.58 -7.97 -6.52
CA SER B 408 29.88 -7.03 -5.45
C SER B 408 31.34 -6.61 -5.57
N CYS B 409 31.60 -5.33 -5.41
CA CYS B 409 32.96 -4.82 -5.38
C CYS B 409 33.09 -3.78 -4.28
N ASN B 410 34.22 -3.81 -3.59
CA ASN B 410 34.55 -2.81 -2.59
C ASN B 410 35.30 -1.67 -3.26
N LEU B 411 34.93 -0.45 -2.91
CA LEU B 411 35.37 0.73 -3.64
C LEU B 411 36.46 1.49 -2.89
N GLY B 412 37.30 2.16 -3.67
CA GLY B 412 38.22 3.14 -3.15
C GLY B 412 38.48 4.14 -4.24
N SER B 413 38.80 5.37 -3.83
CA SER B 413 38.97 6.47 -4.76
C SER B 413 40.36 7.06 -4.63
N LEU B 414 41.04 7.23 -5.76
CA LEU B 414 42.25 8.02 -5.80
C LEU B 414 41.89 9.50 -5.79
N ASN B 415 42.61 10.27 -4.99
CA ASN B 415 42.49 11.73 -5.01
C ASN B 415 43.43 12.23 -6.10
N ILE B 416 42.85 12.60 -7.25
CA ILE B 416 43.68 12.89 -8.42
C ILE B 416 44.61 14.06 -8.15
N LEU B 417 44.10 15.11 -7.50
CA LEU B 417 44.95 16.26 -7.21
C LEU B 417 46.11 15.88 -6.30
N ASN B 418 45.83 15.12 -5.25
CA ASN B 418 46.89 14.75 -4.31
C ASN B 418 47.85 13.74 -4.92
N VAL B 419 47.33 12.80 -5.71
CA VAL B 419 48.20 11.83 -6.38
C VAL B 419 49.13 12.52 -7.35
N MET B 420 48.61 13.50 -8.10
CA MET B 420 49.44 14.21 -9.07
C MET B 420 50.44 15.14 -8.39
N GLU B 421 50.03 15.76 -7.28
CA GLU B 421 50.96 16.62 -6.54
C GLU B 421 52.10 15.81 -5.95
N HIS B 422 51.82 14.62 -5.45
CA HIS B 422 52.86 13.76 -4.88
C HIS B 422 53.56 12.91 -5.93
N LYS B 423 53.11 12.93 -7.18
CA LYS B 423 53.73 12.15 -8.25
C LYS B 423 53.80 10.67 -7.84
N SER B 424 52.69 10.15 -7.36
CA SER B 424 52.63 8.81 -6.78
C SER B 424 51.46 8.03 -7.35
N ILE B 425 51.33 8.03 -8.67
CA ILE B 425 50.28 7.24 -9.30
C ILE B 425 50.52 5.75 -9.08
N GLU B 426 51.74 5.30 -9.32
CA GLU B 426 52.04 3.88 -9.19
C GLU B 426 51.88 3.41 -7.75
N LYS B 427 52.52 4.10 -6.81
CA LYS B 427 52.48 3.68 -5.42
C LYS B 427 51.06 3.76 -4.87
N THR B 428 50.36 4.86 -5.15
CA THR B 428 49.00 5.01 -4.65
C THR B 428 48.09 3.94 -5.24
N VAL B 429 48.21 3.67 -6.54
CA VAL B 429 47.35 2.67 -7.17
C VAL B 429 47.62 1.29 -6.58
N LYS B 430 48.88 0.94 -6.40
CA LYS B 430 49.21 -0.38 -5.88
C LYS B 430 48.75 -0.53 -4.43
N LEU B 431 48.95 0.50 -3.60
CA LEU B 431 48.49 0.42 -2.22
C LEU B 431 46.97 0.34 -2.15
N ALA B 432 46.26 1.11 -2.98
CA ALA B 432 44.81 1.02 -3.01
C ALA B 432 44.35 -0.35 -3.45
N THR B 433 45.03 -0.94 -4.44
CA THR B 433 44.70 -2.30 -4.87
C THR B 433 44.89 -3.28 -3.73
N ASP B 434 45.99 -3.15 -2.99
CA ASP B 434 46.22 -4.05 -1.86
C ASP B 434 45.12 -3.90 -0.81
N SER B 435 44.73 -2.66 -0.48
CA SER B 435 43.70 -2.46 0.52
C SER B 435 42.35 -3.00 0.07
N LEU B 436 42.02 -2.80 -1.21
CA LEU B 436 40.76 -3.31 -1.74
C LEU B 436 40.76 -4.83 -1.76
N THR B 437 41.91 -5.44 -2.10
CA THR B 437 42.01 -6.89 -2.05
C THR B 437 41.82 -7.40 -0.64
N HIS B 438 42.42 -6.73 0.35
CA HIS B 438 42.23 -7.13 1.74
C HIS B 438 40.76 -7.02 2.15
N VAL B 439 40.10 -5.92 1.75
CA VAL B 439 38.69 -5.75 2.10
C VAL B 439 37.86 -6.87 1.48
N SER B 440 38.13 -7.20 0.22
CA SER B 440 37.40 -8.29 -0.43
C SER B 440 37.67 -9.62 0.26
N GLU B 441 38.91 -9.87 0.66
CA GLU B 441 39.26 -11.13 1.29
C GLU B 441 38.59 -11.28 2.65
N THR B 442 38.51 -10.19 3.41
CA THR B 442 37.92 -10.24 4.74
C THR B 442 36.40 -10.15 4.72
N THR B 443 35.80 -10.00 3.55
CA THR B 443 34.35 -9.90 3.43
C THR B 443 33.75 -11.29 3.24
N ASP B 444 32.68 -11.56 3.98
CA ASP B 444 31.97 -12.82 3.88
C ASP B 444 30.52 -12.60 4.26
N ILE B 445 29.63 -12.62 3.26
CA ILE B 445 28.19 -12.50 3.49
C ILE B 445 27.63 -13.91 3.57
N ARG B 446 27.06 -14.25 4.72
CA ARG B 446 26.58 -15.60 4.99
C ARG B 446 25.09 -15.77 4.70
N ASN B 447 24.47 -14.78 4.07
CA ASN B 447 23.07 -14.88 3.68
C ASN B 447 22.84 -14.59 2.20
N ALA B 448 23.91 -14.40 1.43
CA ALA B 448 23.84 -14.20 -0.01
C ALA B 448 24.83 -15.17 -0.65
N PRO B 449 24.42 -16.44 -0.85
CA PRO B 449 25.39 -17.44 -1.32
C PRO B 449 26.05 -17.07 -2.63
N ALA B 450 25.30 -16.52 -3.58
CA ALA B 450 25.89 -16.12 -4.85
C ALA B 450 26.89 -14.98 -4.66
N VAL B 451 26.56 -14.03 -3.79
CA VAL B 451 27.46 -12.92 -3.54
C VAL B 451 28.76 -13.41 -2.92
N ARG B 452 28.66 -14.28 -1.91
CA ARG B 452 29.86 -14.80 -1.26
C ARG B 452 30.69 -15.63 -2.24
N ARG B 453 30.03 -16.48 -3.03
CA ARG B 453 30.75 -17.31 -3.98
C ARG B 453 31.46 -16.45 -5.04
N ALA B 454 30.77 -15.42 -5.54
CA ALA B 454 31.37 -14.57 -6.56
C ALA B 454 32.51 -13.73 -5.98
N ASN B 455 32.37 -13.29 -4.73
CA ASN B 455 33.47 -12.56 -4.10
C ASN B 455 34.69 -13.46 -3.95
N LYS B 456 34.47 -14.72 -3.57
CA LYS B 456 35.60 -15.64 -3.43
C LYS B 456 36.22 -16.02 -4.77
N ALA B 457 35.40 -16.12 -5.82
CA ALA B 457 35.88 -16.63 -7.11
C ALA B 457 36.47 -15.53 -8.00
N MET B 458 35.81 -14.38 -8.09
CA MET B 458 36.22 -13.33 -9.02
C MET B 458 37.15 -12.31 -8.40
N LYS B 459 37.08 -12.10 -7.09
CA LYS B 459 37.96 -11.16 -6.40
C LYS B 459 37.88 -9.78 -7.04
N SER B 460 36.66 -9.30 -7.24
CA SER B 460 36.44 -8.03 -7.92
C SER B 460 36.59 -6.87 -6.96
N ILE B 461 37.29 -5.83 -7.41
CA ILE B 461 37.47 -4.60 -6.65
C ILE B 461 37.14 -3.42 -7.56
N GLY B 462 36.78 -2.30 -6.94
CA GLY B 462 36.59 -1.09 -7.69
C GLY B 462 37.47 0.03 -7.20
N LEU B 463 38.45 0.42 -8.00
CA LEU B 463 39.34 1.53 -7.68
C LEU B 463 38.90 2.73 -8.49
N GLY B 464 38.29 3.71 -7.82
CA GLY B 464 37.79 4.91 -8.45
C GLY B 464 38.75 6.07 -8.33
N ALA B 465 38.31 7.22 -8.82
CA ALA B 465 39.08 8.45 -8.75
C ALA B 465 38.13 9.60 -8.47
N MET B 466 38.67 10.65 -7.85
CA MET B 466 37.90 11.85 -7.55
C MET B 466 38.81 13.05 -7.70
N ASN B 467 38.20 14.24 -7.72
CA ASN B 467 38.92 15.50 -7.81
C ASN B 467 39.50 15.73 -9.20
N LEU B 468 38.86 15.18 -10.24
CA LEU B 468 39.31 15.46 -11.60
C LEU B 468 39.05 16.91 -11.97
N HIS B 469 37.82 17.38 -11.77
CA HIS B 469 37.51 18.78 -12.04
C HIS B 469 38.27 19.70 -11.10
N GLY B 470 38.37 19.32 -9.83
CA GLY B 470 39.14 20.13 -8.90
C GLY B 470 40.59 20.26 -9.32
N TYR B 471 41.21 19.13 -9.65
CA TYR B 471 42.62 19.16 -10.05
C TYR B 471 42.81 19.97 -11.33
N LEU B 472 41.90 19.81 -12.29
CA LEU B 472 42.03 20.55 -13.55
C LEU B 472 41.84 22.05 -13.34
N ALA B 473 40.82 22.44 -12.57
CA ALA B 473 40.56 23.85 -12.33
C ALA B 473 41.70 24.50 -11.55
N GLN B 474 42.25 23.80 -10.56
CA GLN B 474 43.38 24.33 -9.81
C GLN B 474 44.65 24.39 -10.64
N ASN B 475 44.66 23.80 -11.82
CA ASN B 475 45.81 23.86 -12.72
C ASN B 475 45.53 24.68 -13.97
N GLY B 476 44.45 25.46 -13.97
CA GLY B 476 44.14 26.32 -15.10
C GLY B 476 43.75 25.58 -16.37
N ILE B 477 43.01 24.48 -16.24
CA ILE B 477 42.58 23.69 -17.40
C ILE B 477 41.06 23.61 -17.37
N ALA B 478 40.44 23.92 -18.50
CA ALA B 478 38.98 23.83 -18.60
C ALA B 478 38.55 22.37 -18.69
N TYR B 479 37.49 22.04 -17.97
CA TYR B 479 37.01 20.66 -17.96
C TYR B 479 36.66 20.18 -19.37
N GLU B 480 36.10 21.07 -20.20
CA GLU B 480 35.69 20.72 -21.54
C GLU B 480 36.80 20.87 -22.57
N SER B 481 37.98 21.29 -22.15
CA SER B 481 39.07 21.52 -23.11
C SER B 481 39.69 20.20 -23.57
N PRO B 482 40.27 20.19 -24.76
CA PRO B 482 41.02 18.99 -25.19
C PRO B 482 42.18 18.66 -24.28
N GLU B 483 42.77 19.66 -23.63
CA GLU B 483 43.87 19.40 -22.70
C GLU B 483 43.40 18.60 -21.49
N ALA B 484 42.19 18.89 -20.99
CA ALA B 484 41.64 18.12 -19.89
C ALA B 484 41.44 16.66 -20.29
N ARG B 485 40.92 16.43 -21.50
CA ARG B 485 40.76 15.06 -21.97
C ARG B 485 42.11 14.37 -22.16
N ASP B 486 43.12 15.11 -22.62
CA ASP B 486 44.45 14.54 -22.75
C ASP B 486 45.00 14.11 -21.40
N PHE B 487 44.85 14.98 -20.39
CA PHE B 487 45.30 14.62 -19.06
C PHE B 487 44.54 13.40 -18.53
N ALA B 488 43.23 13.38 -18.71
CA ALA B 488 42.44 12.24 -18.22
C ALA B 488 42.89 10.96 -18.90
N ASN B 489 43.10 11.02 -20.22
CA ASN B 489 43.60 9.86 -20.96
C ASN B 489 44.90 9.35 -20.34
N THR B 490 45.89 10.23 -20.19
CA THR B 490 47.18 9.81 -19.67
C THR B 490 47.07 9.26 -18.25
N PHE B 491 46.37 10.00 -17.39
CA PHE B 491 46.28 9.62 -15.98
C PHE B 491 45.59 8.28 -15.80
N PHE B 492 44.47 8.07 -16.50
CA PHE B 492 43.74 6.83 -16.32
C PHE B 492 44.40 5.67 -17.06
N MET B 493 45.13 5.94 -18.14
CA MET B 493 45.98 4.90 -18.71
C MET B 493 47.03 4.45 -17.70
N MET B 494 47.67 5.39 -17.01
CA MET B 494 48.64 5.03 -16.00
C MET B 494 47.99 4.26 -14.85
N VAL B 495 46.80 4.70 -14.42
CA VAL B 495 46.10 4.02 -13.34
C VAL B 495 45.78 2.58 -13.74
N ASN B 496 45.27 2.40 -14.95
CA ASN B 496 44.96 1.05 -15.43
C ASN B 496 46.22 0.20 -15.52
N PHE B 497 47.31 0.78 -16.04
CA PHE B 497 48.56 0.04 -16.15
C PHE B 497 49.03 -0.45 -14.80
N TYR B 498 49.04 0.43 -13.80
CA TYR B 498 49.55 0.06 -12.50
C TYR B 498 48.60 -0.85 -11.74
N SER B 499 47.29 -0.72 -11.95
CA SER B 499 46.36 -1.65 -11.32
C SER B 499 46.49 -3.05 -11.92
N ILE B 500 46.68 -3.13 -13.25
CA ILE B 500 46.92 -4.43 -13.87
C ILE B 500 48.23 -5.02 -13.37
N GLN B 501 49.27 -4.20 -13.26
CA GLN B 501 50.55 -4.70 -12.78
C GLN B 501 50.43 -5.20 -11.34
N ARG B 502 49.70 -4.47 -10.49
CA ARG B 502 49.52 -4.93 -9.11
C ARG B 502 48.70 -6.20 -9.05
N SER B 503 47.67 -6.32 -9.90
CA SER B 503 46.88 -7.54 -9.93
C SER B 503 47.73 -8.74 -10.34
N ALA B 504 48.59 -8.55 -11.35
CA ALA B 504 49.48 -9.62 -11.77
C ALA B 504 50.49 -9.97 -10.68
N GLU B 505 51.01 -8.95 -9.98
CA GLU B 505 51.94 -9.20 -8.89
C GLU B 505 51.27 -9.97 -7.76
N ILE B 506 50.03 -9.63 -7.44
CA ILE B 506 49.30 -10.34 -6.41
C ILE B 506 49.05 -11.78 -6.84
N ALA B 507 48.69 -11.99 -8.11
CA ALA B 507 48.48 -13.34 -8.60
C ALA B 507 49.76 -14.16 -8.52
N LYS B 508 50.91 -13.55 -8.84
CA LYS B 508 52.18 -14.25 -8.74
C LYS B 508 52.53 -14.56 -7.29
N GLU B 509 52.33 -13.59 -6.39
CA GLU B 509 52.67 -13.80 -4.98
C GLU B 509 51.80 -14.90 -4.38
N LYS B 510 50.51 -14.88 -4.64
CA LYS B 510 49.59 -15.88 -4.13
C LYS B 510 49.50 -17.11 -5.01
N GLY B 511 50.09 -17.09 -6.20
CA GLY B 511 50.01 -18.23 -7.09
C GLY B 511 48.59 -18.62 -7.42
N GLU B 512 47.72 -17.64 -7.65
CA GLU B 512 46.32 -17.92 -7.95
C GLU B 512 45.71 -16.72 -8.65
N THR B 513 44.96 -16.99 -9.71
CA THR B 513 44.22 -15.99 -10.46
C THR B 513 42.74 -16.06 -10.06
N PHE B 514 41.92 -15.31 -10.77
CA PHE B 514 40.49 -15.37 -10.52
C PHE B 514 39.86 -16.48 -11.35
N ASP B 515 38.71 -16.95 -10.89
CA ASP B 515 38.05 -18.09 -11.53
C ASP B 515 37.78 -17.80 -13.00
N GLN B 516 38.18 -18.72 -13.87
CA GLN B 516 37.99 -18.60 -15.30
C GLN B 516 38.82 -17.46 -15.90
N TYR B 517 40.00 -17.20 -15.33
CA TYR B 517 40.88 -16.19 -15.90
C TYR B 517 41.41 -16.62 -17.26
N GLU B 518 41.64 -17.92 -17.45
CA GLU B 518 42.28 -18.39 -18.68
C GLU B 518 41.47 -18.02 -19.91
N GLY B 519 40.15 -17.93 -19.77
CA GLY B 519 39.31 -17.54 -20.88
C GLY B 519 39.14 -16.06 -21.07
N SER B 520 39.70 -15.24 -20.18
CA SER B 520 39.53 -13.80 -20.25
C SER B 520 40.42 -13.19 -21.33
N THR B 521 40.12 -11.94 -21.69
CA THR B 521 40.93 -11.22 -22.66
C THR B 521 42.32 -10.91 -22.12
N TYR B 522 42.49 -10.85 -20.79
CA TYR B 522 43.82 -10.72 -20.23
C TYR B 522 44.67 -11.94 -20.56
N ALA B 523 44.10 -13.13 -20.43
CA ALA B 523 44.85 -14.36 -20.67
C ALA B 523 45.24 -14.49 -22.14
N THR B 524 44.32 -14.18 -23.05
CA THR B 524 44.60 -14.28 -24.48
C THR B 524 45.39 -13.09 -25.01
N GLY B 525 45.51 -12.01 -24.24
CA GLY B 525 46.24 -10.85 -24.67
C GLY B 525 45.45 -9.86 -25.49
N GLU B 526 44.21 -10.17 -25.84
CA GLU B 526 43.39 -9.24 -26.62
C GLU B 526 43.10 -7.97 -25.85
N TYR B 527 43.20 -7.99 -24.51
CA TYR B 527 42.94 -6.79 -23.73
C TYR B 527 43.97 -5.70 -24.03
N PHE B 528 45.22 -6.08 -24.23
CA PHE B 528 46.33 -5.14 -24.35
C PHE B 528 46.54 -4.65 -25.77
N ASP B 529 45.66 -5.00 -26.71
CA ASP B 529 45.89 -4.65 -28.11
C ASP B 529 46.04 -3.15 -28.29
N LYS B 530 45.08 -2.36 -27.77
CA LYS B 530 45.15 -0.91 -27.94
C LYS B 530 46.30 -0.30 -27.18
N TYR B 531 46.70 -0.92 -26.07
CA TYR B 531 47.80 -0.38 -25.28
C TYR B 531 49.15 -0.67 -25.92
N VAL B 532 49.28 -1.84 -26.56
CA VAL B 532 50.53 -2.17 -27.24
C VAL B 532 50.61 -1.51 -28.61
N SER B 533 49.48 -1.13 -29.21
CA SER B 533 49.48 -0.51 -30.53
C SER B 533 49.37 1.00 -30.49
N THR B 534 48.89 1.57 -29.40
CA THR B 534 48.65 3.01 -29.30
C THR B 534 49.43 3.60 -28.13
N ASP B 535 49.73 4.89 -28.25
CA ASP B 535 50.42 5.64 -27.21
C ASP B 535 49.44 6.57 -26.51
N PHE B 536 49.58 6.67 -25.18
CA PHE B 536 48.68 7.49 -24.38
C PHE B 536 49.41 8.57 -23.60
N SER B 537 50.65 8.87 -23.98
CA SER B 537 51.35 10.00 -23.38
C SER B 537 50.69 11.31 -23.79
N PRO B 538 50.79 12.35 -22.97
CA PRO B 538 50.08 13.59 -23.27
C PRO B 538 50.51 14.17 -24.61
N LYS B 539 49.52 14.63 -25.38
CA LYS B 539 49.78 15.28 -26.66
C LYS B 539 49.98 16.78 -26.52
N TYR B 540 49.73 17.35 -25.35
CA TYR B 540 49.92 18.77 -25.09
C TYR B 540 51.10 18.95 -24.15
N GLU B 541 51.96 19.91 -24.46
CA GLU B 541 53.12 20.17 -23.62
C GLU B 541 52.69 20.53 -22.20
N LYS B 542 51.60 21.30 -22.08
CA LYS B 542 51.12 21.69 -20.75
C LYS B 542 50.74 20.46 -19.93
N ILE B 543 50.01 19.52 -20.54
CA ILE B 543 49.64 18.30 -19.82
C ILE B 543 50.87 17.44 -19.56
N ALA B 544 51.77 17.34 -20.56
CA ALA B 544 52.99 16.55 -20.37
C ALA B 544 53.82 17.07 -19.22
N ASN B 545 53.80 18.39 -18.98
CA ASN B 545 54.54 18.95 -17.85
C ASN B 545 53.91 18.52 -16.52
N LEU B 546 52.58 18.37 -16.49
CA LEU B 546 51.91 17.95 -15.25
C LEU B 546 52.44 16.61 -14.77
N PHE B 547 52.94 15.77 -15.68
CA PHE B 547 53.44 14.45 -15.33
C PHE B 547 54.95 14.43 -15.13
N GLU B 548 55.60 15.59 -15.09
CA GLU B 548 57.04 15.63 -14.86
C GLU B 548 57.37 14.96 -13.53
N GLY B 549 58.45 14.19 -13.53
CA GLY B 549 58.82 13.41 -12.38
C GLY B 549 58.07 12.10 -12.23
N MET B 550 57.21 11.76 -13.18
CA MET B 550 56.43 10.52 -13.16
C MET B 550 56.63 9.80 -14.47
N HIS B 551 56.89 8.50 -14.40
CA HIS B 551 57.11 7.70 -15.60
C HIS B 551 55.76 7.35 -16.21
N ILE B 552 55.55 7.74 -17.47
CA ILE B 552 54.34 7.43 -18.21
C ILE B 552 54.57 6.14 -18.99
N PRO B 553 53.82 5.07 -18.70
CA PRO B 553 54.06 3.81 -19.41
C PRO B 553 53.92 3.97 -20.91
N THR B 554 54.86 3.36 -21.65
CA THR B 554 54.88 3.41 -23.10
C THR B 554 54.32 2.12 -23.67
N THR B 555 54.40 1.99 -25.00
CA THR B 555 53.98 0.75 -25.64
C THR B 555 54.87 -0.41 -25.21
N GLU B 556 56.17 -0.15 -25.04
CA GLU B 556 57.07 -1.20 -24.54
C GLU B 556 56.67 -1.63 -23.14
N ASP B 557 56.34 -0.67 -22.27
CA ASP B 557 55.89 -1.01 -20.92
C ASP B 557 54.63 -1.85 -20.97
N TRP B 558 53.70 -1.50 -21.86
CA TRP B 558 52.47 -2.27 -21.97
C TRP B 558 52.72 -3.67 -22.51
N LYS B 559 53.67 -3.82 -23.45
CA LYS B 559 54.03 -5.14 -23.93
C LYS B 559 54.64 -5.98 -22.82
N LYS B 560 55.51 -5.37 -22.01
CA LYS B 560 56.10 -6.08 -20.88
C LYS B 560 55.03 -6.50 -19.88
N LEU B 561 54.07 -5.61 -19.60
CA LEU B 561 52.97 -5.96 -18.70
C LEU B 561 52.11 -7.07 -19.27
N LYS B 562 51.87 -7.04 -20.58
CA LYS B 562 51.10 -8.11 -21.23
C LYS B 562 51.82 -9.44 -21.09
N ALA B 563 53.12 -9.46 -21.31
CA ALA B 563 53.89 -10.69 -21.14
C ALA B 563 53.86 -11.16 -19.68
N PHE B 564 53.99 -10.22 -18.75
CA PHE B 564 53.95 -10.58 -17.33
C PHE B 564 52.60 -11.17 -16.94
N VAL B 565 51.51 -10.60 -17.45
CA VAL B 565 50.18 -11.13 -17.15
C VAL B 565 50.01 -12.50 -17.77
N ALA B 566 50.47 -12.68 -19.02
CA ALA B 566 50.39 -13.99 -19.64
C ALA B 566 51.17 -15.03 -18.86
N GLU B 567 52.30 -14.64 -18.27
CA GLU B 567 53.09 -15.57 -17.48
C GLU B 567 52.46 -15.88 -16.13
N HIS B 568 51.89 -14.87 -15.46
CA HIS B 568 51.42 -15.02 -14.09
C HIS B 568 49.91 -14.90 -13.94
N GLY B 569 49.22 -14.31 -14.89
CA GLY B 569 47.78 -14.15 -14.77
C GLY B 569 47.39 -12.91 -13.98
N MET B 570 46.09 -12.83 -13.70
CA MET B 570 45.52 -11.69 -12.99
C MET B 570 44.75 -12.18 -11.77
N TYR B 571 44.88 -11.44 -10.67
CA TYR B 571 44.17 -11.80 -9.45
C TYR B 571 42.73 -11.30 -9.45
N HIS B 572 42.46 -10.15 -10.05
CA HIS B 572 41.15 -9.53 -10.02
C HIS B 572 40.49 -9.63 -11.39
N SER B 573 39.26 -10.13 -11.40
CA SER B 573 38.48 -10.12 -12.64
C SER B 573 38.16 -8.70 -13.08
N TYR B 574 37.87 -7.83 -12.12
CA TYR B 574 37.58 -6.42 -12.37
C TYR B 574 38.33 -5.60 -11.33
N ARG B 575 38.85 -4.46 -11.74
CA ARG B 575 39.70 -3.65 -10.88
C ARG B 575 39.22 -2.23 -10.69
N LEU B 576 38.75 -1.56 -11.74
CA LEU B 576 38.51 -0.13 -11.73
C LEU B 576 37.04 0.17 -11.99
N CYS B 577 36.46 1.02 -11.15
CA CYS B 577 35.12 1.54 -11.38
C CYS B 577 35.00 2.86 -10.63
N ILE B 578 34.52 3.89 -11.33
CA ILE B 578 34.45 5.24 -10.78
C ILE B 578 33.05 5.43 -10.22
N ALA B 579 32.89 5.20 -8.93
CA ALA B 579 31.63 5.39 -8.24
C ALA B 579 31.41 6.87 -7.92
N PRO B 580 30.17 7.26 -7.63
CA PRO B 580 29.88 8.69 -7.41
C PRO B 580 30.70 9.31 -6.28
N THR B 581 30.99 8.57 -5.22
CA THR B 581 31.87 9.04 -4.15
C THR B 581 31.43 10.40 -3.60
N GLY B 582 30.22 10.42 -3.05
CA GLY B 582 29.61 11.67 -2.66
C GLY B 582 29.98 12.18 -1.28
N SER B 583 29.77 11.37 -0.24
CA SER B 583 29.91 11.86 1.12
C SER B 583 31.36 12.15 1.49
N ILE B 584 32.28 11.26 1.11
CA ILE B 584 33.67 11.42 1.51
C ILE B 584 34.43 12.45 0.68
N SER B 585 33.79 13.05 -0.33
CA SER B 585 34.46 14.09 -1.10
C SER B 585 34.71 15.33 -0.26
N TYR B 586 33.81 15.62 0.69
CA TYR B 586 34.03 16.76 1.60
C TYR B 586 35.25 16.53 2.47
N VAL B 587 35.37 15.33 3.06
CA VAL B 587 36.52 15.02 3.90
C VAL B 587 37.81 15.15 3.10
N GLN B 588 37.82 14.61 1.88
CA GLN B 588 38.99 14.70 1.02
C GLN B 588 39.20 16.10 0.45
N SER B 589 38.21 16.98 0.57
CA SER B 589 38.31 18.34 0.04
C SER B 589 38.47 18.31 -1.48
N SER B 590 37.64 17.49 -2.12
CA SER B 590 37.78 17.20 -3.54
C SER B 590 36.43 17.27 -4.23
N THR B 591 36.47 17.45 -5.55
CA THR B 591 35.25 17.37 -6.35
C THR B 591 34.82 15.91 -6.48
N ALA B 592 33.51 15.69 -6.45
CA ALA B 592 32.98 14.34 -6.44
C ALA B 592 33.30 13.61 -7.74
N SER B 593 33.86 12.41 -7.61
CA SER B 593 34.11 11.52 -8.74
C SER B 593 34.90 12.26 -9.82
N VAL B 594 34.64 11.93 -11.09
CA VAL B 594 35.24 12.63 -12.22
C VAL B 594 34.27 13.63 -12.85
N MET B 595 33.11 13.83 -12.24
CA MET B 595 32.11 14.72 -12.79
C MET B 595 32.50 16.18 -12.56
N PRO B 596 32.04 17.08 -13.41
CA PRO B 596 32.24 18.52 -13.15
C PRO B 596 31.37 18.98 -11.99
N ILE B 597 31.81 20.06 -11.35
CA ILE B 597 31.14 20.56 -10.16
C ILE B 597 29.74 21.06 -10.54
N MET B 598 28.78 20.81 -9.65
CA MET B 598 27.42 21.30 -9.87
C MET B 598 27.32 22.79 -9.56
N GLU B 599 28.02 23.25 -8.53
CA GLU B 599 27.96 24.65 -8.12
C GLU B 599 29.29 25.05 -7.50
N ARG B 600 29.72 26.28 -7.78
CA ARG B 600 31.00 26.76 -7.27
C ARG B 600 31.01 26.79 -5.75
N ILE B 601 29.92 27.25 -5.14
CA ILE B 601 29.77 27.28 -3.69
C ILE B 601 28.51 26.52 -3.34
N GLU B 602 28.63 25.54 -2.45
CA GLU B 602 27.52 24.68 -2.08
C GLU B 602 26.84 25.24 -0.84
N GLU B 603 25.53 25.49 -0.95
CA GLU B 603 24.72 25.97 0.16
C GLU B 603 23.97 24.80 0.77
N ARG B 604 24.27 24.49 2.02
CA ARG B 604 23.66 23.38 2.73
C ARG B 604 22.97 23.90 3.99
N THR B 605 21.96 23.17 4.44
CA THR B 605 21.27 23.46 5.69
C THR B 605 21.50 22.31 6.65
N TYR B 606 22.07 22.61 7.81
CA TYR B 606 22.32 21.63 8.87
C TYR B 606 21.64 22.15 10.13
N GLY B 607 20.51 21.55 10.48
CA GLY B 607 19.68 22.12 11.53
C GLY B 607 19.03 23.39 11.02
N ASN B 608 19.10 24.45 11.83
CA ASN B 608 18.62 25.76 11.44
C ASN B 608 19.75 26.65 10.93
N SER B 609 20.97 26.12 10.81
CA SER B 609 22.13 26.87 10.37
C SER B 609 22.48 26.47 8.94
N LYS B 610 22.65 27.46 8.07
CA LYS B 610 23.01 27.24 6.68
C LYS B 610 24.51 27.38 6.52
N THR B 611 25.14 26.40 5.89
CA THR B 611 26.60 26.36 5.72
C THR B 611 26.94 26.59 4.25
N TYR B 612 28.06 27.27 4.02
CA TYR B 612 28.52 27.60 2.69
C TYR B 612 29.80 26.84 2.39
N TYR B 613 29.79 26.07 1.31
CA TYR B 613 30.96 25.27 0.91
C TYR B 613 31.44 25.68 -0.48
N PRO B 614 32.48 26.49 -0.58
CA PRO B 614 33.08 26.75 -1.89
C PRO B 614 33.74 25.49 -2.43
N MET B 615 33.82 25.42 -3.75
CA MET B 615 34.48 24.27 -4.36
C MET B 615 35.94 24.22 -3.92
N PRO B 616 36.46 23.06 -3.57
CA PRO B 616 37.83 22.99 -3.02
C PRO B 616 38.84 23.66 -3.95
N GLY B 617 39.61 24.58 -3.38
CA GLY B 617 40.56 25.35 -4.15
C GLY B 617 39.98 26.56 -4.85
N LEU B 618 38.68 26.82 -4.70
CA LEU B 618 38.06 27.93 -5.39
C LEU B 618 38.67 29.26 -4.95
N ALA B 619 38.86 30.15 -5.91
CA ALA B 619 39.44 31.46 -5.65
C ALA B 619 39.10 32.37 -6.82
N SER B 620 39.51 33.63 -6.70
CA SER B 620 39.24 34.60 -7.76
C SER B 620 39.95 34.22 -9.05
N ASN B 621 41.21 33.76 -8.94
CA ASN B 621 42.01 33.51 -10.13
C ASN B 621 41.59 32.23 -10.85
N ASN B 622 40.93 31.30 -10.17
CA ASN B 622 40.45 30.06 -10.80
C ASN B 622 38.93 29.99 -10.84
N TRP B 623 38.25 31.13 -10.69
CA TRP B 623 36.79 31.13 -10.73
C TRP B 623 36.28 30.66 -12.09
N PHE B 624 36.91 31.13 -13.17
CA PHE B 624 36.44 30.77 -14.51
C PHE B 624 36.61 29.30 -14.81
N PHE B 625 37.68 28.69 -14.32
CA PHE B 625 37.92 27.27 -14.54
C PHE B 625 37.00 26.39 -13.71
N TYR B 626 36.43 26.91 -12.63
CA TYR B 626 35.43 26.16 -11.85
C TYR B 626 34.04 26.31 -12.43
N LYS B 627 33.94 26.06 -13.74
CA LYS B 627 32.67 26.19 -14.43
C LYS B 627 31.68 25.14 -13.94
N GLU B 628 30.44 25.56 -13.74
CA GLU B 628 29.42 24.65 -13.24
C GLU B 628 28.99 23.67 -14.33
N ALA B 629 28.59 22.47 -13.90
CA ALA B 629 28.27 21.41 -14.84
C ALA B 629 27.08 21.79 -15.72
N TYR B 630 26.07 22.44 -15.15
CA TYR B 630 24.88 22.79 -15.92
C TYR B 630 25.19 23.76 -17.04
N ASP B 631 26.28 24.52 -16.94
CA ASP B 631 26.68 25.44 -17.99
C ASP B 631 27.60 24.80 -19.03
N MET B 632 28.08 23.59 -18.80
CA MET B 632 28.95 22.93 -19.75
C MET B 632 28.15 22.26 -20.86
N ASP B 633 28.82 22.01 -21.98
CA ASP B 633 28.27 21.23 -23.06
C ASP B 633 28.31 19.75 -22.68
N MET B 634 27.13 19.13 -22.55
CA MET B 634 27.08 17.72 -22.20
C MET B 634 27.81 16.85 -23.22
N PHE B 635 27.96 17.31 -24.45
CA PHE B 635 28.77 16.57 -25.42
C PHE B 635 30.23 16.53 -25.00
N LYS B 636 30.75 17.65 -24.49
CA LYS B 636 32.12 17.67 -23.99
C LYS B 636 32.28 16.81 -22.75
N VAL B 637 31.27 16.80 -21.87
CA VAL B 637 31.33 15.92 -20.70
C VAL B 637 31.32 14.46 -21.14
N VAL B 638 30.53 14.15 -22.18
CA VAL B 638 30.51 12.79 -22.72
C VAL B 638 31.88 12.44 -23.30
N ASP B 639 32.51 13.40 -23.99
CA ASP B 639 33.84 13.17 -24.52
C ASP B 639 34.84 12.88 -23.41
N MET B 640 34.77 13.65 -22.32
CA MET B 640 35.65 13.40 -21.18
C MET B 640 35.42 12.02 -20.59
N ILE B 641 34.15 11.66 -20.35
CA ILE B 641 33.84 10.38 -19.74
C ILE B 641 34.25 9.23 -20.66
N ALA B 642 34.11 9.41 -21.96
CA ALA B 642 34.53 8.37 -22.90
C ALA B 642 36.04 8.23 -22.93
N THR B 643 36.76 9.36 -22.83
CA THR B 643 38.21 9.29 -22.71
C THR B 643 38.61 8.53 -21.46
N ILE B 644 37.94 8.79 -20.34
CA ILE B 644 38.25 8.07 -19.11
C ILE B 644 37.80 6.62 -19.21
N GLN B 645 36.61 6.38 -19.77
CA GLN B 645 36.05 5.03 -19.78
C GLN B 645 36.88 4.04 -20.59
N GLN B 646 37.70 4.51 -21.53
CA GLN B 646 38.51 3.60 -22.32
C GLN B 646 39.61 2.94 -21.49
N HIS B 647 39.85 3.41 -20.26
CA HIS B 647 40.84 2.81 -19.39
C HIS B 647 40.23 2.20 -18.14
N ILE B 648 38.91 2.20 -18.01
CA ILE B 648 38.21 1.60 -16.88
C ILE B 648 37.57 0.30 -17.36
N ASP B 649 37.86 -0.80 -16.67
CA ASP B 649 37.27 -2.07 -17.05
C ASP B 649 35.79 -2.14 -16.68
N GLN B 650 35.41 -1.52 -15.56
CA GLN B 650 34.01 -1.37 -15.20
C GLN B 650 33.50 -0.04 -15.71
N GLY B 651 32.33 0.38 -15.23
CA GLY B 651 31.73 1.60 -15.71
C GLY B 651 32.10 2.83 -14.90
N ILE B 652 31.66 3.99 -15.41
CA ILE B 652 31.82 5.27 -14.76
C ILE B 652 30.44 5.83 -14.46
N SER B 653 30.20 6.21 -13.22
CA SER B 653 28.89 6.74 -12.83
C SER B 653 28.74 8.12 -13.44
N PHE B 654 27.97 8.20 -14.52
CA PHE B 654 27.90 9.38 -15.37
C PHE B 654 26.55 10.06 -15.18
N THR B 655 26.55 11.21 -14.52
CA THR B 655 25.36 12.02 -14.33
C THR B 655 25.28 13.08 -15.43
N LEU B 656 24.09 13.26 -15.99
CA LEU B 656 23.84 14.31 -16.96
C LEU B 656 23.22 15.52 -16.25
N PHE B 657 23.79 16.69 -16.50
CA PHE B 657 23.35 17.93 -15.89
C PHE B 657 22.64 18.76 -16.96
N LEU B 658 21.33 18.87 -16.83
CA LEU B 658 20.48 19.46 -17.86
C LEU B 658 19.89 20.78 -17.38
N LYS B 659 19.81 21.75 -18.28
CA LYS B 659 19.07 22.98 -18.01
C LYS B 659 17.59 22.74 -18.26
N ASP B 660 16.76 23.53 -17.55
CA ASP B 660 15.32 23.36 -17.68
C ASP B 660 14.81 23.69 -19.07
N THR B 661 15.55 24.50 -19.83
CA THR B 661 15.13 24.84 -21.19
C THR B 661 15.32 23.68 -22.16
N MET B 662 16.18 22.72 -21.84
CA MET B 662 16.44 21.61 -22.74
C MET B 662 15.20 20.74 -22.89
N THR B 663 14.89 20.38 -24.14
CA THR B 663 13.76 19.52 -24.44
C THR B 663 14.15 18.06 -24.28
N THR B 664 13.18 17.17 -24.46
CA THR B 664 13.48 15.73 -24.46
C THR B 664 14.37 15.37 -25.64
N ARG B 665 14.29 16.12 -26.73
CA ARG B 665 15.15 15.86 -27.89
C ARG B 665 16.61 16.06 -27.54
N ASP B 666 16.93 17.09 -26.76
CA ASP B 666 18.31 17.31 -26.36
C ASP B 666 18.83 16.17 -25.48
N LEU B 667 17.99 15.70 -24.55
CA LEU B 667 18.39 14.56 -23.73
C LEU B 667 18.61 13.32 -24.58
N ASN B 668 17.72 13.08 -25.55
CA ASN B 668 17.89 11.94 -26.44
C ASN B 668 19.17 12.06 -27.25
N ARG B 669 19.48 13.27 -27.73
CA ARG B 669 20.71 13.47 -28.48
C ARG B 669 21.93 13.21 -27.62
N ILE B 670 21.90 13.66 -26.37
CA ILE B 670 23.01 13.39 -25.46
C ILE B 670 23.16 11.88 -25.25
N ASP B 671 22.05 11.19 -25.04
CA ASP B 671 22.10 9.73 -24.86
C ASP B 671 22.68 9.05 -26.09
N LEU B 672 22.25 9.47 -27.29
CA LEU B 672 22.71 8.84 -28.52
C LEU B 672 24.18 9.13 -28.76
N TYR B 673 24.63 10.34 -28.43
CA TYR B 673 26.06 10.65 -28.55
C TYR B 673 26.89 9.85 -27.56
N ALA B 674 26.40 9.68 -26.33
CA ALA B 674 27.10 8.85 -25.36
C ALA B 674 27.19 7.41 -25.86
N HIS B 675 26.10 6.88 -26.42
CA HIS B 675 26.15 5.53 -26.99
C HIS B 675 27.14 5.47 -28.14
N HIS B 676 27.16 6.52 -28.97
CA HIS B 676 28.11 6.58 -30.09
C HIS B 676 29.54 6.67 -29.58
N ARG B 677 29.77 7.40 -28.50
CA ARG B 677 31.11 7.65 -27.98
C ARG B 677 31.60 6.53 -27.07
N GLY B 678 30.87 5.43 -26.97
CA GLY B 678 31.29 4.31 -26.16
C GLY B 678 30.93 4.38 -24.69
N ILE B 679 30.07 5.32 -24.30
CA ILE B 679 29.63 5.38 -22.91
C ILE B 679 28.90 4.08 -22.56
N LYS B 680 29.12 3.60 -21.34
CA LYS B 680 28.54 2.34 -20.92
C LYS B 680 27.23 2.53 -20.16
N THR B 681 27.21 3.46 -19.20
CA THR B 681 26.02 3.72 -18.42
C THR B 681 25.85 5.21 -18.23
N ILE B 682 24.60 5.65 -18.09
CA ILE B 682 24.27 7.03 -17.74
C ILE B 682 23.50 6.98 -16.42
N TYR B 683 24.01 7.71 -15.43
CA TYR B 683 23.50 7.54 -14.07
C TYR B 683 22.21 8.34 -13.85
N TYR B 684 22.28 9.65 -13.93
CA TYR B 684 21.16 10.50 -13.58
C TYR B 684 21.02 11.62 -14.59
N ALA B 685 19.78 12.06 -14.78
CA ALA B 685 19.48 13.25 -15.56
C ALA B 685 19.08 14.33 -14.56
N ARG B 686 20.05 15.15 -14.18
CA ARG B 686 19.82 16.25 -13.25
C ARG B 686 19.49 17.52 -14.02
N THR B 687 18.40 18.16 -13.65
CA THR B 687 17.95 19.39 -14.29
C THR B 687 18.07 20.56 -13.33
N LYS B 688 18.43 21.72 -13.87
CA LYS B 688 18.60 22.91 -13.07
C LYS B 688 17.40 23.85 -13.20
N ASP C 37 -43.12 21.85 5.35
CA ASP C 37 -43.41 20.41 5.52
C ASP C 37 -42.39 19.48 4.85
N PHE C 38 -41.43 20.06 4.12
CA PHE C 38 -40.56 19.24 3.26
C PHE C 38 -39.06 19.51 3.33
N THR C 39 -38.66 20.72 3.73
CA THR C 39 -37.24 21.12 3.68
C THR C 39 -36.32 20.16 4.46
N GLN C 40 -36.74 19.80 5.68
CA GLN C 40 -35.93 18.90 6.52
C GLN C 40 -35.65 17.57 5.87
N MET C 41 -36.66 16.99 5.23
CA MET C 41 -36.47 15.71 4.55
C MET C 41 -35.59 15.87 3.29
N PHE C 42 -35.70 17.01 2.61
CA PHE C 42 -34.77 17.30 1.49
C PHE C 42 -33.35 17.54 1.97
N TYR C 43 -33.21 18.24 3.10
CA TYR C 43 -31.91 18.44 3.72
C TYR C 43 -31.24 17.08 3.99
N ASN C 44 -31.98 16.19 4.65
CA ASN C 44 -31.46 14.87 4.99
C ASN C 44 -31.12 14.04 3.75
N GLN C 45 -31.99 14.09 2.74
CA GLN C 45 -31.77 13.36 1.49
C GLN C 45 -30.54 13.90 0.75
N ASN C 46 -30.42 15.23 0.65
CA ASN C 46 -29.26 15.83 -0.03
C ASN C 46 -27.94 15.47 0.63
N VAL C 47 -27.86 15.61 1.96
CA VAL C 47 -26.61 15.33 2.65
C VAL C 47 -26.25 13.83 2.67
N LYS C 48 -27.26 12.96 2.65
CA LYS C 48 -27.01 11.52 2.61
C LYS C 48 -26.61 11.05 1.21
N GLN C 49 -26.86 11.88 0.20
CA GLN C 49 -26.49 11.56 -1.15
C GLN C 49 -25.09 12.07 -1.49
N PHE C 50 -24.42 12.72 -0.53
CA PHE C 50 -23.10 13.33 -0.80
C PHE C 50 -22.09 12.34 -1.36
N TRP C 51 -21.37 12.76 -2.41
CA TRP C 51 -20.38 11.92 -3.08
C TRP C 51 -19.28 12.77 -3.75
N LEU C 52 -18.18 12.12 -4.10
CA LEU C 52 -17.09 12.74 -4.88
C LEU C 52 -16.71 11.82 -6.04
N PRO C 53 -16.38 12.40 -7.22
CA PRO C 53 -16.04 11.57 -8.39
C PRO C 53 -14.87 10.63 -8.14
N GLU C 54 -13.95 11.02 -7.28
CA GLU C 54 -12.77 10.20 -6.93
C GLU C 54 -13.12 8.86 -6.28
N GLU C 55 -14.37 8.72 -5.79
CA GLU C 55 -14.86 7.46 -5.24
C GLU C 55 -14.99 6.38 -6.32
N ILE C 56 -15.11 6.82 -7.58
CA ILE C 56 -15.29 5.95 -8.73
C ILE C 56 -14.00 5.92 -9.56
N ALA C 57 -13.36 4.75 -9.67
CA ALA C 57 -12.17 4.61 -10.50
C ALA C 57 -12.58 4.51 -11.99
N LEU C 58 -11.92 5.28 -12.83
CA LEU C 58 -12.39 5.45 -14.21
C LEU C 58 -11.58 4.69 -15.26
N ASN C 59 -10.44 4.16 -14.86
CA ASN C 59 -9.55 3.44 -15.79
C ASN C 59 -10.18 2.20 -16.44
N GLY C 60 -11.24 1.69 -15.82
CA GLY C 60 -12.03 0.58 -16.38
C GLY C 60 -12.78 0.90 -17.67
N ASP C 61 -13.12 2.17 -17.89
CA ASP C 61 -13.74 2.62 -19.16
C ASP C 61 -12.76 2.77 -20.34
N LEU C 62 -11.46 2.68 -20.08
CA LEU C 62 -10.44 2.98 -21.09
C LEU C 62 -10.60 2.19 -22.39
N LEU C 63 -10.92 0.90 -22.26
CA LEU C 63 -11.07 0.05 -23.44
C LEU C 63 -12.37 0.25 -24.22
N THR C 64 -13.52 0.30 -23.53
CA THR C 64 -14.78 0.56 -24.25
C THR C 64 -14.79 1.95 -24.91
N TRP C 65 -14.02 2.89 -24.38
CA TRP C 65 -13.86 4.21 -24.98
C TRP C 65 -13.02 4.14 -26.26
N LYS C 66 -11.85 3.51 -26.14
CA LYS C 66 -10.96 3.27 -27.26
C LYS C 66 -11.69 2.66 -28.46
N TYR C 67 -12.71 1.83 -28.18
CA TYR C 67 -13.43 1.04 -29.19
C TYR C 67 -14.56 1.78 -29.92
N LEU C 68 -14.94 2.95 -29.41
CA LEU C 68 -15.99 3.74 -30.04
C LEU C 68 -15.47 4.40 -31.30
N GLY C 69 -16.35 4.63 -32.27
CA GLY C 69 -15.99 5.38 -33.47
C GLY C 69 -15.67 6.84 -33.15
N LYS C 70 -14.97 7.51 -34.07
CA LYS C 70 -14.62 8.92 -33.89
C LYS C 70 -15.87 9.80 -33.71
N ASN C 71 -16.92 9.51 -34.47
CA ASN C 71 -18.21 10.20 -34.34
C ASN C 71 -18.81 10.06 -32.95
N GLU C 72 -18.74 8.85 -32.41
CA GLU C 72 -19.30 8.55 -31.09
C GLU C 72 -18.54 9.28 -29.99
N GLN C 73 -17.20 9.25 -30.07
CA GLN C 73 -16.36 9.94 -29.10
C GLN C 73 -16.57 11.45 -29.14
N ASP C 74 -16.71 12.00 -30.35
CA ASP C 74 -16.94 13.42 -30.54
C ASP C 74 -18.25 13.85 -29.88
N THR C 75 -19.33 13.14 -30.17
CA THR C 75 -20.64 13.43 -29.59
C THR C 75 -20.58 13.30 -28.07
N TYR C 76 -19.96 12.24 -27.58
CA TYR C 76 -19.83 12.03 -26.13
C TYR C 76 -19.11 13.19 -25.43
N MET C 77 -17.96 13.63 -25.96
CA MET C 77 -17.19 14.74 -25.38
C MET C 77 -18.02 16.01 -25.33
N LYS C 78 -18.73 16.26 -26.43
CA LYS C 78 -19.46 17.52 -26.60
C LYS C 78 -20.66 17.55 -25.66
N VAL C 79 -21.36 16.43 -25.59
CA VAL C 79 -22.49 16.21 -24.68
C VAL C 79 -22.09 16.52 -23.22
N LEU C 80 -20.99 15.95 -22.76
CA LEU C 80 -20.53 16.18 -21.38
C LEU C 80 -20.06 17.63 -21.19
N ALA C 81 -19.49 18.23 -22.24
CA ALA C 81 -19.06 19.63 -22.19
C ALA C 81 -20.26 20.57 -22.02
N GLY C 82 -21.36 20.28 -22.72
CA GLY C 82 -22.62 21.01 -22.59
C GLY C 82 -23.19 20.90 -21.19
N LEU C 83 -23.07 19.71 -20.61
CA LEU C 83 -23.48 19.47 -19.22
C LEU C 83 -22.60 20.27 -18.26
N THR C 84 -21.28 20.27 -18.51
CA THR C 84 -20.34 21.00 -17.66
C THR C 84 -20.70 22.47 -17.62
N LEU C 85 -21.05 23.04 -18.76
CA LEU C 85 -21.41 24.45 -18.85
C LEU C 85 -22.65 24.75 -17.99
N LEU C 86 -23.70 23.96 -18.17
CA LEU C 86 -24.92 24.08 -17.39
C LEU C 86 -24.67 24.02 -15.86
N ASP C 87 -23.90 23.03 -15.41
CA ASP C 87 -23.55 22.90 -13.98
C ASP C 87 -22.66 24.03 -13.47
N THR C 88 -21.76 24.52 -14.31
CA THR C 88 -20.93 25.67 -13.99
C THR C 88 -21.81 26.88 -13.62
N GLU C 89 -22.82 27.16 -14.43
CA GLU C 89 -23.68 28.31 -14.21
C GLU C 89 -24.71 28.05 -13.10
N GLN C 90 -25.17 26.81 -12.97
CA GLN C 90 -26.08 26.44 -11.90
C GLN C 90 -25.40 26.56 -10.53
N GLY C 91 -24.10 26.23 -10.49
CA GLY C 91 -23.31 26.32 -9.26
C GLY C 91 -22.82 27.71 -8.94
N ASN C 92 -22.32 28.41 -9.96
CA ASN C 92 -21.77 29.77 -9.79
C ASN C 92 -22.85 30.82 -9.54
N THR C 93 -24.01 30.62 -10.17
CA THR C 93 -25.00 31.70 -10.30
C THR C 93 -26.39 31.30 -9.83
N GLY C 94 -26.95 30.27 -10.44
CA GLY C 94 -28.35 29.88 -10.25
C GLY C 94 -28.71 29.53 -8.82
N MET C 95 -28.05 28.51 -8.27
CA MET C 95 -28.35 28.09 -6.90
C MET C 95 -28.02 29.14 -5.82
N PRO C 96 -26.82 29.79 -5.90
CA PRO C 96 -26.51 30.86 -4.91
C PRO C 96 -27.48 32.04 -4.95
N ILE C 97 -27.88 32.49 -6.14
CA ILE C 97 -28.82 33.61 -6.25
C ILE C 97 -30.23 33.27 -5.72
N VAL C 98 -30.72 32.07 -6.02
CA VAL C 98 -32.00 31.61 -5.46
C VAL C 98 -31.87 31.48 -3.92
N ALA C 99 -30.74 30.94 -3.44
CA ALA C 99 -30.50 30.87 -2.00
C ALA C 99 -30.59 32.24 -1.34
N GLU C 100 -30.04 33.27 -2.00
CA GLU C 100 -30.03 34.63 -1.47
C GLU C 100 -31.44 35.17 -1.25
N HIS C 101 -32.37 34.82 -2.14
CA HIS C 101 -33.70 35.42 -2.14
C HIS C 101 -34.77 34.61 -1.39
N VAL C 102 -34.48 33.34 -1.13
CA VAL C 102 -35.40 32.47 -0.40
C VAL C 102 -35.20 32.66 1.10
N ASP C 103 -36.30 32.84 1.83
CA ASP C 103 -36.27 33.06 3.28
C ASP C 103 -36.25 31.77 4.08
N GLY C 104 -35.48 31.77 5.17
CA GLY C 104 -35.41 30.64 6.11
C GLY C 104 -34.07 29.92 6.06
N HIS C 105 -33.42 29.83 7.22
CA HIS C 105 -32.06 29.26 7.31
C HIS C 105 -31.95 27.83 6.82
N GLN C 106 -32.99 27.03 7.04
CA GLN C 106 -32.98 25.64 6.57
C GLN C 106 -33.15 25.55 5.05
N ARG C 107 -34.04 26.36 4.49
CA ARG C 107 -34.21 26.42 3.04
C ARG C 107 -32.91 26.88 2.39
N LYS C 108 -32.28 27.88 2.99
CA LYS C 108 -30.98 28.36 2.49
C LYS C 108 -29.88 27.31 2.58
N ALA C 109 -29.89 26.51 3.64
CA ALA C 109 -28.91 25.43 3.81
C ALA C 109 -29.03 24.36 2.72
N VAL C 110 -30.26 24.01 2.36
CA VAL C 110 -30.51 23.04 1.28
C VAL C 110 -30.02 23.62 -0.06
N LEU C 111 -30.41 24.86 -0.35
CA LEU C 111 -30.01 25.50 -1.60
C LEU C 111 -28.50 25.71 -1.71
N ASN C 112 -27.86 26.08 -0.60
CA ASN C 112 -26.40 26.17 -0.55
C ASN C 112 -25.70 24.84 -0.80
N PHE C 113 -26.23 23.76 -0.21
CA PHE C 113 -25.70 22.42 -0.44
C PHE C 113 -25.83 22.02 -1.91
N MET C 114 -27.01 22.26 -2.50
CA MET C 114 -27.25 21.98 -3.92
C MET C 114 -26.29 22.76 -4.83
N ALA C 115 -26.06 24.04 -4.51
CA ALA C 115 -25.07 24.87 -5.22
C ALA C 115 -23.66 24.28 -5.19
N MET C 116 -23.24 23.82 -4.02
CA MET C 116 -21.94 23.20 -3.86
C MET C 116 -21.83 21.95 -4.77
N MET C 117 -22.88 21.12 -4.76
CA MET C 117 -22.90 19.93 -5.58
C MET C 117 -22.71 20.27 -7.06
N GLU C 118 -23.40 21.31 -7.53
CA GLU C 118 -23.32 21.75 -8.93
C GLU C 118 -21.88 22.00 -9.40
N ASN C 119 -21.17 22.88 -8.69
CA ASN C 119 -19.84 23.26 -9.17
C ASN C 119 -18.64 22.55 -8.53
N ALA C 120 -18.77 22.14 -7.27
CA ALA C 120 -17.69 21.43 -6.58
C ALA C 120 -17.71 19.93 -6.83
N VAL C 121 -18.87 19.38 -7.19
CA VAL C 121 -18.97 17.93 -7.45
C VAL C 121 -19.31 17.59 -8.90
N HIS C 122 -20.44 18.08 -9.39
CA HIS C 122 -20.91 17.73 -10.73
C HIS C 122 -20.02 18.24 -11.85
N ALA C 123 -19.82 19.56 -11.90
CA ALA C 123 -19.02 20.16 -12.96
C ALA C 123 -17.61 19.56 -12.97
N LYS C 124 -17.05 19.33 -11.78
CA LYS C 124 -15.70 18.75 -11.65
C LYS C 124 -15.59 17.30 -12.12
N SER C 125 -16.62 16.49 -11.84
CA SER C 125 -16.66 15.10 -12.28
C SER C 125 -16.45 14.95 -13.78
N TYR C 126 -16.98 15.90 -14.56
CA TYR C 126 -16.82 15.82 -16.01
C TYR C 126 -15.37 15.94 -16.41
N SER C 127 -14.62 16.78 -15.69
CA SER C 127 -13.18 16.92 -15.93
C SER C 127 -12.44 15.63 -15.57
N ASN C 128 -12.91 14.93 -14.53
CA ASN C 128 -12.32 13.63 -14.18
C ASN C 128 -12.51 12.65 -15.33
N ILE C 129 -13.72 12.64 -15.90
CA ILE C 129 -13.98 11.80 -17.06
C ILE C 129 -13.10 12.21 -18.25
N PHE C 130 -13.09 13.51 -18.59
CA PHE C 130 -12.26 14.01 -19.69
C PHE C 130 -10.78 13.66 -19.53
N MET C 131 -10.25 13.85 -18.32
CA MET C 131 -8.83 13.64 -18.06
C MET C 131 -8.40 12.18 -18.17
N THR C 132 -9.35 11.29 -17.93
CA THR C 132 -9.12 9.85 -18.08
C THR C 132 -9.12 9.43 -19.55
N LEU C 133 -10.18 9.81 -20.26
CA LEU C 133 -10.42 9.31 -21.61
C LEU C 133 -9.71 10.05 -22.75
N ALA C 134 -9.48 11.34 -22.58
CA ALA C 134 -9.05 12.19 -23.70
C ALA C 134 -7.69 12.85 -23.47
N PRO C 135 -6.94 13.05 -24.56
CA PRO C 135 -5.71 13.81 -24.49
C PRO C 135 -6.00 15.30 -24.32
N THR C 136 -5.06 16.04 -23.74
CA THR C 136 -5.24 17.46 -23.41
C THR C 136 -5.77 18.33 -24.56
N GLU C 137 -5.31 18.06 -25.78
CA GLU C 137 -5.69 18.86 -26.95
C GLU C 137 -7.17 18.72 -27.29
N THR C 138 -7.67 17.49 -27.13
CA THR C 138 -9.09 17.21 -27.36
C THR C 138 -9.93 17.86 -26.27
N ILE C 139 -9.42 17.85 -25.04
CA ILE C 139 -10.07 18.54 -23.93
C ILE C 139 -10.11 20.06 -24.18
N ASN C 140 -8.97 20.65 -24.54
CA ASN C 140 -8.90 22.08 -24.87
C ASN C 140 -9.88 22.47 -25.98
N GLU C 141 -9.91 21.65 -27.04
CA GLU C 141 -10.80 21.88 -28.19
C GLU C 141 -12.27 21.84 -27.81
N VAL C 142 -12.68 20.89 -26.97
CA VAL C 142 -14.11 20.81 -26.60
C VAL C 142 -14.56 22.00 -25.74
N PHE C 143 -13.67 22.51 -24.88
CA PHE C 143 -14.00 23.70 -24.09
C PHE C 143 -14.05 24.96 -24.97
N GLU C 144 -13.20 25.01 -25.99
CA GLU C 144 -13.29 26.07 -26.99
C GLU C 144 -14.60 25.96 -27.78
N TRP C 145 -15.00 24.72 -28.09
CA TRP C 145 -16.25 24.46 -28.78
C TRP C 145 -17.49 24.92 -27.99
N VAL C 146 -17.51 24.74 -26.67
CA VAL C 146 -18.66 25.28 -25.91
C VAL C 146 -18.80 26.80 -26.04
N LYS C 147 -17.68 27.52 -26.04
CA LYS C 147 -17.70 28.99 -26.13
C LYS C 147 -18.32 29.51 -27.43
N GLN C 148 -18.14 28.76 -28.53
CA GLN C 148 -18.57 29.21 -29.84
C GLN C 148 -19.85 28.54 -30.37
N ASN C 149 -20.36 27.54 -29.64
CA ASN C 149 -21.58 26.86 -30.04
C ASN C 149 -22.80 27.71 -29.77
N LYS C 150 -23.57 28.02 -30.81
CA LYS C 150 -24.65 29.01 -30.70
C LYS C 150 -25.86 28.58 -29.84
N TYR C 151 -26.16 27.27 -29.86
CA TYR C 151 -27.27 26.73 -29.07
C TYR C 151 -26.96 26.69 -27.58
N LEU C 152 -25.73 26.34 -27.25
CA LEU C 152 -25.27 26.30 -25.88
C LEU C 152 -25.17 27.73 -25.32
N GLN C 153 -24.62 28.66 -26.12
CA GLN C 153 -24.63 30.07 -25.71
C GLN C 153 -26.03 30.65 -25.53
N LYS C 154 -26.94 30.35 -26.47
CA LYS C 154 -28.32 30.81 -26.35
C LYS C 154 -28.98 30.29 -25.07
N LYS C 155 -28.81 29.00 -24.74
CA LYS C 155 -29.51 28.46 -23.57
C LYS C 155 -28.95 29.03 -22.28
N ALA C 156 -27.63 29.17 -22.21
CA ALA C 156 -26.98 29.88 -21.08
C ALA C 156 -27.42 31.33 -20.96
N GLN C 157 -27.49 32.05 -22.09
CA GLN C 157 -27.94 33.45 -22.09
C GLN C 157 -29.33 33.57 -21.48
N MET C 158 -30.22 32.68 -21.89
CA MET C 158 -31.62 32.71 -21.46
C MET C 158 -31.78 32.37 -19.99
N ILE C 159 -31.10 31.31 -19.56
CA ILE C 159 -31.26 30.85 -18.19
C ILE C 159 -30.60 31.83 -17.22
N VAL C 160 -29.35 32.21 -17.49
CA VAL C 160 -28.59 33.10 -16.61
C VAL C 160 -29.22 34.50 -16.61
N GLY C 161 -29.81 34.90 -17.73
CA GLY C 161 -30.47 36.19 -17.80
C GLY C 161 -31.59 36.27 -16.79
N LEU C 162 -32.39 35.22 -16.74
CA LEU C 162 -33.48 35.14 -15.77
C LEU C 162 -32.97 35.12 -14.30
N TYR C 163 -31.89 34.39 -14.03
CA TYR C 163 -31.27 34.43 -12.69
C TYR C 163 -30.86 35.83 -12.29
N LYS C 164 -30.27 36.56 -13.23
CA LYS C 164 -29.74 37.87 -12.90
C LYS C 164 -30.80 38.96 -12.92
N ALA C 165 -32.01 38.62 -13.38
CA ALA C 165 -33.12 39.55 -13.35
C ALA C 165 -33.89 39.52 -12.02
N ILE C 166 -33.57 38.59 -11.13
CA ILE C 166 -34.26 38.53 -9.83
C ILE C 166 -34.08 39.85 -9.08
N GLN C 167 -35.19 40.39 -8.58
CA GLN C 167 -35.16 41.62 -7.80
C GLN C 167 -35.50 41.28 -6.37
N LYS C 168 -34.77 41.87 -5.44
CA LYS C 168 -35.00 41.65 -4.01
C LYS C 168 -36.47 41.93 -3.69
N ASP C 169 -37.05 41.09 -2.84
CA ASP C 169 -38.45 41.21 -2.40
C ASP C 169 -39.48 41.20 -3.54
N ASP C 170 -39.07 40.75 -4.72
CA ASP C 170 -39.99 40.65 -5.84
C ASP C 170 -40.15 39.17 -6.18
N GLU C 171 -41.26 38.62 -5.71
CA GLU C 171 -41.51 37.19 -5.79
C GLU C 171 -41.74 36.71 -7.22
N ILE C 172 -42.25 37.59 -8.08
CA ILE C 172 -42.51 37.21 -9.48
C ILE C 172 -41.21 37.00 -10.24
N SER C 173 -40.23 37.88 -10.08
CA SER C 173 -38.95 37.68 -10.74
C SER C 173 -38.26 36.42 -10.22
N LEU C 174 -38.46 36.14 -8.92
CA LEU C 174 -37.91 34.92 -8.31
C LEU C 174 -38.56 33.67 -8.89
N PHE C 175 -39.89 33.67 -9.00
CA PHE C 175 -40.64 32.56 -9.64
C PHE C 175 -40.13 32.25 -11.03
N LYS C 176 -39.91 33.30 -11.82
CA LYS C 176 -39.43 33.15 -13.19
C LYS C 176 -38.06 32.47 -13.24
N ALA C 177 -37.15 32.89 -12.35
CA ALA C 177 -35.86 32.24 -12.23
C ALA C 177 -35.95 30.78 -11.74
N MET C 178 -36.89 30.49 -10.84
CA MET C 178 -37.09 29.11 -10.37
C MET C 178 -37.64 28.21 -11.45
N VAL C 179 -38.48 28.77 -12.33
CA VAL C 179 -38.98 28.01 -13.50
C VAL C 179 -37.79 27.68 -14.41
N ALA C 180 -36.95 28.68 -14.65
CA ALA C 180 -35.74 28.52 -15.45
C ALA C 180 -34.84 27.42 -14.85
N SER C 181 -34.64 27.47 -13.54
CA SER C 181 -33.86 26.46 -12.81
C SER C 181 -34.47 25.05 -12.93
N VAL C 182 -35.78 24.92 -12.70
CA VAL C 182 -36.42 23.62 -12.91
C VAL C 182 -36.21 23.13 -14.37
N TYR C 183 -36.36 24.03 -15.35
CA TYR C 183 -36.14 23.65 -16.75
C TYR C 183 -34.70 23.21 -17.02
N LEU C 184 -33.75 23.83 -16.34
CA LEU C 184 -32.34 23.40 -16.42
C LEU C 184 -32.16 22.02 -15.76
N GLU C 185 -32.72 21.84 -14.56
CA GLU C 185 -32.53 20.59 -13.80
C GLU C 185 -33.19 19.37 -14.44
N SER C 186 -34.42 19.56 -14.90
CA SER C 186 -35.33 18.47 -15.21
C SER C 186 -35.61 18.30 -16.70
N PHE C 187 -35.16 19.26 -17.50
CA PHE C 187 -35.37 19.23 -18.95
C PHE C 187 -34.05 19.35 -19.73
N LEU C 188 -33.34 20.47 -19.55
CA LEU C 188 -32.14 20.81 -20.36
C LEU C 188 -30.94 19.85 -20.24
N PHE C 189 -30.76 19.26 -19.06
CA PHE C 189 -29.66 18.31 -18.86
C PHE C 189 -29.85 17.05 -19.71
N TYR C 190 -31.09 16.78 -20.12
CA TYR C 190 -31.42 15.44 -20.61
C TYR C 190 -30.97 15.11 -22.05
N SER C 191 -30.77 16.15 -22.86
CA SER C 191 -30.19 15.96 -24.18
C SER C 191 -28.75 15.46 -24.03
N GLY C 192 -28.12 15.86 -22.92
CA GLY C 192 -26.79 15.42 -22.53
C GLY C 192 -26.77 14.05 -21.85
N PHE C 193 -27.62 13.86 -20.84
CA PHE C 193 -27.70 12.60 -20.11
C PHE C 193 -28.01 11.38 -20.98
N TYR C 194 -28.72 11.58 -22.09
CA TYR C 194 -29.15 10.48 -22.95
C TYR C 194 -27.99 9.55 -23.30
N TYR C 195 -26.87 10.13 -23.71
CA TYR C 195 -25.80 9.37 -24.33
C TYR C 195 -25.01 8.49 -23.33
N PRO C 196 -24.59 9.07 -22.17
CA PRO C 196 -24.00 8.20 -21.14
C PRO C 196 -24.94 7.08 -20.69
N LEU C 197 -26.24 7.37 -20.59
CA LEU C 197 -27.23 6.36 -20.21
C LEU C 197 -27.37 5.29 -21.30
N TYR C 198 -27.33 5.73 -22.56
CA TYR C 198 -27.45 4.86 -23.72
C TYR C 198 -26.29 3.84 -23.71
N PHE C 199 -25.09 4.31 -23.42
CA PHE C 199 -23.95 3.41 -23.30
C PHE C 199 -23.98 2.49 -22.06
N TYR C 200 -24.29 3.08 -20.90
CA TYR C 200 -24.42 2.33 -19.65
C TYR C 200 -25.36 1.14 -19.84
N GLY C 201 -26.48 1.39 -20.51
CA GLY C 201 -27.49 0.37 -20.77
C GLY C 201 -27.03 -0.76 -21.68
N GLN C 202 -25.94 -0.54 -22.42
CA GLN C 202 -25.35 -1.58 -23.29
C GLN C 202 -24.12 -2.20 -22.66
N GLY C 203 -23.82 -1.81 -21.43
CA GLY C 203 -22.65 -2.30 -20.71
C GLY C 203 -21.37 -1.65 -21.18
N LYS C 204 -21.47 -0.40 -21.64
CA LYS C 204 -20.31 0.34 -22.13
C LYS C 204 -20.12 1.62 -21.34
N LEU C 205 -18.86 1.98 -21.11
CA LEU C 205 -18.50 3.18 -20.33
C LEU C 205 -19.23 3.22 -18.99
N MET C 206 -19.14 2.13 -18.25
CA MET C 206 -19.97 1.97 -17.08
C MET C 206 -19.50 2.73 -15.85
N GLN C 207 -18.22 3.06 -15.79
CA GLN C 207 -17.69 3.85 -14.67
C GLN C 207 -18.09 5.33 -14.81
N SER C 208 -17.87 5.89 -16.01
CA SER C 208 -18.37 7.22 -16.36
C SER C 208 -19.88 7.26 -16.17
N GLY C 209 -20.56 6.18 -16.59
CA GLY C 209 -22.00 6.05 -16.46
C GLY C 209 -22.48 6.05 -15.03
N GLU C 210 -21.69 5.47 -14.13
CA GLU C 210 -21.99 5.48 -12.71
C GLU C 210 -21.95 6.91 -12.14
N ILE C 211 -20.95 7.68 -12.55
CA ILE C 211 -20.88 9.10 -12.19
C ILE C 211 -22.12 9.86 -12.66
N ILE C 212 -22.46 9.67 -13.93
CA ILE C 212 -23.62 10.34 -14.53
C ILE C 212 -24.92 10.00 -13.81
N ASN C 213 -25.10 8.73 -13.44
CA ASN C 213 -26.29 8.31 -12.67
C ASN C 213 -26.38 8.98 -11.31
N LEU C 214 -25.24 9.18 -10.68
CA LEU C 214 -25.20 9.91 -9.40
C LEU C 214 -25.58 11.38 -9.60
N ILE C 215 -25.02 12.01 -10.64
CA ILE C 215 -25.40 13.37 -11.02
C ILE C 215 -26.91 13.44 -11.29
N LEU C 216 -27.44 12.48 -12.06
CA LEU C 216 -28.86 12.49 -12.41
C LEU C 216 -29.76 12.32 -11.18
N ARG C 217 -29.36 11.42 -10.29
CA ARG C 217 -30.06 11.22 -9.02
C ARG C 217 -30.16 12.55 -8.23
N ASP C 218 -29.05 13.30 -8.17
CA ASP C 218 -29.04 14.64 -7.54
C ASP C 218 -29.99 15.63 -8.27
N GLU C 219 -29.89 15.72 -9.60
CA GLU C 219 -30.69 16.71 -10.33
C GLU C 219 -32.18 16.46 -10.17
N ALA C 220 -32.58 15.18 -10.12
CA ALA C 220 -33.98 14.83 -9.93
C ALA C 220 -34.55 15.44 -8.64
N ILE C 221 -33.81 15.32 -7.54
CA ILE C 221 -34.27 15.90 -6.26
C ILE C 221 -34.13 17.43 -6.24
N HIS C 222 -33.12 17.96 -6.92
CA HIS C 222 -32.97 19.43 -7.08
C HIS C 222 -34.15 20.04 -7.82
N GLY C 223 -34.57 19.40 -8.92
CA GLY C 223 -35.73 19.84 -9.71
C GLY C 223 -37.05 19.79 -8.93
N VAL C 224 -37.23 18.73 -8.14
CA VAL C 224 -38.42 18.63 -7.29
C VAL C 224 -38.45 19.74 -6.25
N TYR C 225 -37.33 19.92 -5.54
CA TYR C 225 -37.25 20.93 -4.48
C TYR C 225 -37.51 22.34 -4.99
N VAL C 226 -36.77 22.77 -6.02
CA VAL C 226 -36.99 24.09 -6.62
C VAL C 226 -38.42 24.22 -7.17
N GLY C 227 -38.93 23.15 -7.76
CA GLY C 227 -40.34 23.10 -8.18
C GLY C 227 -41.33 23.41 -7.06
N LEU C 228 -41.10 22.82 -5.89
CA LEU C 228 -41.97 23.09 -4.73
C LEU C 228 -41.91 24.56 -4.28
N LEU C 229 -40.72 25.15 -4.31
CA LEU C 229 -40.57 26.59 -3.99
C LEU C 229 -41.28 27.49 -5.00
N ALA C 230 -41.18 27.14 -6.28
CA ALA C 230 -41.88 27.86 -7.34
C ALA C 230 -43.40 27.80 -7.14
N GLN C 231 -43.91 26.61 -6.84
CA GLN C 231 -45.35 26.43 -6.57
C GLN C 231 -45.84 27.26 -5.39
N GLU C 232 -45.00 27.42 -4.38
CA GLU C 232 -45.33 28.28 -3.24
C GLU C 232 -45.65 29.70 -3.70
N ILE C 233 -44.81 30.23 -4.58
CA ILE C 233 -44.97 31.60 -5.07
C ILE C 233 -46.18 31.71 -6.00
N TYR C 234 -46.29 30.78 -6.94
CA TYR C 234 -47.45 30.68 -7.84
C TYR C 234 -48.78 30.64 -7.06
N ASN C 235 -48.83 29.86 -5.98
CA ASN C 235 -50.07 29.70 -5.23
C ASN C 235 -50.52 30.95 -4.48
N LYS C 236 -49.65 31.93 -4.33
CA LYS C 236 -49.98 33.21 -3.71
C LYS C 236 -50.70 34.18 -4.65
N GLN C 237 -50.72 33.87 -5.94
CA GLN C 237 -51.19 34.83 -6.93
C GLN C 237 -52.71 34.79 -7.16
N THR C 238 -53.25 35.87 -7.72
CA THR C 238 -54.63 35.88 -8.23
C THR C 238 -54.73 34.90 -9.41
N GLU C 239 -55.96 34.55 -9.78
CA GLU C 239 -56.18 33.67 -10.94
C GLU C 239 -55.64 34.28 -12.23
N GLU C 240 -55.81 35.61 -12.36
CA GLU C 240 -55.33 36.35 -13.51
C GLU C 240 -53.79 36.29 -13.61
N LYS C 241 -53.13 36.50 -12.47
CA LYS C 241 -51.68 36.43 -12.40
C LYS C 241 -51.14 35.04 -12.69
N LYS C 242 -51.81 34.02 -12.13
CA LYS C 242 -51.50 32.62 -12.40
C LYS C 242 -51.55 32.29 -13.87
N ALA C 243 -52.60 32.76 -14.55
CA ALA C 243 -52.74 32.58 -15.99
C ALA C 243 -51.55 33.16 -16.75
N GLU C 244 -51.07 34.32 -16.33
CA GLU C 244 -49.87 34.92 -16.94
C GLU C 244 -48.59 34.11 -16.65
N LEU C 245 -48.48 33.59 -15.43
CA LEU C 245 -47.32 32.79 -15.05
C LEU C 245 -47.24 31.46 -15.84
N ARG C 246 -48.39 30.84 -16.09
CA ARG C 246 -48.46 29.65 -16.93
C ARG C 246 -48.03 29.98 -18.35
N GLU C 247 -48.48 31.13 -18.86
CA GLU C 247 -48.06 31.61 -20.18
C GLU C 247 -46.53 31.78 -20.22
N PHE C 248 -45.98 32.43 -19.20
CA PHE C 248 -44.52 32.60 -19.10
C PHE C 248 -43.83 31.24 -19.16
N ALA C 249 -44.31 30.30 -18.35
CA ALA C 249 -43.66 28.99 -18.20
C ALA C 249 -43.70 28.20 -19.50
N ILE C 250 -44.86 28.22 -20.15
CA ILE C 250 -45.05 27.49 -21.41
C ILE C 250 -44.30 28.15 -22.58
N ASP C 251 -44.36 29.48 -22.67
CA ASP C 251 -43.56 30.21 -23.68
C ASP C 251 -42.07 29.95 -23.52
N LEU C 252 -41.60 29.96 -22.27
CA LEU C 252 -40.18 29.72 -22.00
C LEU C 252 -39.80 28.29 -22.37
N LEU C 253 -40.67 27.35 -22.00
CA LEU C 253 -40.41 25.95 -22.30
C LEU C 253 -40.29 25.73 -23.81
N ASN C 254 -41.27 26.24 -24.56
CA ASN C 254 -41.25 26.16 -26.03
C ASN C 254 -40.02 26.78 -26.66
N GLN C 255 -39.62 27.95 -26.17
CA GLN C 255 -38.42 28.62 -26.68
C GLN C 255 -37.16 27.78 -26.41
N LEU C 256 -37.03 27.26 -25.20
CA LEU C 256 -35.91 26.39 -24.84
C LEU C 256 -35.96 25.08 -25.65
N TYR C 257 -37.16 24.54 -25.80
CA TYR C 257 -37.38 23.31 -26.53
C TYR C 257 -36.91 23.42 -27.99
N GLU C 258 -37.33 24.49 -28.68
CA GLU C 258 -36.96 24.70 -30.08
C GLU C 258 -35.45 24.81 -30.26
N ASN C 259 -34.80 25.51 -29.33
CA ASN C 259 -33.34 25.59 -29.32
C ASN C 259 -32.69 24.21 -29.06
N GLU C 260 -33.28 23.46 -28.13
CA GLU C 260 -32.74 22.14 -27.77
C GLU C 260 -32.83 21.14 -28.94
N LEU C 261 -33.90 21.26 -29.73
CA LEU C 261 -34.04 20.44 -30.95
C LEU C 261 -32.86 20.64 -31.91
N GLU C 262 -32.52 21.89 -32.18
CA GLU C 262 -31.39 22.22 -33.04
C GLU C 262 -30.06 21.72 -32.46
N TYR C 263 -29.86 21.91 -31.15
CA TYR C 263 -28.70 21.40 -30.42
C TYR C 263 -28.61 19.89 -30.53
N THR C 264 -29.74 19.22 -30.34
CA THR C 264 -29.80 17.75 -30.39
C THR C 264 -29.41 17.24 -31.78
N GLU C 265 -29.98 17.85 -32.83
CA GLU C 265 -29.66 17.46 -34.19
C GLU C 265 -28.18 17.68 -34.49
N ASP C 266 -27.67 18.82 -34.07
CA ASP C 266 -26.27 19.15 -34.26
C ASP C 266 -25.33 18.10 -33.65
N LEU C 267 -25.66 17.60 -32.47
CA LEU C 267 -24.82 16.62 -31.79
C LEU C 267 -25.04 15.17 -32.22
N TYR C 268 -26.30 14.80 -32.39
CA TYR C 268 -26.65 13.39 -32.56
C TYR C 268 -26.83 12.87 -33.98
N ASP C 269 -26.99 13.76 -34.98
CA ASP C 269 -27.12 13.30 -36.37
C ASP C 269 -25.94 12.41 -36.79
N GLN C 270 -24.73 12.76 -36.35
CA GLN C 270 -23.53 11.98 -36.72
C GLN C 270 -23.45 10.59 -36.08
N VAL C 271 -24.30 10.33 -35.09
CA VAL C 271 -24.37 9.00 -34.44
C VAL C 271 -25.74 8.33 -34.66
N GLY C 272 -26.61 9.01 -35.39
CA GLY C 272 -27.89 8.45 -35.85
C GLY C 272 -29.00 8.40 -34.81
N LEU C 273 -28.90 9.25 -33.78
CA LEU C 273 -29.80 9.11 -32.62
C LEU C 273 -30.72 10.29 -32.34
N SER C 274 -30.75 11.28 -33.24
CA SER C 274 -31.43 12.55 -32.95
C SER C 274 -32.91 12.37 -32.61
N HIS C 275 -33.61 11.55 -33.38
CA HIS C 275 -35.05 11.33 -33.17
C HIS C 275 -35.33 10.68 -31.79
N ASP C 276 -34.49 9.72 -31.42
CA ASP C 276 -34.58 9.05 -30.14
C ASP C 276 -34.38 10.00 -28.96
N VAL C 277 -33.33 10.84 -29.06
CA VAL C 277 -33.04 11.85 -28.02
C VAL C 277 -34.20 12.84 -27.89
N LYS C 278 -34.75 13.27 -29.02
CA LYS C 278 -35.90 14.19 -29.03
C LYS C 278 -37.09 13.65 -28.24
N LYS C 279 -37.36 12.35 -28.38
CA LYS C 279 -38.42 11.72 -27.60
C LYS C 279 -38.10 11.79 -26.11
N PHE C 280 -36.82 11.59 -25.77
CA PHE C 280 -36.35 11.60 -24.38
C PHE C 280 -36.50 13.00 -23.74
N ILE C 281 -36.13 14.05 -24.48
CA ILE C 281 -36.24 15.41 -23.94
C ILE C 281 -37.69 15.85 -23.76
N ARG C 282 -38.58 15.38 -24.63
CA ARG C 282 -40.02 15.66 -24.48
C ARG C 282 -40.57 14.98 -23.23
N TYR C 283 -40.19 13.73 -23.02
CA TYR C 283 -40.51 12.97 -21.81
C TYR C 283 -40.10 13.76 -20.54
N ASN C 284 -38.87 14.25 -20.54
CA ASN C 284 -38.37 15.00 -19.39
C ASN C 284 -38.94 16.42 -19.26
N ALA C 285 -39.26 17.06 -20.37
CA ALA C 285 -40.03 18.32 -20.33
C ALA C 285 -41.33 18.18 -19.53
N ASN C 286 -42.05 17.08 -19.75
CA ASN C 286 -43.27 16.78 -18.99
C ASN C 286 -43.03 16.64 -17.49
N LYS C 287 -41.89 16.04 -17.13
CA LYS C 287 -41.47 15.89 -15.73
C LYS C 287 -41.15 17.25 -15.12
N ALA C 288 -40.49 18.11 -15.88
CA ALA C 288 -40.24 19.50 -15.44
C ALA C 288 -41.55 20.26 -15.18
N LEU C 289 -42.49 20.18 -16.11
CA LEU C 289 -43.80 20.79 -15.93
C LEU C 289 -44.48 20.25 -14.67
N MET C 290 -44.42 18.93 -14.48
CA MET C 290 -45.03 18.33 -13.30
C MET C 290 -44.37 18.81 -12.00
N ASN C 291 -43.05 18.98 -12.02
CA ASN C 291 -42.33 19.53 -10.87
C ASN C 291 -42.80 20.95 -10.50
N LEU C 292 -43.33 21.64 -11.50
CA LEU C 292 -43.91 22.99 -11.35
C LEU C 292 -45.42 22.99 -11.07
N GLY C 293 -46.02 21.80 -10.95
CA GLY C 293 -47.45 21.67 -10.70
C GLY C 293 -48.34 21.87 -11.91
N PHE C 294 -47.77 21.71 -13.11
CA PHE C 294 -48.50 21.88 -14.36
C PHE C 294 -48.74 20.54 -15.06
N ASP C 295 -49.77 20.50 -15.91
CA ASP C 295 -50.09 19.31 -16.70
C ASP C 295 -49.02 19.03 -17.77
N PRO C 296 -48.80 17.75 -18.12
CA PRO C 296 -47.88 17.42 -19.23
C PRO C 296 -48.27 18.10 -20.55
N TYR C 297 -47.27 18.49 -21.34
CA TYR C 297 -47.49 19.27 -22.57
C TYR C 297 -47.28 18.45 -23.85
N PHE C 298 -46.42 17.44 -23.77
CA PHE C 298 -46.13 16.60 -24.93
C PHE C 298 -46.79 15.24 -24.79
N GLU C 299 -47.18 14.63 -25.90
CA GLU C 299 -47.78 13.29 -25.86
C GLU C 299 -46.73 12.24 -25.53
N GLU C 300 -47.15 11.17 -24.86
CA GLU C 300 -46.26 10.06 -24.49
C GLU C 300 -45.74 9.30 -25.71
N GLU C 301 -44.47 8.90 -25.65
CA GLU C 301 -43.80 8.13 -26.71
C GLU C 301 -42.92 7.03 -26.10
N ASP C 302 -42.64 5.98 -26.87
CA ASP C 302 -41.77 4.90 -26.42
C ASP C 302 -40.30 5.35 -26.45
N ILE C 303 -39.67 5.36 -25.28
CA ILE C 303 -38.24 5.69 -25.15
C ILE C 303 -37.39 4.44 -25.41
N ASN C 304 -36.22 4.62 -25.99
CA ASN C 304 -35.29 3.50 -26.24
C ASN C 304 -35.09 2.68 -24.96
N PRO C 305 -35.42 1.37 -25.01
CA PRO C 305 -35.33 0.54 -23.79
C PRO C 305 -33.90 0.41 -23.26
N ILE C 306 -32.90 0.64 -24.11
CA ILE C 306 -31.51 0.68 -23.71
C ILE C 306 -31.28 1.79 -22.67
N VAL C 307 -31.82 2.97 -22.96
CA VAL C 307 -31.72 4.13 -22.06
C VAL C 307 -32.44 3.88 -20.72
N LEU C 308 -33.55 3.14 -20.78
CA LEU C 308 -34.33 2.74 -19.59
C LEU C 308 -33.56 1.74 -18.73
N ASN C 309 -32.80 0.85 -19.37
CA ASN C 309 -31.85 0.00 -18.67
C ASN C 309 -30.65 0.77 -18.14
N GLY C 310 -30.33 1.90 -18.76
CA GLY C 310 -29.30 2.82 -18.27
C GLY C 310 -29.65 3.46 -16.93
N LEU C 311 -30.94 3.48 -16.60
CA LEU C 311 -31.42 4.02 -15.33
C LEU C 311 -31.42 2.94 -14.24
N THR C 332 -23.31 3.24 16.11
CA THR C 332 -22.99 4.20 17.15
C THR C 332 -22.00 3.62 18.15
N VAL C 333 -21.43 4.49 18.99
CA VAL C 333 -20.44 4.09 19.98
C VAL C 333 -20.95 4.48 21.36
N GLU C 334 -21.07 3.50 22.25
CA GLU C 334 -21.38 3.75 23.64
C GLU C 334 -20.42 2.96 24.52
N PRO C 335 -20.10 3.49 25.71
CA PRO C 335 -19.11 2.83 26.56
C PRO C 335 -19.66 1.57 27.20
N LEU C 336 -18.74 0.71 27.65
CA LEU C 336 -19.07 -0.51 28.37
C LEU C 336 -19.16 -0.19 29.85
N LYS C 337 -20.30 -0.50 30.45
CA LYS C 337 -20.47 -0.34 31.89
C LYS C 337 -20.07 -1.62 32.62
N ASP C 338 -19.94 -1.51 33.94
CA ASP C 338 -19.48 -2.65 34.73
C ASP C 338 -20.41 -3.84 34.59
N ASP C 339 -21.73 -3.60 34.55
CA ASP C 339 -22.69 -4.68 34.43
C ASP C 339 -22.61 -5.39 33.10
N ASP C 340 -21.96 -4.81 32.09
CA ASP C 340 -21.82 -5.47 30.80
C ASP C 340 -20.88 -6.65 30.84
N PHE C 341 -20.13 -6.84 31.93
CA PHE C 341 -19.20 -7.94 32.07
C PHE C 341 -19.75 -9.08 32.91
N TYR C 342 -21.03 -9.03 33.27
CA TYR C 342 -21.66 -10.06 34.09
C TYR C 342 -22.97 -10.49 33.43
N PHE C 343 -23.28 -11.77 33.57
CA PHE C 343 -24.46 -12.33 32.93
C PHE C 343 -25.18 -13.30 33.87
N ASP D 37 -2.15 29.00 -8.22
CA ASP D 37 -1.16 28.08 -7.67
C ASP D 37 -1.67 27.22 -6.52
N PHE D 38 -2.90 27.48 -6.06
CA PHE D 38 -3.31 26.94 -4.76
C PHE D 38 -4.74 26.40 -4.64
N THR D 39 -5.63 26.78 -5.55
CA THR D 39 -7.06 26.45 -5.41
C THR D 39 -7.37 24.94 -5.46
N GLN D 40 -6.74 24.21 -6.35
CA GLN D 40 -6.98 22.76 -6.40
C GLN D 40 -6.49 22.05 -5.13
N MET D 41 -5.33 22.45 -4.61
CA MET D 41 -4.86 21.94 -3.34
C MET D 41 -5.84 22.20 -2.19
N PHE D 42 -6.40 23.42 -2.12
CA PHE D 42 -7.37 23.74 -1.07
C PHE D 42 -8.68 23.02 -1.28
N TYR D 43 -9.06 22.83 -2.54
CA TYR D 43 -10.22 22.03 -2.88
C TYR D 43 -10.10 20.65 -2.23
N ASN D 44 -8.96 20.00 -2.45
CA ASN D 44 -8.69 18.68 -1.92
C ASN D 44 -8.79 18.63 -0.41
N GLN D 45 -8.09 19.55 0.26
CA GLN D 45 -8.08 19.60 1.71
C GLN D 45 -9.47 19.87 2.30
N ASN D 46 -10.24 20.75 1.64
CA ASN D 46 -11.59 21.05 2.08
C ASN D 46 -12.53 19.86 2.00
N VAL D 47 -12.57 19.18 0.84
CA VAL D 47 -13.52 18.10 0.64
C VAL D 47 -13.15 16.86 1.46
N LYS D 48 -11.86 16.66 1.72
CA LYS D 48 -11.47 15.52 2.53
C LYS D 48 -11.73 15.74 4.04
N GLN D 49 -12.02 16.99 4.43
CA GLN D 49 -12.37 17.32 5.80
C GLN D 49 -13.88 17.31 6.02
N PHE D 50 -14.65 16.83 5.04
CA PHE D 50 -16.10 16.86 5.14
C PHE D 50 -16.57 16.00 6.31
N TRP D 51 -17.56 16.51 7.04
CA TRP D 51 -18.12 15.82 8.20
C TRP D 51 -19.56 16.27 8.42
N LEU D 52 -20.27 15.54 9.27
CA LEU D 52 -21.67 15.81 9.56
C LEU D 52 -21.89 15.79 11.08
N PRO D 53 -22.83 16.61 11.58
CA PRO D 53 -23.12 16.69 13.02
C PRO D 53 -23.47 15.34 13.65
N GLU D 54 -24.30 14.56 12.96
CA GLU D 54 -24.78 13.24 13.43
C GLU D 54 -23.67 12.25 13.84
N GLU D 55 -22.46 12.47 13.33
CA GLU D 55 -21.33 11.57 13.59
C GLU D 55 -20.88 11.56 15.06
N ILE D 56 -21.06 12.69 15.75
CA ILE D 56 -20.71 12.79 17.16
C ILE D 56 -21.98 12.72 18.01
N ALA D 57 -22.06 11.71 18.88
CA ALA D 57 -23.16 11.61 19.84
C ALA D 57 -22.94 12.61 20.97
N LEU D 58 -23.95 13.45 21.23
CA LEU D 58 -23.80 14.55 22.19
C LEU D 58 -24.27 14.29 23.62
N ASN D 59 -25.14 13.29 23.80
CA ASN D 59 -25.82 13.10 25.08
C ASN D 59 -24.92 12.88 26.30
N GLY D 60 -23.76 12.25 26.08
CA GLY D 60 -22.79 11.98 27.15
C GLY D 60 -22.13 13.21 27.77
N ASP D 61 -22.35 14.38 27.18
CA ASP D 61 -21.86 15.64 27.76
C ASP D 61 -22.60 16.05 29.02
N LEU D 62 -23.83 15.56 29.16
CA LEU D 62 -24.67 15.88 30.32
C LEU D 62 -24.06 15.36 31.61
N LEU D 63 -23.15 14.39 31.49
CA LEU D 63 -22.45 13.79 32.63
C LEU D 63 -21.32 14.67 33.19
N THR D 64 -20.91 15.68 32.43
CA THR D 64 -19.96 16.67 32.97
C THR D 64 -20.58 18.06 33.10
N TRP D 65 -21.56 18.34 32.24
CA TRP D 65 -22.30 19.60 32.25
C TRP D 65 -22.96 19.88 33.61
N LYS D 66 -23.59 18.84 34.16
CA LYS D 66 -24.26 18.90 35.45
C LYS D 66 -23.33 19.27 36.61
N TYR D 67 -22.03 19.07 36.42
CA TYR D 67 -21.06 19.36 37.48
C TYR D 67 -20.40 20.75 37.40
N LEU D 68 -20.73 21.52 36.37
CA LEU D 68 -20.19 22.88 36.26
C LEU D 68 -21.02 23.85 37.11
N GLY D 69 -20.35 24.88 37.64
CA GLY D 69 -21.01 25.97 38.34
C GLY D 69 -21.88 26.82 37.42
N LYS D 70 -22.71 27.66 38.00
CA LYS D 70 -23.59 28.55 37.25
C LYS D 70 -22.82 29.51 36.34
N ASN D 71 -21.72 30.08 36.85
CA ASN D 71 -20.89 31.00 36.05
C ASN D 71 -20.26 30.29 34.86
N GLU D 72 -19.81 29.06 35.05
CA GLU D 72 -19.23 28.25 33.97
C GLU D 72 -20.26 27.94 32.89
N GLN D 73 -21.47 27.57 33.32
CA GLN D 73 -22.55 27.25 32.41
C GLN D 73 -23.00 28.51 31.65
N ASP D 74 -23.07 29.61 32.36
CA ASP D 74 -23.44 30.92 31.80
C ASP D 74 -22.42 31.38 30.75
N THR D 75 -21.15 31.30 31.09
CA THR D 75 -20.09 31.70 30.14
C THR D 75 -20.14 30.83 28.88
N TYR D 76 -20.18 29.52 29.08
CA TYR D 76 -20.28 28.58 27.97
C TYR D 76 -21.46 28.89 27.03
N MET D 77 -22.65 29.08 27.59
CA MET D 77 -23.84 29.42 26.82
C MET D 77 -23.63 30.69 25.99
N LYS D 78 -23.10 31.73 26.65
CA LYS D 78 -22.88 33.03 26.01
C LYS D 78 -21.84 32.97 24.90
N VAL D 79 -20.78 32.22 25.14
CA VAL D 79 -19.70 32.03 24.15
C VAL D 79 -20.27 31.29 22.94
N LEU D 80 -21.02 30.23 23.23
CA LEU D 80 -21.60 29.40 22.19
C LEU D 80 -22.53 30.22 21.29
N ALA D 81 -23.37 31.05 21.92
CA ALA D 81 -24.30 31.90 21.17
C ALA D 81 -23.55 32.94 20.34
N GLY D 82 -22.46 33.47 20.89
CA GLY D 82 -21.58 34.38 20.16
C GLY D 82 -21.06 33.75 18.89
N LEU D 83 -20.50 32.55 19.02
CA LEU D 83 -19.98 31.82 17.86
C LEU D 83 -21.08 31.53 16.84
N THR D 84 -22.23 31.12 17.34
CA THR D 84 -23.36 30.78 16.47
C THR D 84 -23.79 31.98 15.62
N LEU D 85 -23.98 33.11 16.30
CA LEU D 85 -24.41 34.34 15.64
C LEU D 85 -23.40 34.83 14.61
N LEU D 86 -22.11 34.84 14.94
CA LEU D 86 -21.09 35.23 13.97
C LEU D 86 -20.99 34.28 12.78
N ASP D 87 -21.14 32.98 13.03
CA ASP D 87 -21.00 32.01 11.96
C ASP D 87 -22.17 32.06 10.97
N THR D 88 -23.34 32.44 11.46
CA THR D 88 -24.51 32.64 10.61
C THR D 88 -24.30 33.77 9.63
N GLU D 89 -23.69 34.87 10.09
CA GLU D 89 -23.36 35.96 9.19
C GLU D 89 -22.41 35.47 8.10
N GLN D 90 -21.44 34.64 8.47
CA GLN D 90 -20.47 34.12 7.51
C GLN D 90 -21.12 33.21 6.47
N GLY D 91 -22.09 32.39 6.90
CA GLY D 91 -22.83 31.51 6.00
C GLY D 91 -23.83 32.22 5.08
N ASN D 92 -24.53 33.19 5.62
CA ASN D 92 -25.53 33.91 4.82
C ASN D 92 -24.99 35.01 3.94
N THR D 93 -23.88 35.63 4.36
CA THR D 93 -23.34 36.79 3.67
C THR D 93 -21.86 36.66 3.31
N GLY D 94 -21.01 36.47 4.31
CA GLY D 94 -19.56 36.47 4.13
C GLY D 94 -19.02 35.59 3.02
N MET D 95 -19.33 34.30 3.09
CA MET D 95 -18.82 33.41 2.05
C MET D 95 -19.55 33.60 0.72
N PRO D 96 -20.89 33.70 0.75
CA PRO D 96 -21.54 33.85 -0.56
C PRO D 96 -21.20 35.16 -1.29
N ILE D 97 -20.97 36.25 -0.55
CA ILE D 97 -20.67 37.52 -1.19
C ILE D 97 -19.28 37.49 -1.83
N VAL D 98 -18.34 36.83 -1.16
CA VAL D 98 -16.98 36.70 -1.71
C VAL D 98 -16.99 35.78 -2.94
N ALA D 99 -17.74 34.68 -2.87
CA ALA D 99 -17.90 33.78 -4.01
C ALA D 99 -18.47 34.52 -5.22
N GLU D 100 -19.41 35.42 -4.96
CA GLU D 100 -20.02 36.21 -6.02
C GLU D 100 -19.04 37.13 -6.78
N HIS D 101 -18.16 37.80 -6.03
CA HIS D 101 -17.24 38.78 -6.64
C HIS D 101 -15.89 38.25 -7.12
N VAL D 102 -15.48 37.08 -6.64
CA VAL D 102 -14.23 36.47 -7.08
C VAL D 102 -14.39 35.85 -8.47
N ASP D 103 -13.45 36.11 -9.37
CA ASP D 103 -13.45 35.49 -10.70
C ASP D 103 -12.67 34.18 -10.68
N GLY D 104 -13.18 33.20 -11.42
CA GLY D 104 -12.53 31.90 -11.53
C GLY D 104 -13.50 30.80 -11.12
N HIS D 105 -13.74 29.85 -12.01
CA HIS D 105 -14.66 28.76 -11.73
C HIS D 105 -14.24 27.90 -10.54
N GLN D 106 -12.95 27.62 -10.43
CA GLN D 106 -12.47 26.70 -9.41
C GLN D 106 -12.53 27.37 -8.04
N ARG D 107 -12.22 28.68 -8.00
CA ARG D 107 -12.33 29.45 -6.76
C ARG D 107 -13.77 29.54 -6.30
N LYS D 108 -14.68 29.80 -7.24
CA LYS D 108 -16.11 29.84 -6.89
C LYS D 108 -16.59 28.51 -6.31
N ALA D 109 -16.05 27.40 -6.81
CA ALA D 109 -16.44 26.08 -6.31
C ALA D 109 -15.96 25.86 -4.88
N VAL D 110 -14.69 26.21 -4.61
CA VAL D 110 -14.14 26.08 -3.26
C VAL D 110 -14.94 26.97 -2.30
N LEU D 111 -15.12 28.24 -2.68
CA LEU D 111 -15.91 29.16 -1.87
C LEU D 111 -17.35 28.67 -1.61
N ASN D 112 -17.99 28.10 -2.63
CA ASN D 112 -19.31 27.45 -2.44
C ASN D 112 -19.27 26.32 -1.44
N PHE D 113 -18.21 25.52 -1.49
CA PHE D 113 -18.06 24.43 -0.55
C PHE D 113 -17.93 24.97 0.89
N MET D 114 -17.13 26.00 1.07
CA MET D 114 -17.00 26.64 2.37
C MET D 114 -18.32 27.23 2.87
N ALA D 115 -19.07 27.90 1.99
CA ALA D 115 -20.40 28.42 2.36
C ALA D 115 -21.34 27.31 2.79
N MET D 116 -21.31 26.19 2.05
CA MET D 116 -22.09 25.00 2.41
C MET D 116 -21.76 24.52 3.84
N MET D 117 -20.47 24.43 4.17
CA MET D 117 -20.04 23.99 5.51
C MET D 117 -20.59 24.90 6.62
N GLU D 118 -20.59 26.21 6.37
CA GLU D 118 -21.16 27.17 7.34
C GLU D 118 -22.63 26.91 7.59
N ASN D 119 -23.40 26.79 6.52
CA ASN D 119 -24.88 26.73 6.58
C ASN D 119 -25.47 25.34 6.87
N ALA D 120 -24.84 24.32 6.29
CA ALA D 120 -25.36 22.96 6.36
C ALA D 120 -24.74 22.14 7.49
N VAL D 121 -23.51 22.47 7.88
CA VAL D 121 -22.79 21.64 8.84
C VAL D 121 -22.57 22.37 10.16
N HIS D 122 -21.87 23.50 10.11
CA HIS D 122 -21.57 24.28 11.32
C HIS D 122 -22.83 24.76 12.03
N ALA D 123 -23.78 25.33 11.29
CA ALA D 123 -24.99 25.88 11.92
C ALA D 123 -25.84 24.82 12.62
N LYS D 124 -25.94 23.64 11.98
CA LYS D 124 -26.66 22.53 12.57
C LYS D 124 -25.93 21.99 13.81
N SER D 125 -24.60 22.01 13.76
CA SER D 125 -23.76 21.53 14.87
C SER D 125 -23.90 22.39 16.11
N TYR D 126 -23.91 23.71 15.94
CA TYR D 126 -24.12 24.64 17.05
C TYR D 126 -25.51 24.46 17.67
N SER D 127 -26.51 24.33 16.80
CA SER D 127 -27.90 24.10 17.25
C SER D 127 -28.01 22.81 18.07
N ASN D 128 -27.42 21.73 17.56
CA ASN D 128 -27.35 20.44 18.27
C ASN D 128 -26.72 20.52 19.65
N ILE D 129 -25.59 21.22 19.76
CA ILE D 129 -24.95 21.43 21.07
C ILE D 129 -25.91 22.15 22.05
N PHE D 130 -26.51 23.24 21.58
CA PHE D 130 -27.46 23.98 22.40
C PHE D 130 -28.64 23.13 22.89
N MET D 131 -29.30 22.44 21.96
CA MET D 131 -30.47 21.62 22.27
C MET D 131 -30.15 20.50 23.25
N THR D 132 -28.90 20.04 23.25
CA THR D 132 -28.46 18.99 24.17
C THR D 132 -28.29 19.53 25.61
N LEU D 133 -27.71 20.72 25.74
CA LEU D 133 -27.32 21.27 27.04
C LEU D 133 -28.37 22.14 27.73
N ALA D 134 -29.20 22.83 26.96
CA ALA D 134 -30.19 23.72 27.58
C ALA D 134 -31.61 23.42 27.12
N PRO D 135 -32.61 23.68 27.99
CA PRO D 135 -34.01 23.59 27.52
C PRO D 135 -34.35 24.76 26.59
N THR D 136 -35.41 24.60 25.79
CA THR D 136 -35.79 25.58 24.76
C THR D 136 -35.86 27.02 25.28
N GLU D 137 -36.49 27.22 26.44
CA GLU D 137 -36.66 28.54 27.02
C GLU D 137 -35.32 29.21 27.36
N THR D 138 -34.37 28.43 27.87
CA THR D 138 -33.02 28.92 28.18
C THR D 138 -32.25 29.34 26.93
N ILE D 139 -32.39 28.55 25.85
CA ILE D 139 -31.74 28.88 24.57
C ILE D 139 -32.26 30.22 24.03
N ASN D 140 -33.57 30.39 24.01
CA ASN D 140 -34.21 31.64 23.56
C ASN D 140 -33.74 32.88 24.35
N GLU D 141 -33.58 32.73 25.67
CA GLU D 141 -33.13 33.82 26.53
C GLU D 141 -31.65 34.20 26.32
N VAL D 142 -30.79 33.19 26.20
CA VAL D 142 -29.37 33.42 25.93
C VAL D 142 -29.18 34.16 24.60
N PHE D 143 -29.92 33.74 23.58
CA PHE D 143 -29.85 34.40 22.28
C PHE D 143 -30.40 35.82 22.29
N GLU D 144 -31.46 36.04 23.08
CA GLU D 144 -31.96 37.40 23.32
C GLU D 144 -30.89 38.28 23.96
N TRP D 145 -30.20 37.75 24.98
CA TRP D 145 -29.13 38.48 25.69
C TRP D 145 -27.95 38.79 24.77
N VAL D 146 -27.44 37.76 24.10
CA VAL D 146 -26.27 37.92 23.24
C VAL D 146 -26.60 38.81 22.03
N LYS D 147 -27.84 38.74 21.57
CA LYS D 147 -28.32 39.61 20.48
C LYS D 147 -28.31 41.10 20.86
N GLN D 148 -28.50 41.39 22.14
CA GLN D 148 -28.50 42.76 22.64
C GLN D 148 -27.12 43.21 23.15
N ASN D 149 -26.22 42.24 23.37
CA ASN D 149 -24.89 42.52 23.90
C ASN D 149 -24.05 43.48 23.06
N LYS D 150 -23.55 44.54 23.70
CA LYS D 150 -22.83 45.61 23.02
C LYS D 150 -21.55 45.16 22.28
N TYR D 151 -20.76 44.29 22.91
CA TYR D 151 -19.45 43.88 22.35
C TYR D 151 -19.60 42.87 21.22
N LEU D 152 -20.56 41.94 21.36
CA LEU D 152 -20.87 41.01 20.28
C LEU D 152 -21.43 41.78 19.08
N GLN D 153 -22.41 42.65 19.31
CA GLN D 153 -22.96 43.48 18.21
C GLN D 153 -21.91 44.35 17.52
N LYS D 154 -21.06 45.01 18.30
CA LYS D 154 -20.05 45.87 17.69
C LYS D 154 -19.23 45.11 16.63
N LYS D 155 -18.65 43.98 17.01
CA LYS D 155 -17.86 43.21 16.05
C LYS D 155 -18.71 42.61 14.93
N ALA D 156 -19.89 42.07 15.25
CA ALA D 156 -20.74 41.48 14.20
C ALA D 156 -21.08 42.52 13.12
N GLN D 157 -21.49 43.72 13.54
CA GLN D 157 -21.87 44.76 12.59
C GLN D 157 -20.69 45.39 11.84
N MET D 158 -19.53 45.46 12.47
CA MET D 158 -18.32 45.93 11.78
C MET D 158 -17.96 45.04 10.58
N ILE D 159 -18.02 43.73 10.80
CA ILE D 159 -17.70 42.76 9.76
C ILE D 159 -18.75 42.81 8.63
N VAL D 160 -20.02 42.78 9.01
CA VAL D 160 -21.16 42.81 8.07
C VAL D 160 -21.15 44.10 7.24
N GLY D 161 -20.78 45.21 7.89
CA GLY D 161 -20.66 46.50 7.20
C GLY D 161 -19.69 46.44 6.02
N LEU D 162 -18.54 45.78 6.23
CA LEU D 162 -17.55 45.63 5.15
C LEU D 162 -18.03 44.70 4.03
N TYR D 163 -18.76 43.65 4.36
CA TYR D 163 -19.37 42.79 3.33
C TYR D 163 -20.41 43.54 2.50
N LYS D 164 -21.21 44.38 3.15
CA LYS D 164 -22.23 45.17 2.45
C LYS D 164 -21.64 46.28 1.56
N ALA D 165 -20.38 46.64 1.80
CA ALA D 165 -19.73 47.73 1.06
C ALA D 165 -18.98 47.29 -0.20
N ILE D 166 -18.94 45.99 -0.47
CA ILE D 166 -18.31 45.49 -1.70
C ILE D 166 -19.07 46.02 -2.92
N GLN D 167 -18.32 46.56 -3.88
CA GLN D 167 -18.91 47.05 -5.12
C GLN D 167 -18.48 46.19 -6.30
N LYS D 168 -19.41 45.96 -7.21
CA LYS D 168 -19.11 45.20 -8.43
C LYS D 168 -17.88 45.75 -9.14
N ASP D 169 -16.99 44.86 -9.58
CA ASP D 169 -15.75 45.21 -10.28
C ASP D 169 -14.81 46.17 -9.54
N ASP D 170 -14.92 46.22 -8.22
CA ASP D 170 -13.97 47.02 -7.44
C ASP D 170 -13.20 46.10 -6.50
N GLU D 171 -11.96 45.82 -6.87
CA GLU D 171 -11.13 44.87 -6.15
C GLU D 171 -10.64 45.40 -4.78
N ILE D 172 -10.63 46.73 -4.62
CA ILE D 172 -10.25 47.33 -3.34
C ILE D 172 -11.29 47.02 -2.27
N SER D 173 -12.56 47.22 -2.60
CA SER D 173 -13.66 46.93 -1.68
C SER D 173 -13.76 45.42 -1.41
N LEU D 174 -13.44 44.61 -2.42
CA LEU D 174 -13.42 43.16 -2.23
C LEU D 174 -12.31 42.77 -1.24
N PHE D 175 -11.13 43.37 -1.41
CA PHE D 175 -10.01 43.10 -0.52
C PHE D 175 -10.35 43.43 0.93
N LYS D 176 -10.96 44.58 1.14
CA LYS D 176 -11.36 45.01 2.49
C LYS D 176 -12.31 44.02 3.15
N ALA D 177 -13.26 43.52 2.37
CA ALA D 177 -14.18 42.48 2.84
C ALA D 177 -13.44 41.16 3.14
N MET D 178 -12.42 40.84 2.34
CA MET D 178 -11.65 39.60 2.55
C MET D 178 -10.85 39.69 3.84
N VAL D 179 -10.32 40.88 4.11
CA VAL D 179 -9.62 41.16 5.37
C VAL D 179 -10.56 40.94 6.55
N ALA D 180 -11.77 41.51 6.45
CA ALA D 180 -12.82 41.30 7.45
C ALA D 180 -13.11 39.82 7.64
N SER D 181 -13.24 39.09 6.52
CA SER D 181 -13.51 37.66 6.57
C SER D 181 -12.39 36.87 7.25
N VAL D 182 -11.15 37.15 6.87
CA VAL D 182 -10.00 36.51 7.52
C VAL D 182 -9.96 36.83 9.02
N TYR D 183 -10.26 38.08 9.38
CA TYR D 183 -10.30 38.45 10.80
C TYR D 183 -11.37 37.67 11.55
N LEU D 184 -12.50 37.39 10.91
CA LEU D 184 -13.53 36.60 11.56
C LEU D 184 -13.07 35.15 11.71
N GLU D 185 -12.67 34.53 10.59
CA GLU D 185 -12.26 33.12 10.56
C GLU D 185 -11.06 32.79 11.45
N SER D 186 -10.07 33.68 11.46
CA SER D 186 -8.77 33.38 12.06
C SER D 186 -8.49 34.13 13.36
N PHE D 187 -9.44 34.95 13.82
CA PHE D 187 -9.15 35.82 14.96
C PHE D 187 -10.37 35.99 15.87
N LEU D 188 -11.46 36.54 15.35
CA LEU D 188 -12.63 36.87 16.18
C LEU D 188 -13.32 35.65 16.83
N PHE D 189 -13.33 34.51 16.15
CA PHE D 189 -13.89 33.28 16.71
C PHE D 189 -13.14 32.79 17.96
N TYR D 190 -11.86 33.17 18.09
CA TYR D 190 -11.00 32.50 19.07
C TYR D 190 -11.20 32.92 20.54
N SER D 191 -11.72 34.13 20.78
CA SER D 191 -12.14 34.49 22.14
C SER D 191 -13.26 33.55 22.58
N GLY D 192 -14.02 33.04 21.62
CA GLY D 192 -15.08 32.07 21.87
C GLY D 192 -14.60 30.64 21.96
N PHE D 193 -13.82 30.20 20.96
CA PHE D 193 -13.28 28.84 20.93
C PHE D 193 -12.49 28.49 22.20
N TYR D 194 -11.91 29.50 22.85
CA TYR D 194 -11.09 29.30 24.03
C TYR D 194 -11.78 28.37 25.05
N TYR D 195 -13.04 28.68 25.35
CA TYR D 195 -13.70 28.01 26.46
C TYR D 195 -13.97 26.52 26.20
N PRO D 196 -14.61 26.17 25.04
CA PRO D 196 -14.78 24.75 24.71
C PRO D 196 -13.45 24.00 24.65
N LEU D 197 -12.39 24.63 24.13
CA LEU D 197 -11.07 24.02 24.11
C LEU D 197 -10.48 23.82 25.52
N TYR D 198 -10.74 24.80 26.39
CA TYR D 198 -10.36 24.73 27.80
C TYR D 198 -11.02 23.55 28.51
N PHE D 199 -12.32 23.37 28.31
CA PHE D 199 -12.99 22.18 28.84
C PHE D 199 -12.50 20.88 28.22
N TYR D 200 -12.39 20.89 26.89
CA TYR D 200 -11.94 19.74 26.09
C TYR D 200 -10.56 19.25 26.56
N GLY D 201 -9.68 20.20 26.86
CA GLY D 201 -8.34 19.87 27.37
C GLY D 201 -8.32 19.33 28.79
N GLN D 202 -9.43 19.48 29.52
CA GLN D 202 -9.59 18.99 30.91
C GLN D 202 -10.40 17.70 31.01
N GLY D 203 -10.93 17.22 29.89
CA GLY D 203 -11.79 16.03 29.92
C GLY D 203 -13.26 16.32 30.15
N LYS D 204 -13.65 17.60 30.08
CA LYS D 204 -15.04 18.01 30.25
C LYS D 204 -15.70 18.37 28.91
N LEU D 205 -17.00 18.09 28.80
CA LEU D 205 -17.77 18.36 27.58
C LEU D 205 -17.00 17.95 26.31
N MET D 206 -16.59 16.68 26.29
CA MET D 206 -15.76 16.11 25.24
C MET D 206 -16.44 15.95 23.89
N GLN D 207 -17.74 15.67 23.89
CA GLN D 207 -18.48 15.46 22.63
C GLN D 207 -18.67 16.80 21.90
N SER D 208 -19.12 17.83 22.63
CA SER D 208 -19.28 19.15 22.04
C SER D 208 -17.93 19.77 21.73
N GLY D 209 -16.91 19.45 22.54
CA GLY D 209 -15.54 19.91 22.29
C GLY D 209 -14.94 19.30 21.03
N GLU D 210 -15.28 18.05 20.74
CA GLU D 210 -14.86 17.41 19.50
C GLU D 210 -15.51 18.12 18.30
N ILE D 211 -16.81 18.39 18.40
CA ILE D 211 -17.51 19.16 17.38
C ILE D 211 -16.86 20.51 17.17
N ILE D 212 -16.56 21.23 18.25
CA ILE D 212 -15.98 22.56 18.14
C ILE D 212 -14.61 22.51 17.47
N ASN D 213 -13.83 21.48 17.80
CA ASN D 213 -12.52 21.28 17.20
C ASN D 213 -12.60 21.06 15.67
N LEU D 214 -13.66 20.38 15.22
CA LEU D 214 -13.86 20.14 13.79
C LEU D 214 -14.25 21.45 13.10
N ILE D 215 -15.13 22.21 13.74
CA ILE D 215 -15.54 23.51 13.25
C ILE D 215 -14.32 24.42 13.13
N LEU D 216 -13.55 24.49 14.21
CA LEU D 216 -12.37 25.36 14.26
C LEU D 216 -11.39 24.98 13.15
N ARG D 217 -11.18 23.68 12.92
CA ARG D 217 -10.31 23.19 11.85
C ARG D 217 -10.79 23.67 10.46
N ASP D 218 -12.11 23.67 10.23
CA ASP D 218 -12.67 24.27 9.00
C ASP D 218 -12.41 25.79 8.93
N GLU D 219 -12.66 26.52 10.02
CA GLU D 219 -12.46 27.99 9.98
C GLU D 219 -11.00 28.36 9.72
N ALA D 220 -10.08 27.56 10.25
CA ALA D 220 -8.64 27.76 10.01
C ALA D 220 -8.30 27.72 8.52
N ILE D 221 -8.70 26.66 7.82
CA ILE D 221 -8.50 26.59 6.38
C ILE D 221 -9.29 27.66 5.59
N HIS D 222 -10.49 28.01 6.04
CA HIS D 222 -11.24 29.10 5.41
C HIS D 222 -10.43 30.39 5.47
N GLY D 223 -9.92 30.72 6.66
CA GLY D 223 -9.09 31.91 6.86
C GLY D 223 -7.84 31.93 6.00
N VAL D 224 -7.14 30.80 5.91
CA VAL D 224 -5.94 30.70 5.06
C VAL D 224 -6.26 30.92 3.58
N TYR D 225 -7.34 30.29 3.11
CA TYR D 225 -7.74 30.38 1.71
C TYR D 225 -8.16 31.80 1.32
N VAL D 226 -9.07 32.39 2.09
CA VAL D 226 -9.50 33.76 1.82
C VAL D 226 -8.31 34.71 1.91
N GLY D 227 -7.39 34.43 2.84
CA GLY D 227 -6.13 35.19 2.95
C GLY D 227 -5.30 35.20 1.69
N LEU D 228 -5.21 34.04 1.02
CA LEU D 228 -4.46 33.96 -0.23
C LEU D 228 -5.15 34.76 -1.34
N LEU D 229 -6.48 34.72 -1.39
CA LEU D 229 -7.24 35.54 -2.34
C LEU D 229 -7.06 37.04 -2.11
N ALA D 230 -6.96 37.45 -0.84
CA ALA D 230 -6.69 38.86 -0.49
C ALA D 230 -5.27 39.28 -0.91
N GLN D 231 -4.28 38.43 -0.66
CA GLN D 231 -2.89 38.70 -1.07
C GLN D 231 -2.76 38.85 -2.59
N GLU D 232 -3.50 38.04 -3.34
CA GLU D 232 -3.55 38.18 -4.79
C GLU D 232 -3.97 39.59 -5.22
N ILE D 233 -5.02 40.13 -4.59
CA ILE D 233 -5.46 41.51 -4.87
C ILE D 233 -4.40 42.52 -4.43
N TYR D 234 -3.92 42.36 -3.19
CA TYR D 234 -2.91 43.24 -2.62
C TYR D 234 -1.68 43.36 -3.54
N ASN D 235 -1.24 42.23 -4.09
CA ASN D 235 -0.04 42.18 -4.93
C ASN D 235 -0.22 42.82 -6.31
N LYS D 236 -1.45 43.09 -6.67
CA LYS D 236 -1.74 43.76 -7.94
C LYS D 236 -1.71 45.29 -7.79
N GLN D 237 -1.49 45.77 -6.58
CA GLN D 237 -1.58 47.20 -6.28
C GLN D 237 -0.22 47.90 -6.34
N THR D 238 -0.26 49.22 -6.52
CA THR D 238 0.94 50.06 -6.42
C THR D 238 1.51 50.06 -5.00
N GLU D 239 2.70 50.62 -4.83
CA GLU D 239 3.32 50.69 -3.52
C GLU D 239 2.56 51.62 -2.56
N GLU D 240 2.07 52.74 -3.08
CA GLU D 240 1.28 53.66 -2.28
C GLU D 240 -0.06 53.05 -1.86
N LYS D 241 -0.70 52.36 -2.80
CA LYS D 241 -1.96 51.68 -2.54
C LYS D 241 -1.78 50.53 -1.54
N LYS D 242 -0.66 49.80 -1.65
CA LYS D 242 -0.32 48.75 -0.70
C LYS D 242 -0.20 49.31 0.72
N ALA D 243 0.58 50.37 0.89
CA ALA D 243 0.74 51.04 2.19
C ALA D 243 -0.60 51.46 2.79
N GLU D 244 -1.51 51.89 1.92
CA GLU D 244 -2.85 52.33 2.28
C GLU D 244 -3.73 51.13 2.74
N LEU D 245 -3.59 50.01 2.04
CA LEU D 245 -4.28 48.78 2.41
C LEU D 245 -3.74 48.17 3.70
N ARG D 246 -2.42 48.30 3.93
CA ARG D 246 -1.81 47.87 5.19
C ARG D 246 -2.36 48.69 6.35
N GLU D 247 -2.43 50.00 6.17
CA GLU D 247 -2.98 50.89 7.20
C GLU D 247 -4.42 50.52 7.50
N PHE D 248 -5.21 50.26 6.46
CA PHE D 248 -6.59 49.79 6.62
C PHE D 248 -6.67 48.53 7.50
N ALA D 249 -5.84 47.53 7.17
CA ALA D 249 -5.85 46.24 7.86
C ALA D 249 -5.46 46.38 9.34
N ILE D 250 -4.42 47.17 9.61
CA ILE D 250 -3.95 47.38 10.97
C ILE D 250 -4.97 48.18 11.79
N ASP D 251 -5.53 49.23 11.17
CA ASP D 251 -6.56 50.03 11.82
C ASP D 251 -7.79 49.18 12.18
N LEU D 252 -8.26 48.39 11.23
CA LEU D 252 -9.36 47.46 11.48
C LEU D 252 -9.02 46.48 12.60
N LEU D 253 -7.83 45.91 12.54
CA LEU D 253 -7.39 44.95 13.58
C LEU D 253 -7.43 45.60 14.96
N ASN D 254 -6.88 46.81 15.07
CA ASN D 254 -6.91 47.58 16.31
C ASN D 254 -8.32 47.81 16.87
N GLN D 255 -9.26 48.19 16.02
CA GLN D 255 -10.64 48.42 16.45
C GLN D 255 -11.24 47.14 17.00
N LEU D 256 -11.07 46.04 16.24
CA LEU D 256 -11.61 44.74 16.63
C LEU D 256 -10.93 44.23 17.91
N TYR D 257 -9.61 44.42 17.99
CA TYR D 257 -8.86 43.96 19.16
C TYR D 257 -9.29 44.66 20.44
N GLU D 258 -9.49 45.97 20.39
CA GLU D 258 -9.89 46.71 21.58
C GLU D 258 -11.27 46.30 22.06
N ASN D 259 -12.18 46.04 21.13
CA ASN D 259 -13.49 45.48 21.44
C ASN D 259 -13.43 44.02 21.98
N GLU D 260 -12.52 43.22 21.44
CA GLU D 260 -12.29 41.84 21.94
C GLU D 260 -11.85 41.82 23.40
N LEU D 261 -11.03 42.79 23.79
CA LEU D 261 -10.57 42.87 25.17
C LEU D 261 -11.76 43.12 26.08
N GLU D 262 -12.65 44.02 25.68
CA GLU D 262 -13.87 44.30 26.45
C GLU D 262 -14.82 43.11 26.46
N TYR D 263 -15.01 42.50 25.29
CA TYR D 263 -15.82 41.28 25.14
C TYR D 263 -15.31 40.19 26.08
N THR D 264 -13.99 40.05 26.13
CA THR D 264 -13.32 39.02 26.92
C THR D 264 -13.56 39.22 28.42
N GLU D 265 -13.32 40.44 28.91
CA GLU D 265 -13.55 40.72 30.33
C GLU D 265 -15.01 40.50 30.70
N ASP D 266 -15.92 40.93 29.82
CA ASP D 266 -17.36 40.80 30.03
C ASP D 266 -17.81 39.33 30.25
N LEU D 267 -17.17 38.40 29.56
CA LEU D 267 -17.54 36.98 29.63
C LEU D 267 -16.70 36.14 30.60
N TYR D 268 -15.40 36.43 30.67
CA TYR D 268 -14.45 35.55 31.34
C TYR D 268 -13.98 35.99 32.74
N ASP D 269 -14.17 37.25 33.12
CA ASP D 269 -13.85 37.65 34.50
C ASP D 269 -14.57 36.80 35.55
N GLN D 270 -15.83 36.45 35.29
CA GLN D 270 -16.63 35.67 36.26
C GLN D 270 -16.11 34.24 36.46
N VAL D 271 -15.28 33.75 35.55
CA VAL D 271 -14.64 32.44 35.70
C VAL D 271 -13.11 32.54 35.79
N GLY D 272 -12.60 33.77 35.94
CA GLY D 272 -11.17 34.04 36.23
C GLY D 272 -10.15 33.73 35.13
N LEU D 273 -10.58 33.79 33.87
CA LEU D 273 -9.73 33.33 32.78
C LEU D 273 -9.22 34.41 31.82
N SER D 274 -9.66 35.64 32.02
CA SER D 274 -9.45 36.71 31.02
C SER D 274 -8.01 36.94 30.59
N HIS D 275 -7.08 36.94 31.55
CA HIS D 275 -5.64 37.11 31.25
C HIS D 275 -5.16 36.11 30.18
N ASP D 276 -5.47 34.83 30.37
CA ASP D 276 -5.06 33.79 29.44
C ASP D 276 -5.80 33.87 28.12
N VAL D 277 -7.08 34.23 28.15
CA VAL D 277 -7.84 34.41 26.91
C VAL D 277 -7.25 35.52 26.04
N LYS D 278 -6.84 36.61 26.68
CA LYS D 278 -6.20 37.72 25.98
C LYS D 278 -4.92 37.30 25.24
N LYS D 279 -4.10 36.45 25.86
CA LYS D 279 -2.91 35.90 25.19
C LYS D 279 -3.31 35.12 23.94
N PHE D 280 -4.40 34.35 24.04
CA PHE D 280 -4.92 33.52 22.94
C PHE D 280 -5.47 34.35 21.77
N ILE D 281 -6.17 35.44 22.09
CA ILE D 281 -6.60 36.41 21.08
C ILE D 281 -5.41 36.99 20.28
N ARG D 282 -4.36 37.43 20.96
CA ARG D 282 -3.20 38.05 20.29
C ARG D 282 -2.46 37.06 19.40
N TYR D 283 -2.30 35.84 19.92
CA TYR D 283 -1.67 34.75 19.18
C TYR D 283 -2.46 34.47 17.88
N ASN D 284 -3.78 34.48 17.96
CA ASN D 284 -4.61 34.23 16.77
C ASN D 284 -4.71 35.44 15.84
N ALA D 285 -4.65 36.65 16.40
CA ALA D 285 -4.51 37.88 15.59
C ALA D 285 -3.27 37.83 14.69
N ASN D 286 -2.14 37.37 15.27
CA ASN D 286 -0.90 37.18 14.52
C ASN D 286 -1.05 36.16 13.38
N LYS D 287 -1.78 35.07 13.63
CA LYS D 287 -2.04 34.08 12.57
C LYS D 287 -2.87 34.69 11.44
N ALA D 288 -3.88 35.48 11.79
CA ALA D 288 -4.73 36.17 10.81
C ALA D 288 -3.92 37.14 9.94
N LEU D 289 -3.02 37.90 10.57
CA LEU D 289 -2.13 38.77 9.83
C LEU D 289 -1.22 37.97 8.89
N MET D 290 -0.65 36.88 9.39
CA MET D 290 0.18 36.05 8.53
C MET D 290 -0.60 35.47 7.34
N ASN D 291 -1.87 35.09 7.56
CA ASN D 291 -2.77 34.68 6.44
C ASN D 291 -2.92 35.73 5.35
N LEU D 292 -2.82 37.01 5.74
CA LEU D 292 -2.93 38.14 4.82
C LEU D 292 -1.56 38.60 4.30
N GLY D 293 -0.53 37.79 4.59
CA GLY D 293 0.84 38.09 4.17
C GLY D 293 1.48 39.24 4.90
N PHE D 294 0.94 39.60 6.07
CA PHE D 294 1.49 40.69 6.89
C PHE D 294 2.32 40.17 8.07
N ASP D 295 3.17 41.04 8.61
CA ASP D 295 3.99 40.71 9.78
C ASP D 295 3.12 40.60 11.05
N PRO D 296 3.57 39.79 12.03
CA PRO D 296 2.82 39.74 13.29
C PRO D 296 2.82 41.10 13.99
N TYR D 297 1.72 41.43 14.64
CA TYR D 297 1.58 42.72 15.31
C TYR D 297 2.01 42.65 16.77
N PHE D 298 1.74 41.50 17.39
CA PHE D 298 1.94 41.30 18.82
C PHE D 298 3.18 40.43 19.08
N GLU D 299 3.84 40.68 20.20
CA GLU D 299 4.97 39.84 20.64
C GLU D 299 4.48 38.41 20.90
N GLU D 300 5.37 37.45 20.70
CA GLU D 300 5.08 36.04 20.92
C GLU D 300 4.85 35.76 22.40
N GLU D 301 3.78 35.01 22.69
CA GLU D 301 3.44 34.62 24.05
C GLU D 301 3.14 33.14 24.09
N ASP D 302 3.36 32.52 25.23
CA ASP D 302 3.00 31.12 25.41
C ASP D 302 1.50 31.03 25.67
N ILE D 303 0.88 29.93 25.30
CA ILE D 303 -0.56 29.76 25.50
C ILE D 303 -0.88 28.79 26.65
N ASN D 304 -2.01 29.01 27.31
CA ASN D 304 -2.49 28.10 28.35
C ASN D 304 -2.37 26.62 27.92
N PRO D 305 -1.66 25.80 28.72
CA PRO D 305 -1.40 24.40 28.32
C PRO D 305 -2.64 23.52 28.26
N ILE D 306 -3.69 23.87 28.99
CA ILE D 306 -4.93 23.12 28.95
C ILE D 306 -5.63 23.34 27.59
N VAL D 307 -5.71 24.60 27.18
CA VAL D 307 -6.20 24.95 25.85
C VAL D 307 -5.32 24.33 24.76
N LEU D 308 -3.99 24.34 24.94
CA LEU D 308 -3.11 23.65 23.98
C LEU D 308 -3.42 22.16 23.87
N ASN D 309 -3.69 21.52 24.99
CA ASN D 309 -4.05 20.09 24.99
C ASN D 309 -5.37 19.85 24.26
N GLY D 310 -6.29 20.82 24.37
CA GLY D 310 -7.53 20.79 23.61
C GLY D 310 -7.27 20.94 22.11
N LEU D 311 -6.45 21.91 21.76
CA LEU D 311 -6.12 22.19 20.35
C LEU D 311 -5.42 21.04 19.65
N THR D 332 9.61 19.51 -21.81
CA THR D 332 9.37 19.91 -23.20
C THR D 332 9.62 18.75 -24.15
N VAL D 333 8.55 18.04 -24.51
CA VAL D 333 8.66 16.88 -25.38
C VAL D 333 8.84 17.35 -26.81
N GLU D 334 9.91 16.89 -27.46
CA GLU D 334 10.14 17.16 -28.87
C GLU D 334 10.63 15.88 -29.54
N PRO D 335 10.25 15.64 -30.79
CA PRO D 335 10.55 14.35 -31.42
C PRO D 335 11.93 14.31 -32.05
N LEU D 336 12.50 13.11 -32.08
CA LEU D 336 13.76 12.88 -32.77
C LEU D 336 13.55 13.02 -34.28
N LYS D 337 14.55 13.59 -34.96
CA LYS D 337 14.39 14.05 -36.33
C LYS D 337 15.33 13.30 -37.29
N ASP D 338 15.68 12.06 -36.92
CA ASP D 338 16.41 11.18 -37.82
C ASP D 338 17.85 11.63 -38.07
N ASP D 339 18.21 12.80 -37.53
CA ASP D 339 19.59 13.25 -37.58
C ASP D 339 20.27 13.20 -36.21
N ASP D 340 19.48 13.07 -35.15
CA ASP D 340 20.03 12.92 -33.81
C ASP D 340 20.78 11.61 -33.64
N PHE D 341 20.61 10.69 -34.58
CA PHE D 341 21.25 9.38 -34.54
C PHE D 341 22.57 9.35 -35.29
N TYR D 342 23.03 10.49 -35.80
CA TYR D 342 24.25 10.55 -36.58
C TYR D 342 25.13 11.67 -36.07
N PHE D 343 26.43 11.42 -35.99
CA PHE D 343 27.36 12.38 -35.41
C PHE D 343 28.64 12.47 -36.25
PA TTP E . 17.00 -10.00 13.53
O1A TTP E . 17.06 -10.48 12.11
O2A TTP E . 16.78 -11.15 14.48
O3A TTP E . 18.32 -9.15 13.90
PB TTP E . 19.45 -9.76 14.87
O1B TTP E . 19.09 -11.14 15.39
O2B TTP E . 20.78 -9.79 14.16
O3B TTP E . 19.47 -8.69 16.06
PG TTP E . 18.85 -9.05 17.50
O1G TTP E . 19.51 -10.30 18.04
O2G TTP E . 19.07 -7.91 18.46
O3G TTP E . 17.38 -9.30 17.35
O5' TTP E . 15.85 -8.89 13.70
C5' TTP E . 14.98 -8.93 14.82
C4' TTP E . 13.70 -8.19 14.50
O4' TTP E . 14.01 -6.92 13.94
C3' TTP E . 12.86 -8.94 13.49
O3' TTP E . 11.67 -9.45 14.09
C2' TTP E . 12.52 -7.94 12.41
C1' TTP E . 13.13 -6.61 12.86
N1 TTP E . 13.89 -5.95 11.79
C2 TTP E . 13.40 -4.76 11.22
O2 TTP E . 12.33 -4.26 11.63
N3 TTP E . 14.07 -4.12 10.25
C4 TTP E . 15.23 -4.62 9.80
O4 TTP E . 15.85 -4.02 8.88
C5 TTP E . 15.76 -5.87 10.37
C5M TTP E . 17.05 -6.47 9.88
C6 TTP E . 15.03 -6.49 11.37
MG MG F . 17.79 -12.28 16.21
PG ATP G . -34.91 -40.10 -15.64
O1G ATP G . -34.86 -41.50 -15.15
O2G ATP G . -35.40 -39.09 -14.61
O3G ATP G . -33.57 -39.62 -16.22
PB ATP G . -36.43 -38.88 -17.92
O1B ATP G . -36.34 -39.40 -19.31
O2B ATP G . -37.81 -38.40 -17.48
O3B ATP G . -35.94 -39.96 -16.86
PA ATP G . -35.48 -36.10 -17.61
O1A ATP G . -36.22 -35.62 -16.43
O2A ATP G . -36.02 -35.63 -18.97
O3A ATP G . -35.41 -37.69 -17.66
O5' ATP G . -33.95 -35.69 -17.54
C5' ATP G . -33.00 -36.17 -18.51
C4' ATP G . -31.69 -36.46 -17.82
O4' ATP G . -31.18 -35.20 -17.34
C3' ATP G . -31.90 -37.23 -16.54
O3' ATP G . -31.74 -38.60 -16.88
C2' ATP G . -30.65 -36.85 -15.75
O2' ATP G . -29.55 -37.45 -16.43
C1' ATP G . -30.55 -35.36 -16.09
N9 ATP G . -31.30 -34.55 -15.13
C8 ATP G . -32.55 -34.02 -15.30
N7 ATP G . -32.97 -33.32 -14.27
C5 ATP G . -31.93 -33.40 -13.36
C6 ATP G . -31.75 -32.89 -12.06
N6 ATP G . -32.66 -32.14 -11.43
N1 ATP G . -30.59 -33.15 -11.44
C2 ATP G . -29.67 -33.90 -12.06
N3 ATP G . -29.73 -34.44 -13.28
C4 ATP G . -30.89 -34.16 -13.88
PA TTP H . 7.37 -20.62 -11.02
O1A TTP H . 7.71 -20.50 -9.56
O2A TTP H . 8.59 -21.02 -11.82
O3A TTP H . 6.15 -21.64 -11.24
PB TTP H . 6.40 -23.08 -11.90
O1B TTP H . 7.87 -23.40 -12.04
O2B TTP H . 5.72 -24.16 -11.07
O3B TTP H . 5.69 -22.91 -13.32
PG TTP H . 6.51 -23.06 -14.69
O1G TTP H . 6.73 -24.52 -15.01
O2G TTP H . 5.73 -22.42 -15.81
O3G TTP H . 7.85 -22.37 -14.55
O5' TTP H . 6.76 -19.24 -11.57
C5' TTP H . 7.19 -18.72 -12.82
C4' TTP H . 6.90 -17.22 -12.89
O4' TTP H . 5.53 -16.97 -12.59
C3' TTP H . 7.74 -16.45 -11.89
O3' TTP H . 8.78 -15.72 -12.55
C2' TTP H . 6.77 -15.51 -11.20
C1' TTP H . 5.41 -15.79 -11.81
N1 TTP H . 4.40 -15.99 -10.77
C2 TTP H . 3.43 -14.99 -10.51
O2 TTP H . 3.45 -13.93 -11.17
N3 TTP H . 2.50 -15.15 -9.57
C4 TTP H . 2.44 -16.27 -8.85
O4 TTP H . 1.57 -16.42 -7.98
C5 TTP H . 3.44 -17.35 -9.10
C5M TTP H . 3.42 -18.63 -8.32
C6 TTP H . 4.39 -17.14 -10.08
MG MG I . 9.62 -22.10 -13.04
PG ATP J . 49.78 22.82 16.48
O1G ATP J . 51.09 22.49 15.85
O2G ATP J . 48.70 23.20 15.47
O3G ATP J . 49.24 21.72 17.40
PB ATP J . 49.07 25.37 17.89
O1B ATP J . 49.23 25.64 19.33
O2B ATP J . 49.44 26.52 16.95
O3B ATP J . 49.92 24.10 17.43
PA ATP J . 46.20 25.63 17.23
O1A ATP J . 46.23 26.38 15.97
O2A ATP J . 45.86 26.47 18.47
O3A ATP J . 47.59 24.92 17.53
O5' ATP J . 45.19 24.42 17.18
C5' ATP J . 44.99 23.56 18.31
C4' ATP J . 44.66 22.16 17.84
O4' ATP J . 43.42 22.25 17.11
C3' ATP J . 45.63 21.71 16.75
O3' ATP J . 46.66 21.01 17.42
C2' ATP J . 44.79 20.66 16.03
O2' ATP J . 44.70 19.55 16.93
C1' ATP J . 43.40 21.29 16.07
N9 ATP J . 43.12 22.03 14.84
C8 ATP J . 43.11 23.39 14.67
N7 ATP J . 42.83 23.78 13.45
C5 ATP J . 42.63 22.59 12.76
C6 ATP J . 42.30 22.29 11.43
N6 ATP J . 42.09 23.24 10.49
N1 ATP J . 42.16 21.00 11.08
C2 ATP J . 42.37 20.05 12.00
N3 ATP J . 42.69 20.21 13.29
C4 ATP J . 42.80 21.50 13.61
MN MN K . -28.97 20.58 -9.97
MN MN L . -25.72 19.39 -11.37
MN MN M . -15.76 29.66 8.04
MN MN N . -18.47 28.12 10.39
#